data_2DH9
#
_entry.id   2DH9
#
_entity_poly.entity_id   1
_entity_poly.type   'polypeptide(L)'
_entity_poly.pdbx_seq_one_letter_code
;GSSGSSGIFVRNLPFDFTWKMLKDKFNECGHVLYADIKMENGKSKGCGVVKFESPEVAERACRMMNGMKLSGREIDVRID
RNASGPSSG
;
_entity_poly.pdbx_strand_id   A
#
# COMPACT_ATOMS: atom_id res chain seq x y z
N GLY A 1 6.23 -9.55 16.53
CA GLY A 1 4.98 -9.18 15.89
C GLY A 1 3.83 -9.08 16.88
N SER A 2 2.65 -8.72 16.37
CA SER A 2 1.48 -8.58 17.21
C SER A 2 1.63 -7.40 18.17
N SER A 3 2.18 -6.29 17.66
CA SER A 3 2.38 -5.10 18.46
C SER A 3 1.43 -3.99 18.03
N GLY A 4 1.52 -3.59 16.77
CA GLY A 4 0.66 -2.54 16.25
C GLY A 4 1.04 -2.11 14.85
N SER A 5 1.28 -3.10 13.99
CA SER A 5 1.66 -2.82 12.60
C SER A 5 0.63 -1.92 11.93
N SER A 6 1.03 -1.28 10.83
CA SER A 6 0.15 -0.39 10.10
C SER A 6 0.25 -0.63 8.59
N GLY A 7 -0.89 -0.65 7.92
CA GLY A 7 -0.91 -0.88 6.48
C GLY A 7 -1.30 0.37 5.71
N ILE A 8 -0.63 0.60 4.58
CA ILE A 8 -0.92 1.77 3.75
C ILE A 8 -1.94 1.42 2.67
N PHE A 9 -2.21 2.38 1.79
CA PHE A 9 -3.17 2.19 0.71
C PHE A 9 -2.71 2.92 -0.56
N VAL A 10 -3.04 2.34 -1.70
CA VAL A 10 -2.67 2.92 -2.99
C VAL A 10 -3.87 2.98 -3.94
N ARG A 11 -3.84 3.94 -4.86
CA ARG A 11 -4.92 4.11 -5.81
C ARG A 11 -4.38 4.57 -7.17
N ASN A 12 -5.14 4.31 -8.23
CA ASN A 12 -4.74 4.70 -9.57
C ASN A 12 -3.63 3.80 -10.09
N LEU A 13 -3.74 2.51 -9.79
CA LEU A 13 -2.75 1.53 -10.22
C LEU A 13 -3.15 0.92 -11.57
N PRO A 14 -2.13 0.64 -12.41
CA PRO A 14 -2.34 0.04 -13.73
C PRO A 14 -2.81 -1.40 -13.65
N PHE A 15 -3.83 -1.75 -14.44
CA PHE A 15 -4.36 -3.10 -14.46
C PHE A 15 -3.25 -4.13 -14.32
N ASP A 16 -2.35 -4.16 -15.30
CA ASP A 16 -1.23 -5.09 -15.29
C ASP A 16 -0.74 -5.33 -13.86
N PHE A 17 -0.57 -4.25 -13.11
CA PHE A 17 -0.11 -4.35 -11.73
C PHE A 17 -0.73 -5.55 -11.02
N THR A 18 0.08 -6.58 -10.79
CA THR A 18 -0.40 -7.78 -10.13
C THR A 18 0.05 -7.82 -8.68
N TRP A 19 -0.72 -8.50 -7.84
CA TRP A 19 -0.41 -8.61 -6.42
C TRP A 19 1.09 -8.77 -6.21
N LYS A 20 1.70 -9.65 -6.98
CA LYS A 20 3.14 -9.89 -6.88
C LYS A 20 3.92 -8.58 -6.90
N MET A 21 3.63 -7.75 -7.90
CA MET A 21 4.29 -6.46 -8.03
C MET A 21 4.14 -5.63 -6.76
N LEU A 22 2.89 -5.37 -6.38
CA LEU A 22 2.61 -4.58 -5.18
C LEU A 22 3.56 -4.94 -4.06
N LYS A 23 3.82 -6.23 -3.90
CA LYS A 23 4.72 -6.71 -2.86
C LYS A 23 6.18 -6.41 -3.22
N ASP A 24 6.68 -7.10 -4.24
CA ASP A 24 8.05 -6.91 -4.68
C ASP A 24 8.38 -5.43 -4.85
N LYS A 25 7.66 -4.77 -5.77
CA LYS A 25 7.87 -3.35 -6.02
C LYS A 25 8.09 -2.60 -4.71
N PHE A 26 7.23 -2.86 -3.73
CA PHE A 26 7.32 -2.19 -2.44
C PHE A 26 8.45 -2.80 -1.61
N ASN A 27 8.77 -4.05 -1.88
CA ASN A 27 9.82 -4.75 -1.15
C ASN A 27 11.10 -3.92 -1.10
N GLU A 28 11.24 -2.99 -2.06
CA GLU A 28 12.40 -2.13 -2.13
C GLU A 28 12.55 -1.32 -0.84
N CYS A 29 11.48 -0.68 -0.41
CA CYS A 29 11.49 0.14 0.80
C CYS A 29 11.79 -0.73 2.02
N GLY A 30 11.02 -1.81 2.18
CA GLY A 30 11.22 -2.70 3.31
C GLY A 30 10.66 -4.08 3.07
N HIS A 31 10.38 -4.80 4.14
CA HIS A 31 9.83 -6.15 4.05
C HIS A 31 8.30 -6.12 4.00
N VAL A 32 7.74 -6.57 2.88
CA VAL A 32 6.29 -6.59 2.72
C VAL A 32 5.68 -7.86 3.31
N LEU A 33 4.70 -7.68 4.19
CA LEU A 33 4.03 -8.81 4.83
C LEU A 33 2.75 -9.18 4.09
N TYR A 34 2.01 -8.17 3.67
CA TYR A 34 0.75 -8.38 2.95
C TYR A 34 0.70 -7.54 1.68
N ALA A 35 -0.03 -8.02 0.68
CA ALA A 35 -0.17 -7.32 -0.58
C ALA A 35 -1.30 -7.90 -1.43
N ASP A 36 -2.39 -7.16 -1.56
CA ASP A 36 -3.52 -7.61 -2.35
C ASP A 36 -4.12 -6.45 -3.16
N ILE A 37 -4.80 -6.79 -4.25
CA ILE A 37 -5.42 -5.79 -5.10
C ILE A 37 -6.93 -5.82 -4.97
N LYS A 38 -7.47 -4.93 -4.14
CA LYS A 38 -8.91 -4.85 -3.94
C LYS A 38 -9.66 -4.86 -5.27
N MET A 39 -10.61 -5.78 -5.39
CA MET A 39 -11.40 -5.89 -6.62
C MET A 39 -12.84 -5.43 -6.38
N GLU A 40 -13.49 -4.96 -7.45
CA GLU A 40 -14.86 -4.49 -7.35
C GLU A 40 -15.69 -4.97 -8.55
N ASN A 41 -16.85 -5.55 -8.27
CA ASN A 41 -17.73 -6.05 -9.32
C ASN A 41 -16.99 -7.06 -10.21
N GLY A 42 -15.97 -7.70 -9.64
CA GLY A 42 -15.20 -8.67 -10.41
C GLY A 42 -14.07 -8.04 -11.19
N LYS A 43 -14.10 -6.71 -11.29
CA LYS A 43 -13.07 -5.99 -12.01
C LYS A 43 -12.19 -5.18 -11.06
N SER A 44 -10.88 -5.21 -11.29
CA SER A 44 -9.94 -4.49 -10.45
C SER A 44 -10.14 -2.98 -10.57
N LYS A 45 -9.76 -2.26 -9.53
CA LYS A 45 -9.90 -0.81 -9.52
C LYS A 45 -8.58 -0.13 -9.13
N GLY A 46 -7.48 -0.64 -9.69
CA GLY A 46 -6.17 -0.07 -9.40
C GLY A 46 -6.06 0.38 -7.95
N CYS A 47 -6.39 -0.49 -7.02
CA CYS A 47 -6.31 -0.16 -5.60
C CYS A 47 -5.87 -1.38 -4.78
N GLY A 48 -5.15 -1.12 -3.70
CA GLY A 48 -4.68 -2.20 -2.85
C GLY A 48 -4.05 -1.70 -1.57
N VAL A 49 -3.56 -2.62 -0.75
CA VAL A 49 -2.93 -2.26 0.52
C VAL A 49 -1.61 -3.00 0.70
N VAL A 50 -0.77 -2.49 1.61
CA VAL A 50 0.52 -3.11 1.89
C VAL A 50 0.91 -2.92 3.35
N LYS A 51 1.29 -4.02 4.01
CA LYS A 51 1.69 -3.96 5.40
C LYS A 51 3.18 -4.24 5.55
N PHE A 52 3.80 -3.61 6.54
CA PHE A 52 5.23 -3.78 6.79
C PHE A 52 5.49 -4.29 8.20
N GLU A 53 6.74 -4.58 8.50
CA GLU A 53 7.12 -5.08 9.82
C GLU A 53 7.15 -3.95 10.84
N SER A 54 7.72 -2.82 10.45
CA SER A 54 7.81 -1.66 11.34
C SER A 54 6.88 -0.55 10.87
N PRO A 55 6.48 0.31 11.82
CA PRO A 55 5.58 1.43 11.54
C PRO A 55 6.25 2.52 10.70
N GLU A 56 7.55 2.71 10.91
CA GLU A 56 8.31 3.70 10.17
C GLU A 56 8.36 3.37 8.68
N VAL A 57 8.50 2.08 8.39
CA VAL A 57 8.57 1.61 7.01
C VAL A 57 7.24 1.82 6.29
N ALA A 58 6.15 1.65 7.02
CA ALA A 58 4.81 1.83 6.45
C ALA A 58 4.64 3.23 5.88
N GLU A 59 4.93 4.25 6.70
CA GLU A 59 4.80 5.62 6.27
C GLU A 59 5.94 6.02 5.32
N ARG A 60 7.08 5.34 5.48
CA ARG A 60 8.24 5.62 4.64
C ARG A 60 7.93 5.34 3.17
N ALA A 61 7.29 4.21 2.91
CA ALA A 61 6.92 3.83 1.55
C ALA A 61 5.97 4.86 0.93
N CYS A 62 5.16 5.48 1.77
CA CYS A 62 4.20 6.48 1.32
C CYS A 62 4.91 7.72 0.79
N ARG A 63 6.17 7.90 1.20
CA ARG A 63 6.95 9.04 0.78
C ARG A 63 7.77 8.71 -0.47
N MET A 64 8.27 7.48 -0.54
CA MET A 64 9.06 7.05 -1.68
C MET A 64 8.16 6.58 -2.82
N MET A 65 7.26 5.65 -2.52
CA MET A 65 6.34 5.12 -3.51
C MET A 65 5.45 6.23 -4.08
N ASN A 66 4.67 6.87 -3.21
CA ASN A 66 3.79 7.95 -3.63
C ASN A 66 4.50 8.91 -4.56
N GLY A 67 4.01 9.00 -5.80
CA GLY A 67 4.62 9.90 -6.77
C GLY A 67 5.32 9.14 -7.88
N MET A 68 5.18 7.82 -7.89
CA MET A 68 5.81 6.98 -8.91
C MET A 68 4.81 6.63 -10.01
N LYS A 69 5.12 7.06 -11.23
CA LYS A 69 4.27 6.78 -12.37
C LYS A 69 4.54 5.39 -12.95
N LEU A 70 3.63 4.46 -12.67
CA LEU A 70 3.79 3.09 -13.17
C LEU A 70 3.32 2.98 -14.60
N SER A 71 4.27 3.03 -15.53
CA SER A 71 3.96 2.93 -16.96
C SER A 71 3.18 4.17 -17.43
N GLY A 72 3.39 5.28 -16.74
CA GLY A 72 2.71 6.51 -17.10
C GLY A 72 1.45 6.73 -16.29
N ARG A 73 1.37 6.08 -15.13
CA ARG A 73 0.20 6.21 -14.26
C ARG A 73 0.62 6.59 -12.86
N GLU A 74 0.22 7.80 -12.44
CA GLU A 74 0.56 8.30 -11.10
C GLU A 74 -0.33 7.64 -10.04
N ILE A 75 0.25 7.40 -8.87
CA ILE A 75 -0.48 6.78 -7.78
C ILE A 75 -0.34 7.59 -6.49
N ASP A 76 -1.32 7.47 -5.60
CA ASP A 76 -1.30 8.18 -4.33
C ASP A 76 -1.18 7.21 -3.17
N VAL A 77 0.04 7.02 -2.66
CA VAL A 77 0.28 6.12 -1.55
C VAL A 77 0.31 6.88 -0.23
N ARG A 78 -0.66 6.59 0.63
CA ARG A 78 -0.74 7.25 1.93
C ARG A 78 -0.96 6.23 3.05
N ILE A 79 -0.89 6.69 4.29
CA ILE A 79 -1.07 5.81 5.45
C ILE A 79 -2.55 5.49 5.66
N ASP A 80 -2.86 4.21 5.80
CA ASP A 80 -4.23 3.78 6.02
C ASP A 80 -4.45 3.34 7.46
N ARG A 81 -5.00 4.22 8.28
CA ARG A 81 -5.25 3.93 9.68
C ARG A 81 -6.49 3.04 9.83
N ASN A 82 -6.61 2.40 10.99
CA ASN A 82 -7.74 1.52 11.26
C ASN A 82 -8.15 0.76 10.01
N ALA A 83 -7.16 0.15 9.35
CA ALA A 83 -7.42 -0.62 8.13
C ALA A 83 -8.21 -1.89 8.44
N SER A 84 -7.73 -2.65 9.42
CA SER A 84 -8.39 -3.89 9.81
C SER A 84 -8.87 -3.82 11.26
N GLY A 85 -9.66 -4.80 11.66
CA GLY A 85 -10.17 -4.84 13.02
C GLY A 85 -11.69 -4.83 13.08
N PRO A 86 -12.30 -6.03 12.95
CA PRO A 86 -13.75 -6.18 12.97
C PRO A 86 -14.33 -5.92 14.36
N SER A 87 -13.56 -6.25 15.40
CA SER A 87 -14.00 -6.06 16.77
C SER A 87 -13.05 -5.12 17.52
N SER A 88 -13.50 -3.89 17.74
CA SER A 88 -12.70 -2.90 18.43
C SER A 88 -13.23 -2.66 19.84
N GLY A 89 -12.82 -3.52 20.78
CA GLY A 89 -13.25 -3.39 22.15
C GLY A 89 -14.75 -3.15 22.26
N GLY A 1 3.29 2.37 22.73
CA GLY A 1 2.77 1.09 22.27
C GLY A 1 2.57 1.05 20.77
N SER A 2 2.90 -0.09 20.17
CA SER A 2 2.77 -0.26 18.73
C SER A 2 1.50 -1.03 18.38
N SER A 3 0.93 -0.76 17.21
CA SER A 3 -0.28 -1.43 16.76
C SER A 3 0.05 -2.55 15.78
N GLY A 4 1.08 -3.33 16.10
CA GLY A 4 1.48 -4.42 15.24
C GLY A 4 2.15 -3.95 13.97
N SER A 5 1.34 -3.63 12.96
CA SER A 5 1.86 -3.16 11.68
C SER A 5 0.81 -2.36 10.93
N SER A 6 1.11 -1.09 10.68
CA SER A 6 0.20 -0.21 9.95
C SER A 6 0.27 -0.45 8.45
N GLY A 7 -0.88 -0.73 7.85
CA GLY A 7 -0.93 -0.97 6.42
C GLY A 7 -1.34 0.26 5.64
N ILE A 8 -0.56 0.58 4.61
CA ILE A 8 -0.84 1.74 3.77
C ILE A 8 -1.87 1.41 2.69
N PHE A 9 -2.17 2.39 1.84
CA PHE A 9 -3.13 2.19 0.76
C PHE A 9 -2.65 2.87 -0.52
N VAL A 10 -3.01 2.28 -1.66
CA VAL A 10 -2.63 2.83 -2.95
C VAL A 10 -3.81 2.87 -3.91
N ARG A 11 -3.86 3.90 -4.74
CA ARG A 11 -4.95 4.06 -5.70
C ARG A 11 -4.40 4.52 -7.06
N ASN A 12 -5.19 4.29 -8.12
CA ASN A 12 -4.78 4.67 -9.46
C ASN A 12 -3.70 3.74 -10.00
N LEU A 13 -3.82 2.46 -9.67
CA LEU A 13 -2.86 1.45 -10.10
C LEU A 13 -3.24 0.90 -11.47
N PRO A 14 -2.22 0.68 -12.33
CA PRO A 14 -2.44 0.15 -13.68
C PRO A 14 -2.87 -1.31 -13.66
N PHE A 15 -3.92 -1.62 -14.42
CA PHE A 15 -4.44 -2.98 -14.49
C PHE A 15 -3.30 -3.99 -14.51
N ASP A 16 -2.45 -3.89 -15.54
CA ASP A 16 -1.32 -4.81 -15.68
C ASP A 16 -0.75 -5.17 -14.32
N PHE A 17 -0.71 -4.20 -13.42
CA PHE A 17 -0.17 -4.41 -12.07
C PHE A 17 -0.83 -5.63 -11.42
N THR A 18 -0.02 -6.43 -10.74
CA THR A 18 -0.51 -7.63 -10.07
C THR A 18 -0.01 -7.69 -8.63
N TRP A 19 -0.77 -8.40 -7.79
CA TRP A 19 -0.40 -8.54 -6.38
C TRP A 19 1.10 -8.73 -6.22
N LYS A 20 1.66 -9.61 -7.04
CA LYS A 20 3.09 -9.89 -6.98
C LYS A 20 3.90 -8.60 -6.96
N MET A 21 3.54 -7.67 -7.84
CA MET A 21 4.23 -6.38 -7.92
C MET A 21 4.10 -5.62 -6.61
N LEU A 22 2.87 -5.30 -6.24
CA LEU A 22 2.60 -4.57 -4.99
C LEU A 22 3.57 -4.99 -3.91
N LYS A 23 3.92 -6.27 -3.88
CA LYS A 23 4.85 -6.80 -2.88
C LYS A 23 6.29 -6.51 -3.27
N ASP A 24 6.78 -7.21 -4.29
CA ASP A 24 8.15 -7.02 -4.76
C ASP A 24 8.46 -5.54 -4.93
N LYS A 25 7.67 -4.86 -5.75
CA LYS A 25 7.86 -3.43 -6.00
C LYS A 25 8.11 -2.67 -4.70
N PHE A 26 7.26 -2.95 -3.71
CA PHE A 26 7.38 -2.29 -2.41
C PHE A 26 8.49 -2.94 -1.58
N ASN A 27 8.86 -4.16 -1.94
CA ASN A 27 9.90 -4.88 -1.23
C ASN A 27 11.18 -4.05 -1.13
N GLU A 28 11.26 -3.02 -1.95
CA GLU A 28 12.43 -2.13 -1.95
C GLU A 28 12.52 -1.34 -0.65
N CYS A 29 11.39 -0.77 -0.24
CA CYS A 29 11.34 0.02 0.99
C CYS A 29 11.67 -0.85 2.20
N GLY A 30 10.94 -1.95 2.34
CA GLY A 30 11.17 -2.85 3.47
C GLY A 30 10.69 -4.26 3.19
N HIS A 31 10.34 -4.98 4.25
CA HIS A 31 9.86 -6.35 4.11
C HIS A 31 8.33 -6.38 4.07
N VAL A 32 7.79 -6.57 2.87
CA VAL A 32 6.35 -6.63 2.68
C VAL A 32 5.76 -7.89 3.32
N LEU A 33 4.72 -7.69 4.13
CA LEU A 33 4.06 -8.82 4.80
C LEU A 33 2.76 -9.19 4.09
N TYR A 34 2.00 -8.17 3.70
CA TYR A 34 0.73 -8.39 3.02
C TYR A 34 0.62 -7.53 1.77
N ALA A 35 -0.01 -8.08 0.72
CA ALA A 35 -0.17 -7.35 -0.52
C ALA A 35 -1.28 -7.98 -1.37
N ASP A 36 -2.36 -7.24 -1.56
CA ASP A 36 -3.49 -7.72 -2.37
C ASP A 36 -4.09 -6.59 -3.19
N ILE A 37 -4.59 -6.93 -4.37
CA ILE A 37 -5.20 -5.95 -5.27
C ILE A 37 -6.71 -5.92 -5.10
N LYS A 38 -7.20 -4.98 -4.29
CA LYS A 38 -8.63 -4.84 -4.05
C LYS A 38 -9.41 -4.87 -5.37
N MET A 39 -9.91 -6.03 -5.74
CA MET A 39 -10.67 -6.19 -6.97
C MET A 39 -12.15 -5.85 -6.74
N GLU A 40 -12.89 -5.73 -7.82
CA GLU A 40 -14.32 -5.42 -7.75
C GLU A 40 -14.98 -5.51 -9.11
N ASN A 41 -16.25 -5.89 -9.13
CA ASN A 41 -17.00 -6.02 -10.37
C ASN A 41 -16.28 -6.96 -11.34
N GLY A 42 -15.57 -7.92 -10.79
CA GLY A 42 -14.85 -8.88 -11.61
C GLY A 42 -13.62 -8.27 -12.27
N LYS A 43 -13.43 -6.98 -12.06
CA LYS A 43 -12.28 -6.27 -12.63
C LYS A 43 -11.44 -5.61 -11.54
N SER A 44 -10.27 -5.13 -11.91
CA SER A 44 -9.37 -4.48 -10.96
C SER A 44 -9.64 -2.98 -10.90
N LYS A 45 -9.77 -2.44 -9.69
CA LYS A 45 -10.03 -1.03 -9.49
C LYS A 45 -8.74 -0.28 -9.17
N GLY A 46 -7.64 -0.72 -9.76
CA GLY A 46 -6.36 -0.08 -9.51
C GLY A 46 -6.24 0.44 -8.09
N CYS A 47 -6.31 -0.46 -7.12
CA CYS A 47 -6.20 -0.09 -5.72
C CYS A 47 -5.86 -1.29 -4.85
N GLY A 48 -5.09 -1.06 -3.79
CA GLY A 48 -4.70 -2.14 -2.91
C GLY A 48 -4.11 -1.64 -1.61
N VAL A 49 -3.51 -2.54 -0.84
CA VAL A 49 -2.90 -2.18 0.43
C VAL A 49 -1.59 -2.93 0.64
N VAL A 50 -0.75 -2.40 1.52
CA VAL A 50 0.54 -3.02 1.82
C VAL A 50 0.91 -2.84 3.28
N LYS A 51 1.41 -3.92 3.90
CA LYS A 51 1.79 -3.90 5.30
C LYS A 51 3.29 -4.08 5.45
N PHE A 52 3.85 -3.57 6.54
CA PHE A 52 5.29 -3.69 6.80
C PHE A 52 5.54 -4.20 8.22
N GLU A 53 6.79 -4.56 8.49
CA GLU A 53 7.16 -5.06 9.81
C GLU A 53 7.20 -3.93 10.83
N SER A 54 7.78 -2.81 10.44
CA SER A 54 7.88 -1.65 11.32
C SER A 54 6.93 -0.54 10.89
N PRO A 55 6.53 0.31 11.85
CA PRO A 55 5.62 1.43 11.59
C PRO A 55 6.27 2.53 10.76
N GLU A 56 7.58 2.69 10.93
CA GLU A 56 8.33 3.71 10.20
C GLU A 56 8.39 3.37 8.72
N VAL A 57 8.50 2.08 8.41
CA VAL A 57 8.59 1.61 7.03
C VAL A 57 7.25 1.78 6.32
N ALA A 58 6.17 1.85 7.10
CA ALA A 58 4.83 2.01 6.54
C ALA A 58 4.65 3.41 5.96
N GLU A 59 4.82 4.42 6.79
CA GLU A 59 4.67 5.81 6.36
C GLU A 59 5.80 6.21 5.40
N ARG A 60 6.98 5.61 5.60
CA ARG A 60 8.14 5.90 4.78
C ARG A 60 7.86 5.51 3.32
N ALA A 61 7.28 4.34 3.12
CA ALA A 61 6.97 3.87 1.77
C ALA A 61 6.02 4.83 1.05
N CYS A 62 5.16 5.48 1.82
CA CYS A 62 4.20 6.43 1.26
C CYS A 62 4.91 7.67 0.72
N ARG A 63 6.15 7.86 1.15
CA ARG A 63 6.93 9.01 0.71
C ARG A 63 7.80 8.65 -0.50
N MET A 64 8.34 7.44 -0.49
CA MET A 64 9.18 6.97 -1.58
C MET A 64 8.34 6.51 -2.77
N MET A 65 7.37 5.63 -2.49
CA MET A 65 6.48 5.13 -3.54
C MET A 65 5.63 6.25 -4.12
N ASN A 66 4.74 6.79 -3.32
CA ASN A 66 3.86 7.87 -3.76
C ASN A 66 4.59 8.82 -4.70
N GLY A 67 4.03 9.02 -5.89
CA GLY A 67 4.65 9.91 -6.86
C GLY A 67 5.34 9.15 -7.98
N MET A 68 5.19 7.83 -7.98
CA MET A 68 5.80 6.99 -8.99
C MET A 68 4.79 6.60 -10.07
N LYS A 69 5.04 7.04 -11.30
CA LYS A 69 4.14 6.74 -12.41
C LYS A 69 4.39 5.33 -12.94
N LEU A 70 3.48 4.42 -12.61
CA LEU A 70 3.60 3.03 -13.05
C LEU A 70 3.19 2.90 -14.52
N SER A 71 4.18 2.92 -15.41
CA SER A 71 3.93 2.80 -16.84
C SER A 71 3.14 4.00 -17.36
N GLY A 72 3.32 5.14 -16.69
CA GLY A 72 2.63 6.35 -17.09
C GLY A 72 1.34 6.57 -16.31
N ARG A 73 1.30 6.03 -15.10
CA ARG A 73 0.13 6.18 -14.24
C ARG A 73 0.52 6.62 -12.84
N GLU A 74 0.17 7.85 -12.49
CA GLU A 74 0.49 8.39 -11.17
C GLU A 74 -0.38 7.75 -10.09
N ILE A 75 0.24 7.47 -8.95
CA ILE A 75 -0.48 6.87 -7.83
C ILE A 75 -0.31 7.68 -6.56
N ASP A 76 -1.28 7.55 -5.64
CA ASP A 76 -1.24 8.28 -4.38
C ASP A 76 -1.17 7.31 -3.20
N VAL A 77 0.03 7.08 -2.70
CA VAL A 77 0.23 6.18 -1.57
C VAL A 77 0.21 6.94 -0.24
N ARG A 78 -0.77 6.64 0.60
CA ARG A 78 -0.90 7.29 1.88
C ARG A 78 -1.06 6.26 3.00
N ILE A 79 -1.08 6.74 4.24
CA ILE A 79 -1.23 5.85 5.40
C ILE A 79 -2.70 5.54 5.67
N ASP A 80 -3.03 4.25 5.71
CA ASP A 80 -4.39 3.82 5.96
C ASP A 80 -4.60 3.48 7.43
N ARG A 81 -4.95 4.49 8.21
CA ARG A 81 -5.18 4.30 9.64
C ARG A 81 -6.55 3.65 9.90
N ASN A 82 -6.54 2.34 10.10
CA ASN A 82 -7.77 1.60 10.35
C ASN A 82 -8.28 1.87 11.77
N ALA A 83 -9.34 2.66 11.87
CA ALA A 83 -9.93 2.99 13.16
C ALA A 83 -11.28 3.67 12.99
N SER A 84 -12.22 3.34 13.87
CA SER A 84 -13.55 3.91 13.81
C SER A 84 -14.03 4.32 15.20
N GLY A 85 -14.36 5.60 15.37
CA GLY A 85 -14.82 6.09 16.65
C GLY A 85 -16.00 5.30 17.18
N PRO A 86 -16.61 5.78 18.28
CA PRO A 86 -17.76 5.13 18.90
C PRO A 86 -19.01 5.24 18.05
N SER A 87 -19.32 4.19 17.30
CA SER A 87 -20.49 4.17 16.44
C SER A 87 -21.66 3.49 17.13
N SER A 88 -22.82 4.15 17.12
CA SER A 88 -24.01 3.61 17.75
C SER A 88 -24.56 2.42 16.97
N GLY A 89 -24.71 2.61 15.66
CA GLY A 89 -25.22 1.55 14.82
C GLY A 89 -24.76 1.68 13.38
N GLY A 1 5.08 6.28 18.02
CA GLY A 1 4.92 5.37 16.90
C GLY A 1 4.66 3.94 17.35
N SER A 2 3.47 3.71 17.92
CA SER A 2 3.09 2.39 18.40
C SER A 2 3.65 1.30 17.47
N SER A 3 3.88 0.13 18.04
CA SER A 3 4.42 -1.00 17.28
C SER A 3 3.31 -1.97 16.89
N GLY A 4 2.70 -1.73 15.73
CA GLY A 4 1.62 -2.58 15.25
C GLY A 4 1.69 -2.81 13.76
N SER A 5 0.52 -2.81 13.11
CA SER A 5 0.45 -3.03 11.67
C SER A 5 -0.29 -1.89 10.99
N SER A 6 0.47 -0.98 10.39
CA SER A 6 -0.12 0.16 9.70
C SER A 6 -0.06 -0.02 8.19
N GLY A 7 -0.96 -0.85 7.67
CA GLY A 7 -1.00 -1.10 6.24
C GLY A 7 -1.42 0.12 5.45
N ILE A 8 -0.59 0.53 4.50
CA ILE A 8 -0.88 1.69 3.66
C ILE A 8 -1.93 1.36 2.61
N PHE A 9 -2.22 2.33 1.75
CA PHE A 9 -3.21 2.15 0.70
C PHE A 9 -2.80 2.89 -0.57
N VAL A 10 -2.94 2.22 -1.71
CA VAL A 10 -2.59 2.81 -2.99
C VAL A 10 -3.81 2.93 -3.90
N ARG A 11 -3.79 3.93 -4.77
CA ARG A 11 -4.90 4.15 -5.70
C ARG A 11 -4.39 4.60 -7.07
N ASN A 12 -5.17 4.32 -8.10
CA ASN A 12 -4.80 4.69 -9.46
C ASN A 12 -3.71 3.77 -10.00
N LEU A 13 -3.80 2.49 -9.63
CA LEU A 13 -2.82 1.50 -10.07
C LEU A 13 -3.24 0.89 -11.41
N PRO A 14 -2.25 0.65 -12.29
CA PRO A 14 -2.49 0.06 -13.61
C PRO A 14 -2.92 -1.41 -13.52
N PHE A 15 -3.81 -1.81 -14.42
CA PHE A 15 -4.29 -3.18 -14.45
C PHE A 15 -3.13 -4.17 -14.43
N ASP A 16 -2.23 -4.03 -15.41
CA ASP A 16 -1.08 -4.91 -15.51
C ASP A 16 -0.47 -5.18 -14.14
N PHE A 17 -0.69 -4.26 -13.21
CA PHE A 17 -0.17 -4.39 -11.85
C PHE A 17 -0.80 -5.59 -11.15
N THR A 18 0.02 -6.58 -10.85
CA THR A 18 -0.45 -7.79 -10.17
C THR A 18 0.06 -7.85 -8.73
N TRP A 19 -0.66 -8.57 -7.88
CA TRP A 19 -0.28 -8.71 -6.48
C TRP A 19 1.23 -8.84 -6.34
N LYS A 20 1.83 -9.66 -7.20
CA LYS A 20 3.27 -9.88 -7.16
C LYS A 20 4.02 -8.55 -7.10
N MET A 21 3.62 -7.61 -7.95
CA MET A 21 4.24 -6.29 -7.98
C MET A 21 4.08 -5.57 -6.65
N LEU A 22 2.82 -5.30 -6.29
CA LEU A 22 2.52 -4.61 -5.04
C LEU A 22 3.46 -5.06 -3.92
N LYS A 23 3.69 -6.37 -3.86
CA LYS A 23 4.58 -6.93 -2.84
C LYS A 23 6.03 -6.64 -3.16
N ASP A 24 6.50 -7.14 -4.29
CA ASP A 24 7.88 -6.94 -4.72
C ASP A 24 8.17 -5.45 -4.88
N LYS A 25 7.50 -4.81 -5.83
CA LYS A 25 7.69 -3.39 -6.09
C LYS A 25 7.92 -2.63 -4.78
N PHE A 26 7.11 -2.94 -3.77
CA PHE A 26 7.22 -2.30 -2.47
C PHE A 26 8.34 -2.93 -1.64
N ASN A 27 8.55 -4.23 -1.84
CA ASN A 27 9.58 -4.95 -1.11
C ASN A 27 10.89 -4.17 -1.08
N GLU A 28 11.07 -3.30 -2.07
CA GLU A 28 12.27 -2.48 -2.16
C GLU A 28 12.43 -1.59 -0.92
N CYS A 29 11.35 -0.93 -0.54
CA CYS A 29 11.36 -0.04 0.62
C CYS A 29 11.79 -0.80 1.87
N GLY A 30 11.10 -1.91 2.16
CA GLY A 30 11.42 -2.70 3.32
C GLY A 30 10.96 -4.14 3.20
N HIS A 31 10.35 -4.66 4.26
CA HIS A 31 9.86 -6.03 4.25
C HIS A 31 8.33 -6.07 4.22
N VAL A 32 7.78 -6.45 3.08
CA VAL A 32 6.33 -6.53 2.92
C VAL A 32 5.77 -7.80 3.53
N LEU A 33 4.72 -7.66 4.33
CA LEU A 33 4.09 -8.81 4.97
C LEU A 33 2.82 -9.22 4.24
N TYR A 34 2.05 -8.22 3.79
CA TYR A 34 0.81 -8.49 3.08
C TYR A 34 0.68 -7.58 1.85
N ALA A 35 0.16 -8.14 0.76
CA ALA A 35 -0.01 -7.38 -0.47
C ALA A 35 -1.18 -7.94 -1.29
N ASP A 36 -2.26 -7.17 -1.36
CA ASP A 36 -3.44 -7.58 -2.11
C ASP A 36 -3.98 -6.42 -2.94
N ILE A 37 -4.57 -6.75 -4.09
CA ILE A 37 -5.14 -5.74 -4.98
C ILE A 37 -6.65 -5.67 -4.84
N LYS A 38 -7.14 -4.63 -4.18
CA LYS A 38 -8.57 -4.44 -3.99
C LYS A 38 -9.31 -4.43 -5.32
N MET A 39 -10.05 -5.49 -5.59
CA MET A 39 -10.79 -5.59 -6.84
C MET A 39 -12.25 -5.18 -6.63
N GLU A 40 -13.03 -5.24 -7.70
CA GLU A 40 -14.45 -4.86 -7.64
C GLU A 40 -15.15 -5.16 -8.96
N ASN A 41 -16.15 -6.03 -8.91
CA ASN A 41 -16.91 -6.40 -10.10
C ASN A 41 -16.08 -7.30 -11.01
N GLY A 42 -15.19 -8.09 -10.40
CA GLY A 42 -14.34 -8.99 -11.18
C GLY A 42 -13.15 -8.28 -11.77
N LYS A 43 -13.24 -6.97 -11.91
CA LYS A 43 -12.15 -6.18 -12.48
C LYS A 43 -11.45 -5.37 -11.40
N SER A 44 -10.18 -5.04 -11.65
CA SER A 44 -9.40 -4.27 -10.70
C SER A 44 -9.78 -2.79 -10.74
N LYS A 45 -9.65 -2.12 -9.59
CA LYS A 45 -9.98 -0.70 -9.50
C LYS A 45 -8.72 0.14 -9.32
N GLY A 46 -7.57 -0.44 -9.64
CA GLY A 46 -6.32 0.27 -9.50
C GLY A 46 -6.06 0.72 -8.07
N CYS A 47 -6.09 -0.23 -7.15
CA CYS A 47 -5.86 0.07 -5.74
C CYS A 47 -5.52 -1.19 -4.96
N GLY A 48 -4.72 -1.04 -3.91
CA GLY A 48 -4.33 -2.19 -3.10
C GLY A 48 -3.84 -1.78 -1.73
N VAL A 49 -3.48 -2.77 -0.92
CA VAL A 49 -2.98 -2.51 0.43
C VAL A 49 -1.64 -3.20 0.67
N VAL A 50 -0.80 -2.58 1.47
CA VAL A 50 0.52 -3.15 1.79
C VAL A 50 0.86 -2.96 3.26
N LYS A 51 1.41 -4.01 3.87
CA LYS A 51 1.78 -3.96 5.27
C LYS A 51 3.28 -4.17 5.44
N PHE A 52 3.84 -3.58 6.49
CA PHE A 52 5.27 -3.69 6.77
C PHE A 52 5.50 -4.21 8.18
N GLU A 53 6.77 -4.49 8.50
CA GLU A 53 7.13 -4.99 9.82
C GLU A 53 7.09 -3.88 10.86
N SER A 54 7.67 -2.74 10.52
CA SER A 54 7.69 -1.59 11.43
C SER A 54 6.80 -0.47 10.92
N PRO A 55 6.35 0.40 11.84
CA PRO A 55 5.48 1.53 11.50
C PRO A 55 6.21 2.61 10.71
N GLU A 56 7.48 2.81 11.03
CA GLU A 56 8.30 3.81 10.35
C GLU A 56 8.45 3.46 8.86
N VAL A 57 8.53 2.16 8.57
CA VAL A 57 8.69 1.69 7.21
C VAL A 57 7.38 1.81 6.43
N ALA A 58 6.27 1.67 7.14
CA ALA A 58 4.95 1.78 6.52
C ALA A 58 4.72 3.16 5.92
N GLU A 59 4.97 4.19 6.72
CA GLU A 59 4.79 5.57 6.27
C GLU A 59 5.91 5.97 5.30
N ARG A 60 7.06 5.33 5.44
CA ARG A 60 8.20 5.63 4.59
C ARG A 60 7.88 5.34 3.13
N ALA A 61 7.27 4.19 2.88
CA ALA A 61 6.90 3.80 1.52
C ALA A 61 5.94 4.81 0.91
N CYS A 62 5.15 5.45 1.76
CA CYS A 62 4.18 6.44 1.29
C CYS A 62 4.89 7.66 0.69
N ARG A 63 6.15 7.86 1.09
CA ARG A 63 6.93 8.98 0.59
C ARG A 63 7.72 8.60 -0.65
N MET A 64 8.27 7.38 -0.64
CA MET A 64 9.05 6.89 -1.78
C MET A 64 8.13 6.42 -2.91
N MET A 65 7.20 5.54 -2.58
CA MET A 65 6.26 5.02 -3.56
C MET A 65 5.42 6.14 -4.16
N ASN A 66 4.64 6.80 -3.31
CA ASN A 66 3.78 7.89 -3.76
C ASN A 66 4.52 8.79 -4.74
N GLY A 67 3.86 9.11 -5.85
CA GLY A 67 4.46 9.97 -6.86
C GLY A 67 5.22 9.17 -7.91
N MET A 68 5.04 7.86 -7.90
CA MET A 68 5.71 6.99 -8.86
C MET A 68 4.77 6.63 -10.01
N LYS A 69 5.07 7.15 -11.20
CA LYS A 69 4.26 6.87 -12.37
C LYS A 69 4.52 5.47 -12.91
N LEU A 70 3.57 4.57 -12.67
CA LEU A 70 3.70 3.18 -13.13
C LEU A 70 3.27 3.05 -14.59
N SER A 71 4.25 2.97 -15.48
CA SER A 71 3.98 2.85 -16.91
C SER A 71 3.22 4.06 -17.43
N GLY A 72 3.42 5.19 -16.76
CA GLY A 72 2.75 6.42 -17.17
C GLY A 72 1.46 6.66 -16.42
N ARG A 73 1.40 6.14 -15.19
CA ARG A 73 0.21 6.30 -14.36
C ARG A 73 0.59 6.74 -12.95
N GLU A 74 0.18 7.95 -12.59
CA GLU A 74 0.47 8.50 -11.27
C GLU A 74 -0.40 7.86 -10.20
N ILE A 75 0.18 7.61 -9.03
CA ILE A 75 -0.56 7.00 -7.93
C ILE A 75 -0.34 7.77 -6.63
N ASP A 76 -1.29 7.64 -5.71
CA ASP A 76 -1.20 8.32 -4.42
C ASP A 76 -1.18 7.31 -3.27
N VAL A 77 -0.09 7.31 -2.50
CA VAL A 77 0.04 6.39 -1.38
C VAL A 77 -0.03 7.15 -0.05
N ARG A 78 -0.83 6.62 0.87
CA ARG A 78 -0.98 7.24 2.19
C ARG A 78 -1.24 6.18 3.26
N ILE A 79 -0.92 6.53 4.50
CA ILE A 79 -1.11 5.62 5.62
C ILE A 79 -2.59 5.38 5.89
N ASP A 80 -3.03 4.13 5.75
CA ASP A 80 -4.42 3.77 5.98
C ASP A 80 -4.66 3.45 7.45
N ARG A 81 -4.04 4.22 8.34
CA ARG A 81 -4.17 4.02 9.77
C ARG A 81 -5.60 4.33 10.23
N ASN A 82 -5.94 3.87 11.43
CA ASN A 82 -7.27 4.11 11.98
C ASN A 82 -7.21 5.00 13.22
N ALA A 83 -6.40 4.59 14.19
CA ALA A 83 -6.23 5.35 15.42
C ALA A 83 -6.08 6.84 15.13
N SER A 84 -7.18 7.58 15.30
CA SER A 84 -7.15 9.01 15.04
C SER A 84 -8.27 9.71 15.82
N GLY A 85 -8.14 11.03 15.98
CA GLY A 85 -9.14 11.79 16.71
C GLY A 85 -8.53 12.83 17.63
N PRO A 86 -9.26 13.93 17.85
CA PRO A 86 -8.80 15.02 18.72
C PRO A 86 -8.77 14.62 20.19
N SER A 87 -9.32 13.45 20.49
CA SER A 87 -9.36 12.96 21.86
C SER A 87 -8.36 11.83 22.06
N SER A 88 -7.73 11.79 23.23
CA SER A 88 -6.75 10.76 23.54
C SER A 88 -6.28 10.87 24.98
N GLY A 89 -6.02 9.73 25.61
CA GLY A 89 -5.57 9.72 26.99
C GLY A 89 -6.72 9.71 27.97
N GLY A 1 2.76 -10.20 22.68
CA GLY A 1 4.00 -10.25 21.93
C GLY A 1 3.82 -9.90 20.48
N SER A 2 3.44 -8.65 20.22
CA SER A 2 3.22 -8.18 18.85
C SER A 2 3.84 -6.81 18.63
N SER A 3 4.55 -6.65 17.52
CA SER A 3 5.19 -5.38 17.19
C SER A 3 4.17 -4.33 16.80
N GLY A 4 3.27 -4.71 15.89
CA GLY A 4 2.24 -3.78 15.44
C GLY A 4 2.39 -3.43 13.97
N SER A 5 1.25 -3.34 13.28
CA SER A 5 1.25 -3.01 11.86
C SER A 5 0.31 -1.86 11.56
N SER A 6 0.69 -1.01 10.61
CA SER A 6 -0.12 0.15 10.23
C SER A 6 -0.80 -0.08 8.88
N GLY A 7 -0.03 -0.62 7.93
CA GLY A 7 -0.57 -0.89 6.61
C GLY A 7 -0.93 0.39 5.87
N ILE A 8 -0.47 0.50 4.63
CA ILE A 8 -0.75 1.67 3.82
C ILE A 8 -1.82 1.37 2.77
N PHE A 9 -2.08 2.35 1.90
CA PHE A 9 -3.09 2.20 0.85
C PHE A 9 -2.62 2.86 -0.44
N VAL A 10 -3.04 2.30 -1.57
CA VAL A 10 -2.68 2.83 -2.88
C VAL A 10 -3.90 2.99 -3.77
N ARG A 11 -3.79 3.87 -4.75
CA ARG A 11 -4.88 4.13 -5.67
C ARG A 11 -4.36 4.60 -7.04
N ASN A 12 -5.16 4.39 -8.08
CA ASN A 12 -4.78 4.79 -9.42
C ASN A 12 -3.70 3.85 -9.99
N LEU A 13 -3.73 2.60 -9.54
CA LEU A 13 -2.76 1.61 -10.00
C LEU A 13 -3.22 0.97 -11.30
N PRO A 14 -2.24 0.70 -12.19
CA PRO A 14 -2.51 0.07 -13.49
C PRO A 14 -2.95 -1.38 -13.37
N PHE A 15 -3.99 -1.74 -14.10
CA PHE A 15 -4.51 -3.11 -14.07
C PHE A 15 -3.36 -4.11 -14.05
N ASP A 16 -2.56 -4.11 -15.11
CA ASP A 16 -1.43 -5.03 -15.22
C ASP A 16 -0.82 -5.30 -13.84
N PHE A 17 -0.67 -4.24 -13.06
CA PHE A 17 -0.10 -4.37 -11.71
C PHE A 17 -0.67 -5.57 -10.98
N THR A 18 0.15 -6.60 -10.82
CA THR A 18 -0.28 -7.82 -10.14
C THR A 18 0.16 -7.82 -8.68
N TRP A 19 -0.61 -8.49 -7.83
CA TRP A 19 -0.28 -8.56 -6.41
C TRP A 19 1.22 -8.67 -6.20
N LYS A 20 1.86 -9.56 -6.94
CA LYS A 20 3.30 -9.75 -6.83
C LYS A 20 4.04 -8.41 -6.85
N MET A 21 3.77 -7.62 -7.88
CA MET A 21 4.40 -6.31 -8.01
C MET A 21 4.23 -5.49 -6.74
N LEU A 22 2.99 -5.30 -6.32
CA LEU A 22 2.70 -4.53 -5.12
C LEU A 22 3.60 -4.97 -3.96
N LYS A 23 3.93 -6.25 -3.93
CA LYS A 23 4.79 -6.80 -2.89
C LYS A 23 6.26 -6.49 -3.17
N ASP A 24 6.73 -6.93 -4.33
CA ASP A 24 8.11 -6.70 -4.72
C ASP A 24 8.40 -5.21 -4.84
N LYS A 25 7.76 -4.55 -5.80
CA LYS A 25 7.95 -3.12 -6.01
C LYS A 25 8.10 -2.39 -4.69
N PHE A 26 7.24 -2.73 -3.73
CA PHE A 26 7.27 -2.11 -2.42
C PHE A 26 8.39 -2.69 -1.56
N ASN A 27 8.70 -3.96 -1.79
CA ASN A 27 9.75 -4.63 -1.04
C ASN A 27 10.97 -3.74 -0.89
N GLU A 28 11.15 -2.83 -1.84
CA GLU A 28 12.27 -1.91 -1.81
C GLU A 28 12.34 -1.15 -0.49
N CYS A 29 11.21 -0.54 -0.12
CA CYS A 29 11.14 0.23 1.13
C CYS A 29 11.46 -0.67 2.33
N GLY A 30 10.84 -1.84 2.37
CA GLY A 30 11.07 -2.76 3.47
C GLY A 30 10.56 -4.15 3.17
N HIS A 31 10.17 -4.89 4.21
CA HIS A 31 9.66 -6.24 4.06
C HIS A 31 8.14 -6.24 3.93
N VAL A 32 7.64 -6.68 2.78
CA VAL A 32 6.21 -6.73 2.54
C VAL A 32 5.58 -7.99 3.15
N LEU A 33 4.75 -7.80 4.16
CA LEU A 33 4.08 -8.92 4.83
C LEU A 33 2.82 -9.34 4.08
N TYR A 34 1.98 -8.36 3.76
CA TYR A 34 0.74 -8.63 3.05
C TYR A 34 0.59 -7.70 1.85
N ALA A 35 0.03 -8.22 0.76
CA ALA A 35 -0.17 -7.43 -0.45
C ALA A 35 -1.28 -8.03 -1.31
N ASP A 36 -2.42 -7.34 -1.37
CA ASP A 36 -3.54 -7.81 -2.16
C ASP A 36 -4.10 -6.68 -3.03
N ILE A 37 -4.34 -6.98 -4.30
CA ILE A 37 -4.87 -6.00 -5.24
C ILE A 37 -6.40 -5.96 -5.18
N LYS A 38 -6.93 -4.92 -4.55
CA LYS A 38 -8.37 -4.75 -4.42
C LYS A 38 -9.04 -4.73 -5.79
N MET A 39 -9.71 -5.83 -6.14
CA MET A 39 -10.39 -5.94 -7.42
C MET A 39 -11.88 -5.63 -7.27
N GLU A 40 -12.59 -5.66 -8.39
CA GLU A 40 -14.02 -5.38 -8.39
C GLU A 40 -14.64 -5.63 -9.76
N ASN A 41 -15.72 -6.40 -9.79
CA ASN A 41 -16.40 -6.72 -11.04
C ASN A 41 -15.49 -7.56 -11.94
N GLY A 42 -14.59 -8.32 -11.33
CA GLY A 42 -13.68 -9.16 -12.09
C GLY A 42 -12.44 -8.40 -12.54
N LYS A 43 -12.54 -7.09 -12.61
CA LYS A 43 -11.42 -6.25 -13.03
C LYS A 43 -10.83 -5.49 -11.84
N SER A 44 -9.57 -5.06 -11.99
CA SER A 44 -8.89 -4.33 -10.94
C SER A 44 -9.33 -2.86 -10.92
N LYS A 45 -9.40 -2.28 -9.72
CA LYS A 45 -9.79 -0.89 -9.57
C LYS A 45 -8.58 -0.01 -9.28
N GLY A 46 -7.40 -0.53 -9.54
CA GLY A 46 -6.18 0.22 -9.29
C GLY A 46 -6.08 0.70 -7.86
N CYS A 47 -6.18 -0.23 -6.92
CA CYS A 47 -6.09 0.10 -5.50
C CYS A 47 -5.84 -1.16 -4.67
N GLY A 48 -5.33 -0.96 -3.46
CA GLY A 48 -5.05 -2.09 -2.57
C GLY A 48 -4.40 -1.65 -1.28
N VAL A 49 -3.77 -2.59 -0.60
CA VAL A 49 -3.10 -2.31 0.67
C VAL A 49 -1.78 -3.09 0.78
N VAL A 50 -0.87 -2.56 1.60
CA VAL A 50 0.43 -3.19 1.80
C VAL A 50 0.90 -3.04 3.23
N LYS A 51 1.01 -4.16 3.94
CA LYS A 51 1.46 -4.14 5.33
C LYS A 51 2.98 -4.29 5.41
N PHE A 52 3.57 -3.74 6.47
CA PHE A 52 5.01 -3.80 6.67
C PHE A 52 5.34 -4.33 8.06
N GLU A 53 6.60 -4.71 8.26
CA GLU A 53 7.05 -5.23 9.55
C GLU A 53 7.13 -4.11 10.59
N SER A 54 7.60 -2.95 10.16
CA SER A 54 7.73 -1.81 11.06
C SER A 54 6.82 -0.66 10.61
N PRO A 55 6.43 0.19 11.57
CA PRO A 55 5.56 1.34 11.31
C PRO A 55 6.25 2.42 10.48
N GLU A 56 7.52 2.65 10.76
CA GLU A 56 8.30 3.66 10.04
C GLU A 56 8.38 3.31 8.56
N VAL A 57 8.42 2.02 8.27
CA VAL A 57 8.50 1.55 6.88
C VAL A 57 7.19 1.81 6.13
N ALA A 58 6.07 1.74 6.85
CA ALA A 58 4.77 1.97 6.25
C ALA A 58 4.63 3.42 5.78
N GLU A 59 4.97 4.36 6.65
CA GLU A 59 4.89 5.78 6.32
C GLU A 59 5.99 6.18 5.35
N ARG A 60 7.10 5.42 5.37
CA ARG A 60 8.22 5.70 4.50
C ARG A 60 7.88 5.40 3.05
N ALA A 61 7.15 4.31 2.82
CA ALA A 61 6.75 3.92 1.48
C ALA A 61 5.81 4.96 0.86
N CYS A 62 5.03 5.61 1.70
CA CYS A 62 4.09 6.63 1.24
C CYS A 62 4.84 7.82 0.63
N ARG A 63 6.11 7.98 1.01
CA ARG A 63 6.92 9.08 0.50
C ARG A 63 7.71 8.64 -0.73
N MET A 64 8.25 7.42 -0.69
CA MET A 64 9.03 6.89 -1.80
C MET A 64 8.11 6.40 -2.91
N MET A 65 7.16 5.53 -2.55
CA MET A 65 6.22 4.98 -3.53
C MET A 65 5.40 6.09 -4.17
N ASN A 66 4.66 6.83 -3.34
CA ASN A 66 3.83 7.92 -3.83
C ASN A 66 4.63 8.84 -4.76
N GLY A 67 4.10 9.04 -5.96
CA GLY A 67 4.77 9.90 -6.93
C GLY A 67 5.48 9.11 -8.01
N MET A 68 5.29 7.80 -8.00
CA MET A 68 5.92 6.93 -9.00
C MET A 68 4.94 6.57 -10.10
N LYS A 69 5.19 7.07 -11.30
CA LYS A 69 4.33 6.81 -12.44
C LYS A 69 4.59 5.42 -13.00
N LEU A 70 3.67 4.49 -12.71
CA LEU A 70 3.80 3.12 -13.18
C LEU A 70 3.29 2.99 -14.62
N SER A 71 4.22 2.86 -15.56
CA SER A 71 3.86 2.73 -16.97
C SER A 71 3.10 3.96 -17.45
N GLY A 72 3.32 5.08 -16.79
CA GLY A 72 2.65 6.32 -17.17
C GLY A 72 1.38 6.55 -16.37
N ARG A 73 1.38 6.07 -15.13
CA ARG A 73 0.22 6.23 -14.26
C ARG A 73 0.64 6.66 -12.86
N GLU A 74 0.23 7.87 -12.47
CA GLU A 74 0.57 8.41 -11.15
C GLU A 74 -0.30 7.77 -10.07
N ILE A 75 0.32 7.45 -8.93
CA ILE A 75 -0.40 6.83 -7.83
C ILE A 75 -0.22 7.65 -6.54
N ASP A 76 -1.18 7.52 -5.63
CA ASP A 76 -1.12 8.24 -4.37
C ASP A 76 -1.05 7.27 -3.20
N VAL A 77 0.16 7.11 -2.65
CA VAL A 77 0.37 6.21 -1.52
C VAL A 77 0.37 6.98 -0.20
N ARG A 78 -0.55 6.60 0.70
CA ARG A 78 -0.64 7.24 1.99
C ARG A 78 -0.83 6.21 3.11
N ILE A 79 -0.68 6.66 4.35
CA ILE A 79 -0.84 5.77 5.50
C ILE A 79 -2.31 5.57 5.85
N ASP A 80 -2.76 4.31 5.82
CA ASP A 80 -4.14 3.99 6.13
C ASP A 80 -4.31 3.72 7.62
N ARG A 81 -4.88 4.70 8.34
CA ARG A 81 -5.09 4.56 9.78
C ARG A 81 -6.56 4.26 10.07
N ASN A 82 -6.89 4.22 11.37
CA ASN A 82 -8.27 3.94 11.78
C ASN A 82 -9.10 5.22 11.79
N ALA A 83 -10.38 5.08 12.12
CA ALA A 83 -11.29 6.22 12.17
C ALA A 83 -11.57 6.64 13.60
N SER A 84 -12.07 5.69 14.40
CA SER A 84 -12.39 5.96 15.80
C SER A 84 -11.29 6.81 16.45
N GLY A 85 -10.09 6.26 16.49
CA GLY A 85 -8.97 6.99 17.08
C GLY A 85 -7.84 6.06 17.49
N PRO A 86 -6.60 6.54 17.32
CA PRO A 86 -5.40 5.75 17.67
C PRO A 86 -5.24 5.59 19.18
N SER A 87 -4.34 4.69 19.58
CA SER A 87 -4.10 4.43 20.99
C SER A 87 -2.67 3.91 21.20
N SER A 88 -2.17 4.07 22.42
CA SER A 88 -0.82 3.62 22.75
C SER A 88 -0.71 3.33 24.25
N GLY A 89 0.28 2.50 24.61
CA GLY A 89 0.48 2.16 26.00
C GLY A 89 -0.64 1.32 26.57
N GLY A 1 1.38 -8.95 22.29
CA GLY A 1 2.12 -8.43 21.16
C GLY A 1 1.63 -8.98 19.84
N SER A 2 0.40 -8.63 19.47
CA SER A 2 -0.18 -9.11 18.22
C SER A 2 0.37 -8.33 17.03
N SER A 3 0.40 -8.98 15.87
CA SER A 3 0.92 -8.36 14.66
C SER A 3 0.00 -7.23 14.19
N GLY A 4 0.23 -6.03 14.73
CA GLY A 4 -0.59 -4.89 14.37
C GLY A 4 0.22 -3.78 13.73
N SER A 5 0.73 -4.04 12.54
CA SER A 5 1.54 -3.06 11.82
C SER A 5 0.66 -2.02 11.14
N SER A 6 1.28 -0.94 10.66
CA SER A 6 0.54 0.12 9.99
C SER A 6 0.53 -0.09 8.48
N GLY A 7 -0.57 -0.62 7.96
CA GLY A 7 -0.69 -0.87 6.54
C GLY A 7 -1.07 0.38 5.76
N ILE A 8 -0.47 0.54 4.59
CA ILE A 8 -0.74 1.70 3.74
C ILE A 8 -1.81 1.38 2.70
N PHE A 9 -2.07 2.34 1.82
CA PHE A 9 -3.07 2.17 0.77
C PHE A 9 -2.66 2.89 -0.50
N VAL A 10 -2.87 2.24 -1.64
CA VAL A 10 -2.52 2.82 -2.93
C VAL A 10 -3.73 2.93 -3.84
N ARG A 11 -3.64 3.77 -4.85
CA ARG A 11 -4.74 3.97 -5.79
C ARG A 11 -4.21 4.41 -7.16
N ASN A 12 -5.06 4.28 -8.18
CA ASN A 12 -4.68 4.66 -9.53
C ASN A 12 -3.58 3.74 -10.08
N LEU A 13 -3.67 2.46 -9.72
CA LEU A 13 -2.69 1.47 -10.16
C LEU A 13 -3.09 0.88 -11.51
N PRO A 14 -2.10 0.63 -12.37
CA PRO A 14 -2.33 0.06 -13.70
C PRO A 14 -2.77 -1.39 -13.64
N PHE A 15 -3.84 -1.71 -14.37
CA PHE A 15 -4.37 -3.07 -14.41
C PHE A 15 -3.25 -4.10 -14.39
N ASP A 16 -2.41 -4.05 -15.43
CA ASP A 16 -1.29 -4.98 -15.54
C ASP A 16 -0.71 -5.31 -14.17
N PHE A 17 -0.64 -4.30 -13.31
CA PHE A 17 -0.11 -4.47 -11.95
C PHE A 17 -0.78 -5.66 -11.27
N THR A 18 0.04 -6.61 -10.83
CA THR A 18 -0.47 -7.81 -10.15
C THR A 18 -0.04 -7.83 -8.68
N TRP A 19 -0.79 -8.54 -7.86
CA TRP A 19 -0.49 -8.65 -6.44
C TRP A 19 1.00 -8.84 -6.22
N LYS A 20 1.60 -9.74 -6.99
CA LYS A 20 3.02 -10.03 -6.89
C LYS A 20 3.84 -8.73 -6.90
N MET A 21 3.54 -7.85 -7.84
CA MET A 21 4.23 -6.58 -7.95
C MET A 21 4.10 -5.76 -6.67
N LEU A 22 2.87 -5.46 -6.29
CA LEU A 22 2.60 -4.69 -5.09
C LEU A 22 3.55 -5.09 -3.96
N LYS A 23 3.82 -6.39 -3.86
CA LYS A 23 4.70 -6.91 -2.83
C LYS A 23 6.16 -6.63 -3.18
N ASP A 24 6.66 -7.30 -4.22
CA ASP A 24 8.03 -7.12 -4.66
C ASP A 24 8.37 -5.64 -4.82
N LYS A 25 7.67 -4.98 -5.74
CA LYS A 25 7.89 -3.57 -6.00
C LYS A 25 8.14 -2.80 -4.69
N PHE A 26 7.27 -3.04 -3.71
CA PHE A 26 7.40 -2.38 -2.41
C PHE A 26 8.51 -3.01 -1.59
N ASN A 27 8.78 -4.28 -1.85
CA ASN A 27 9.83 -5.01 -1.14
C ASN A 27 11.15 -4.24 -1.16
N GLU A 28 11.29 -3.35 -2.16
CA GLU A 28 12.50 -2.55 -2.29
C GLU A 28 12.60 -1.52 -1.17
N CYS A 29 11.45 -0.96 -0.78
CA CYS A 29 11.42 0.05 0.27
C CYS A 29 11.64 -0.60 1.64
N GLY A 30 10.96 -1.72 1.88
CA GLY A 30 11.10 -2.41 3.14
C GLY A 30 10.71 -3.88 3.05
N HIS A 31 10.08 -4.38 4.11
CA HIS A 31 9.66 -5.78 4.13
C HIS A 31 8.14 -5.89 4.03
N VAL A 32 7.65 -6.29 2.86
CA VAL A 32 6.22 -6.43 2.64
C VAL A 32 5.70 -7.72 3.25
N LEU A 33 4.72 -7.61 4.15
CA LEU A 33 4.14 -8.77 4.81
C LEU A 33 2.88 -9.22 4.09
N TYR A 34 2.07 -8.25 3.65
CA TYR A 34 0.83 -8.54 2.95
C TYR A 34 0.64 -7.61 1.75
N ALA A 35 0.13 -8.15 0.66
CA ALA A 35 -0.10 -7.38 -0.55
C ALA A 35 -1.22 -7.98 -1.39
N ASP A 36 -2.27 -7.21 -1.63
CA ASP A 36 -3.39 -7.67 -2.43
C ASP A 36 -4.07 -6.51 -3.15
N ILE A 37 -4.54 -6.76 -4.35
CA ILE A 37 -5.21 -5.73 -5.15
C ILE A 37 -6.72 -5.80 -4.96
N LYS A 38 -7.26 -4.89 -4.14
CA LYS A 38 -8.68 -4.85 -3.88
C LYS A 38 -9.48 -4.79 -5.18
N MET A 39 -10.18 -5.87 -5.48
CA MET A 39 -10.99 -5.94 -6.69
C MET A 39 -12.40 -5.43 -6.45
N GLU A 40 -13.11 -5.13 -7.53
CA GLU A 40 -14.48 -4.64 -7.43
C GLU A 40 -15.28 -4.98 -8.68
N ASN A 41 -16.28 -5.83 -8.53
CA ASN A 41 -17.12 -6.24 -9.65
C ASN A 41 -16.37 -7.19 -10.57
N GLY A 42 -15.40 -7.90 -10.01
CA GLY A 42 -14.62 -8.84 -10.80
C GLY A 42 -13.43 -8.19 -11.48
N LYS A 43 -13.47 -6.86 -11.59
CA LYS A 43 -12.39 -6.11 -12.23
C LYS A 43 -11.58 -5.34 -11.19
N SER A 44 -10.35 -4.99 -11.56
CA SER A 44 -9.48 -4.26 -10.66
C SER A 44 -9.76 -2.76 -10.73
N LYS A 45 -9.64 -2.09 -9.59
CA LYS A 45 -9.87 -0.65 -9.52
C LYS A 45 -8.58 0.12 -9.26
N GLY A 46 -7.46 -0.52 -9.57
CA GLY A 46 -6.17 0.11 -9.36
C GLY A 46 -5.97 0.55 -7.93
N CYS A 47 -6.33 -0.32 -6.98
CA CYS A 47 -6.19 -0.02 -5.57
C CYS A 47 -5.73 -1.25 -4.80
N GLY A 48 -5.13 -1.02 -3.63
CA GLY A 48 -4.64 -2.11 -2.81
C GLY A 48 -4.02 -1.64 -1.52
N VAL A 49 -3.51 -2.57 -0.72
CA VAL A 49 -2.90 -2.25 0.56
C VAL A 49 -1.57 -2.99 0.73
N VAL A 50 -0.66 -2.38 1.48
CA VAL A 50 0.64 -2.99 1.73
C VAL A 50 1.06 -2.82 3.19
N LYS A 51 1.15 -3.93 3.90
CA LYS A 51 1.55 -3.89 5.31
C LYS A 51 3.06 -4.00 5.46
N PHE A 52 3.58 -3.61 6.62
CA PHE A 52 5.01 -3.67 6.88
C PHE A 52 5.28 -4.19 8.30
N GLU A 53 6.53 -4.57 8.54
CA GLU A 53 6.92 -5.08 9.85
C GLU A 53 6.93 -3.96 10.90
N SER A 54 7.46 -2.81 10.50
CA SER A 54 7.53 -1.66 11.40
C SER A 54 6.69 -0.50 10.88
N PRO A 55 6.31 0.42 11.78
CA PRO A 55 5.50 1.58 11.44
C PRO A 55 6.26 2.59 10.59
N GLU A 56 7.53 2.82 10.96
CA GLU A 56 8.37 3.76 10.23
C GLU A 56 8.45 3.39 8.75
N VAL A 57 8.49 2.10 8.47
CA VAL A 57 8.56 1.62 7.10
C VAL A 57 7.24 1.82 6.37
N ALA A 58 6.14 1.75 7.11
CA ALA A 58 4.82 1.93 6.54
C ALA A 58 4.68 3.31 5.91
N GLU A 59 4.98 4.35 6.69
CA GLU A 59 4.88 5.72 6.21
C GLU A 59 6.02 6.05 5.25
N ARG A 60 7.14 5.33 5.41
CA ARG A 60 8.31 5.55 4.57
C ARG A 60 7.97 5.31 3.09
N ALA A 61 7.30 4.18 2.83
CA ALA A 61 6.91 3.84 1.46
C ALA A 61 5.93 4.85 0.90
N CYS A 62 5.19 5.51 1.78
CA CYS A 62 4.21 6.51 1.36
C CYS A 62 4.91 7.77 0.84
N ARG A 63 6.17 7.94 1.21
CA ARG A 63 6.95 9.09 0.78
C ARG A 63 7.73 8.78 -0.49
N MET A 64 8.20 7.54 -0.60
CA MET A 64 8.97 7.11 -1.76
C MET A 64 8.05 6.73 -2.91
N MET A 65 7.06 5.88 -2.61
CA MET A 65 6.11 5.43 -3.62
C MET A 65 5.21 6.59 -4.07
N ASN A 66 4.38 7.08 -3.16
CA ASN A 66 3.47 8.18 -3.48
C ASN A 66 4.13 9.17 -4.43
N GLY A 67 3.84 9.02 -5.72
CA GLY A 67 4.40 9.91 -6.72
C GLY A 67 5.16 9.16 -7.79
N MET A 68 5.04 7.84 -7.79
CA MET A 68 5.73 7.01 -8.77
C MET A 68 4.79 6.63 -9.91
N LYS A 69 5.08 7.12 -11.11
CA LYS A 69 4.27 6.83 -12.28
C LYS A 69 4.57 5.44 -12.84
N LEU A 70 3.65 4.51 -12.60
CA LEU A 70 3.83 3.14 -13.07
C LEU A 70 3.39 3.01 -14.53
N SER A 71 4.35 3.14 -15.43
CA SER A 71 4.08 3.04 -16.86
C SER A 71 3.27 4.23 -17.34
N GLY A 72 3.43 5.36 -16.66
CA GLY A 72 2.71 6.56 -17.03
C GLY A 72 1.45 6.76 -16.21
N ARG A 73 1.34 6.03 -15.11
CA ARG A 73 0.18 6.13 -14.24
C ARG A 73 0.57 6.60 -12.84
N GLU A 74 0.14 7.80 -12.48
CA GLU A 74 0.45 8.36 -11.16
C GLU A 74 -0.40 7.72 -10.07
N ILE A 75 0.22 7.43 -8.94
CA ILE A 75 -0.46 6.80 -7.82
C ILE A 75 -0.22 7.57 -6.53
N ASP A 76 -1.18 7.47 -5.60
CA ASP A 76 -1.05 8.16 -4.32
C ASP A 76 -0.98 7.15 -3.17
N VAL A 77 0.18 7.08 -2.53
CA VAL A 77 0.40 6.17 -1.42
C VAL A 77 0.36 6.90 -0.08
N ARG A 78 -0.65 6.59 0.73
CA ARG A 78 -0.79 7.22 2.04
C ARG A 78 -1.01 6.17 3.12
N ILE A 79 -0.79 6.57 4.37
CA ILE A 79 -0.95 5.66 5.51
C ILE A 79 -2.43 5.35 5.74
N ASP A 80 -2.74 4.07 5.91
CA ASP A 80 -4.11 3.64 6.15
C ASP A 80 -4.29 3.18 7.59
N ARG A 81 -4.74 4.10 8.44
CA ARG A 81 -4.96 3.79 9.85
C ARG A 81 -5.92 2.61 10.01
N ASN A 82 -5.39 1.49 10.49
CA ASN A 82 -6.20 0.29 10.70
C ASN A 82 -7.50 0.63 11.42
N ALA A 83 -8.60 0.06 10.94
CA ALA A 83 -9.91 0.30 11.54
C ALA A 83 -10.53 -1.00 12.04
N SER A 84 -10.13 -1.43 13.23
CA SER A 84 -10.64 -2.66 13.81
C SER A 84 -10.35 -2.72 15.31
N GLY A 85 -11.29 -3.28 16.07
CA GLY A 85 -11.12 -3.38 17.51
C GLY A 85 -11.09 -2.02 18.18
N PRO A 86 -11.64 -1.96 19.40
CA PRO A 86 -11.68 -0.71 20.18
C PRO A 86 -10.30 -0.29 20.68
N SER A 87 -10.19 0.97 21.11
CA SER A 87 -8.93 1.49 21.60
C SER A 87 -8.89 1.45 23.12
N SER A 88 -7.89 0.76 23.67
CA SER A 88 -7.75 0.64 25.11
C SER A 88 -7.89 1.99 25.79
N GLY A 89 -8.71 2.04 26.84
CA GLY A 89 -8.92 3.28 27.56
C GLY A 89 -9.51 3.06 28.94
N GLY A 1 0.35 2.68 22.30
CA GLY A 1 -0.04 3.43 21.13
C GLY A 1 -0.27 2.54 19.92
N SER A 2 0.55 2.72 18.89
CA SER A 2 0.42 1.93 17.67
C SER A 2 0.10 0.48 18.00
N SER A 3 -0.67 -0.17 17.11
CA SER A 3 -1.05 -1.56 17.31
C SER A 3 -1.19 -2.28 15.98
N GLY A 4 -1.27 -3.60 16.03
CA GLY A 4 -1.40 -4.39 14.82
C GLY A 4 -0.46 -3.93 13.72
N SER A 5 -0.97 -3.82 12.50
CA SER A 5 -0.17 -3.39 11.36
C SER A 5 -0.75 -2.15 10.72
N SER A 6 0.10 -1.16 10.46
CA SER A 6 -0.33 0.09 9.85
C SER A 6 -0.99 -0.16 8.50
N GLY A 7 -0.25 -0.83 7.61
CA GLY A 7 -0.77 -1.13 6.29
C GLY A 7 -1.22 0.12 5.56
N ILE A 8 -0.44 0.54 4.57
CA ILE A 8 -0.76 1.73 3.78
C ILE A 8 -1.81 1.42 2.72
N PHE A 9 -2.10 2.40 1.89
CA PHE A 9 -3.10 2.23 0.82
C PHE A 9 -2.67 2.97 -0.44
N VAL A 10 -2.90 2.35 -1.59
CA VAL A 10 -2.55 2.94 -2.87
C VAL A 10 -3.74 3.00 -3.81
N ARG A 11 -3.76 3.99 -4.68
CA ARG A 11 -4.85 4.16 -5.64
C ARG A 11 -4.33 4.57 -7.00
N ASN A 12 -5.13 4.35 -8.04
CA ASN A 12 -4.74 4.69 -9.40
C ASN A 12 -3.61 3.78 -9.90
N LEU A 13 -3.80 2.48 -9.76
CA LEU A 13 -2.80 1.50 -10.18
C LEU A 13 -3.16 0.92 -11.54
N PRO A 14 -2.13 0.68 -12.37
CA PRO A 14 -2.31 0.12 -13.71
C PRO A 14 -2.74 -1.34 -13.67
N PHE A 15 -3.70 -1.70 -14.52
CA PHE A 15 -4.20 -3.06 -14.58
C PHE A 15 -3.06 -4.06 -14.57
N ASP A 16 -2.21 -3.99 -15.59
CA ASP A 16 -1.07 -4.90 -15.70
C ASP A 16 -0.51 -5.24 -14.32
N PHE A 17 -0.58 -4.28 -13.41
CA PHE A 17 -0.09 -4.47 -12.05
C PHE A 17 -0.77 -5.67 -11.39
N THR A 18 0.04 -6.59 -10.87
CA THR A 18 -0.48 -7.79 -10.22
C THR A 18 -0.06 -7.83 -8.76
N TRP A 19 -0.85 -8.54 -7.95
CA TRP A 19 -0.55 -8.67 -6.52
C TRP A 19 0.94 -8.83 -6.28
N LYS A 20 1.58 -9.68 -7.09
CA LYS A 20 3.01 -9.93 -6.97
C LYS A 20 3.79 -8.61 -6.99
N MET A 21 3.45 -7.75 -7.94
CA MET A 21 4.13 -6.47 -8.07
C MET A 21 4.00 -5.66 -6.78
N LEU A 22 2.78 -5.44 -6.33
CA LEU A 22 2.52 -4.69 -5.11
C LEU A 22 3.50 -5.08 -4.01
N LYS A 23 3.73 -6.39 -3.87
CA LYS A 23 4.64 -6.90 -2.86
C LYS A 23 6.09 -6.60 -3.23
N ASP A 24 6.56 -7.24 -4.31
CA ASP A 24 7.92 -7.04 -4.78
C ASP A 24 8.25 -5.55 -4.88
N LYS A 25 7.54 -4.85 -5.75
CA LYS A 25 7.76 -3.42 -5.94
C LYS A 25 8.05 -2.73 -4.62
N PHE A 26 7.15 -2.90 -3.66
CA PHE A 26 7.32 -2.30 -2.34
C PHE A 26 8.36 -3.04 -1.52
N ASN A 27 8.63 -4.29 -1.91
CA ASN A 27 9.60 -5.12 -1.21
C ASN A 27 10.96 -4.42 -1.15
N GLU A 28 11.19 -3.50 -2.09
CA GLU A 28 12.44 -2.76 -2.15
C GLU A 28 12.55 -1.77 -0.99
N CYS A 29 11.45 -1.06 -0.73
CA CYS A 29 11.42 -0.08 0.35
C CYS A 29 11.61 -0.75 1.71
N GLY A 30 10.79 -1.76 1.98
CA GLY A 30 10.89 -2.47 3.24
C GLY A 30 10.31 -3.87 3.17
N HIS A 31 10.44 -4.62 4.25
CA HIS A 31 9.92 -5.99 4.31
C HIS A 31 8.40 -5.99 4.22
N VAL A 32 7.87 -6.68 3.21
CA VAL A 32 6.43 -6.76 3.01
C VAL A 32 5.86 -8.00 3.68
N LEU A 33 4.72 -7.84 4.35
CA LEU A 33 4.06 -8.95 5.03
C LEU A 33 2.79 -9.37 4.29
N TYR A 34 2.06 -8.39 3.79
CA TYR A 34 0.81 -8.65 3.07
C TYR A 34 0.73 -7.80 1.80
N ALA A 35 -0.01 -8.30 0.81
CA ALA A 35 -0.17 -7.59 -0.45
C ALA A 35 -1.31 -8.18 -1.26
N ASP A 36 -2.31 -7.36 -1.56
CA ASP A 36 -3.47 -7.79 -2.34
C ASP A 36 -4.06 -6.64 -3.14
N ILE A 37 -4.58 -6.95 -4.33
CA ILE A 37 -5.17 -5.93 -5.18
C ILE A 37 -6.68 -5.93 -5.06
N LYS A 38 -7.22 -4.91 -4.38
CA LYS A 38 -8.65 -4.78 -4.18
C LYS A 38 -9.39 -4.82 -5.53
N MET A 39 -10.05 -5.94 -5.81
CA MET A 39 -10.79 -6.10 -7.05
C MET A 39 -12.24 -5.66 -6.88
N GLU A 40 -12.93 -5.48 -8.00
CA GLU A 40 -14.33 -5.06 -7.97
C GLU A 40 -15.01 -5.35 -9.30
N ASN A 41 -16.00 -6.24 -9.28
CA ASN A 41 -16.73 -6.60 -10.49
C ASN A 41 -15.85 -7.41 -11.43
N GLY A 42 -14.90 -8.15 -10.86
CA GLY A 42 -14.01 -8.96 -11.67
C GLY A 42 -12.84 -8.16 -12.22
N LYS A 43 -12.96 -6.84 -12.19
CA LYS A 43 -11.91 -5.96 -12.69
C LYS A 43 -11.23 -5.21 -11.54
N SER A 44 -9.93 -4.98 -11.68
CA SER A 44 -9.16 -4.27 -10.66
C SER A 44 -9.40 -2.77 -10.76
N LYS A 45 -9.64 -2.15 -9.60
CA LYS A 45 -9.88 -0.70 -9.55
C LYS A 45 -8.57 0.06 -9.32
N GLY A 46 -7.45 -0.63 -9.55
CA GLY A 46 -6.15 0.01 -9.36
C GLY A 46 -5.94 0.48 -7.94
N CYS A 47 -6.28 -0.37 -6.98
CA CYS A 47 -6.12 -0.03 -5.58
C CYS A 47 -5.76 -1.26 -4.75
N GLY A 48 -4.91 -1.07 -3.74
CA GLY A 48 -4.51 -2.17 -2.90
C GLY A 48 -3.94 -1.71 -1.57
N VAL A 49 -3.39 -2.64 -0.80
CA VAL A 49 -2.82 -2.33 0.50
C VAL A 49 -1.51 -3.08 0.72
N VAL A 50 -0.60 -2.46 1.47
CA VAL A 50 0.69 -3.07 1.76
C VAL A 50 1.05 -2.92 3.23
N LYS A 51 1.40 -4.03 3.87
CA LYS A 51 1.77 -4.02 5.28
C LYS A 51 3.28 -4.19 5.44
N PHE A 52 3.80 -3.73 6.58
CA PHE A 52 5.23 -3.84 6.86
C PHE A 52 5.46 -4.36 8.28
N GLU A 53 6.73 -4.55 8.62
CA GLU A 53 7.09 -5.03 9.95
C GLU A 53 7.10 -3.89 10.97
N SER A 54 7.59 -2.73 10.54
CA SER A 54 7.67 -1.57 11.41
C SER A 54 6.75 -0.46 10.91
N PRO A 55 6.31 0.42 11.83
CA PRO A 55 5.42 1.54 11.50
C PRO A 55 6.12 2.62 10.68
N GLU A 56 7.42 2.79 10.94
CA GLU A 56 8.21 3.80 10.22
C GLU A 56 8.32 3.44 8.74
N VAL A 57 8.44 2.14 8.47
CA VAL A 57 8.57 1.66 7.10
C VAL A 57 7.27 1.85 6.33
N ALA A 58 6.15 1.71 7.03
CA ALA A 58 4.83 1.87 6.42
C ALA A 58 4.68 3.26 5.80
N GLU A 59 4.92 4.28 6.60
CA GLU A 59 4.81 5.66 6.13
C GLU A 59 5.98 6.03 5.24
N ARG A 60 7.12 5.38 5.46
CA ARG A 60 8.32 5.64 4.68
C ARG A 60 8.06 5.38 3.20
N ALA A 61 7.35 4.30 2.90
CA ALA A 61 7.03 3.95 1.52
C ALA A 61 6.02 4.93 0.92
N CYS A 62 5.36 5.68 1.78
CA CYS A 62 4.36 6.65 1.33
C CYS A 62 5.03 7.88 0.75
N ARG A 63 6.29 8.11 1.15
CA ARG A 63 7.05 9.26 0.68
C ARG A 63 7.85 8.91 -0.56
N MET A 64 8.39 7.69 -0.59
CA MET A 64 9.18 7.23 -1.72
C MET A 64 8.29 6.85 -2.90
N MET A 65 7.28 6.02 -2.63
CA MET A 65 6.36 5.58 -3.65
C MET A 65 5.49 6.74 -4.15
N ASN A 66 4.63 7.24 -3.28
CA ASN A 66 3.75 8.35 -3.62
C ASN A 66 4.44 9.32 -4.58
N GLY A 67 4.03 9.27 -5.84
CA GLY A 67 4.62 10.16 -6.84
C GLY A 67 5.31 9.39 -7.96
N MET A 68 5.18 8.07 -7.93
CA MET A 68 5.78 7.23 -8.95
C MET A 68 4.76 6.81 -10.00
N LYS A 69 5.03 7.18 -11.25
CA LYS A 69 4.13 6.85 -12.35
C LYS A 69 4.46 5.47 -12.92
N LEU A 70 3.62 4.49 -12.61
CA LEU A 70 3.82 3.13 -13.09
C LEU A 70 3.32 2.98 -14.53
N SER A 71 4.25 2.89 -15.47
CA SER A 71 3.91 2.75 -16.88
C SER A 71 3.11 3.96 -17.36
N GLY A 72 3.29 5.10 -16.70
CA GLY A 72 2.58 6.30 -17.07
C GLY A 72 1.31 6.50 -16.27
N ARG A 73 1.28 5.97 -15.05
CA ARG A 73 0.12 6.09 -14.19
C ARG A 73 0.52 6.53 -12.79
N GLU A 74 0.12 7.74 -12.42
CA GLU A 74 0.44 8.29 -11.11
C GLU A 74 -0.38 7.60 -10.01
N ILE A 75 0.21 7.47 -8.83
CA ILE A 75 -0.46 6.83 -7.71
C ILE A 75 -0.35 7.68 -6.45
N ASP A 76 -1.34 7.55 -5.57
CA ASP A 76 -1.34 8.31 -4.32
C ASP A 76 -1.23 7.37 -3.12
N VAL A 77 -0.02 7.21 -2.61
CA VAL A 77 0.23 6.34 -1.46
C VAL A 77 0.08 7.11 -0.15
N ARG A 78 -0.78 6.61 0.73
CA ARG A 78 -1.02 7.25 2.02
C ARG A 78 -1.13 6.21 3.13
N ILE A 79 -1.06 6.66 4.37
CA ILE A 79 -1.15 5.78 5.52
C ILE A 79 -2.61 5.45 5.85
N ASP A 80 -2.93 4.16 5.87
CA ASP A 80 -4.28 3.72 6.17
C ASP A 80 -4.44 3.40 7.66
N ARG A 81 -3.98 4.31 8.51
CA ARG A 81 -4.07 4.12 9.94
C ARG A 81 -5.47 4.44 10.46
N ASN A 82 -5.83 3.85 11.60
CA ASN A 82 -7.14 4.07 12.19
C ASN A 82 -7.28 5.51 12.68
N ALA A 83 -7.71 6.40 11.79
CA ALA A 83 -7.89 7.81 12.13
C ALA A 83 -8.93 7.97 13.23
N SER A 84 -8.45 8.28 14.44
CA SER A 84 -9.35 8.47 15.58
C SER A 84 -8.62 9.15 16.73
N GLY A 85 -9.33 10.00 17.46
CA GLY A 85 -8.73 10.70 18.58
C GLY A 85 -8.44 12.15 18.27
N PRO A 86 -7.52 12.76 19.03
CA PRO A 86 -7.14 14.17 18.84
C PRO A 86 -6.37 14.39 17.54
N SER A 87 -7.09 14.63 16.47
CA SER A 87 -6.48 14.86 15.16
C SER A 87 -5.47 16.00 15.24
N SER A 88 -4.19 15.65 15.25
CA SER A 88 -3.13 16.65 15.31
C SER A 88 -3.01 17.41 13.99
N GLY A 89 -3.55 18.63 13.98
CA GLY A 89 -3.51 19.44 12.79
C GLY A 89 -3.69 18.63 11.52
N GLY A 1 -0.24 -7.97 19.57
CA GLY A 1 -1.49 -7.32 19.92
C GLY A 1 -1.49 -5.84 19.61
N SER A 2 -1.22 -5.02 20.62
CA SER A 2 -1.18 -3.58 20.45
C SER A 2 -0.54 -3.19 19.12
N SER A 3 0.68 -3.68 18.91
CA SER A 3 1.42 -3.39 17.68
C SER A 3 0.61 -3.81 16.46
N GLY A 4 0.03 -2.82 15.78
CA GLY A 4 -0.75 -3.11 14.58
C GLY A 4 -0.12 -2.57 13.33
N SER A 5 0.37 -3.48 12.48
CA SER A 5 1.01 -3.09 11.23
C SER A 5 0.20 -2.03 10.51
N SER A 6 0.75 -0.82 10.43
CA SER A 6 0.07 0.29 9.76
C SER A 6 0.09 0.11 8.25
N GLY A 7 -0.84 -0.70 7.75
CA GLY A 7 -0.92 -0.94 6.32
C GLY A 7 -1.32 0.30 5.55
N ILE A 8 -0.54 0.62 4.52
CA ILE A 8 -0.82 1.79 3.69
C ILE A 8 -1.85 1.47 2.63
N PHE A 9 -2.10 2.44 1.75
CA PHE A 9 -3.08 2.27 0.68
C PHE A 9 -2.62 2.98 -0.58
N VAL A 10 -2.97 2.41 -1.74
CA VAL A 10 -2.60 2.99 -3.02
C VAL A 10 -3.78 3.01 -3.98
N ARG A 11 -3.84 4.06 -4.80
CA ARG A 11 -4.94 4.21 -5.76
C ARG A 11 -4.40 4.66 -7.12
N ASN A 12 -5.19 4.42 -8.16
CA ASN A 12 -4.79 4.80 -9.52
C ASN A 12 -3.68 3.91 -10.03
N LEU A 13 -3.76 2.62 -9.70
CA LEU A 13 -2.75 1.65 -10.13
C LEU A 13 -3.14 1.01 -11.45
N PRO A 14 -2.14 0.75 -12.31
CA PRO A 14 -2.36 0.13 -13.63
C PRO A 14 -2.78 -1.33 -13.51
N PHE A 15 -3.76 -1.72 -14.33
CA PHE A 15 -4.26 -3.09 -14.33
C PHE A 15 -3.10 -4.09 -14.31
N ASP A 16 -2.27 -4.04 -15.35
CA ASP A 16 -1.12 -4.93 -15.46
C ASP A 16 -0.53 -5.21 -14.08
N PHE A 17 -0.60 -4.23 -13.19
CA PHE A 17 -0.07 -4.38 -11.85
C PHE A 17 -0.72 -5.56 -11.13
N THR A 18 0.08 -6.59 -10.86
CA THR A 18 -0.42 -7.78 -10.19
C THR A 18 0.06 -7.83 -8.74
N TRP A 19 -0.75 -8.43 -7.88
CA TRP A 19 -0.41 -8.54 -6.46
C TRP A 19 1.09 -8.73 -6.28
N LYS A 20 1.66 -9.67 -7.03
CA LYS A 20 3.09 -9.95 -6.95
C LYS A 20 3.90 -8.65 -6.95
N MET A 21 3.63 -7.79 -7.92
CA MET A 21 4.33 -6.52 -8.04
C MET A 21 4.20 -5.71 -6.76
N LEU A 22 2.97 -5.46 -6.33
CA LEU A 22 2.72 -4.70 -5.12
C LEU A 22 3.68 -5.10 -4.01
N LYS A 23 3.88 -6.40 -3.85
CA LYS A 23 4.77 -6.92 -2.82
C LYS A 23 6.23 -6.62 -3.18
N ASP A 24 6.68 -7.18 -4.31
CA ASP A 24 8.05 -6.97 -4.75
C ASP A 24 8.36 -5.48 -4.87
N LYS A 25 7.67 -4.80 -5.78
CA LYS A 25 7.88 -3.37 -5.99
C LYS A 25 8.09 -2.65 -4.66
N PHE A 26 7.25 -2.95 -3.69
CA PHE A 26 7.34 -2.34 -2.37
C PHE A 26 8.41 -3.03 -1.52
N ASN A 27 8.71 -4.28 -1.86
CA ASN A 27 9.71 -5.05 -1.14
C ASN A 27 11.06 -4.34 -1.14
N GLU A 28 11.23 -3.41 -2.08
CA GLU A 28 12.48 -2.66 -2.20
C GLU A 28 12.67 -1.74 -1.00
N CYS A 29 11.58 -1.09 -0.60
CA CYS A 29 11.63 -0.16 0.54
C CYS A 29 11.80 -0.92 1.84
N GLY A 30 10.94 -1.92 2.06
CA GLY A 30 11.01 -2.71 3.27
C GLY A 30 10.42 -4.09 3.11
N HIS A 31 10.33 -4.84 4.20
CA HIS A 31 9.78 -6.19 4.17
C HIS A 31 8.26 -6.14 4.10
N VAL A 32 7.70 -6.73 3.04
CA VAL A 32 6.25 -6.77 2.87
C VAL A 32 5.64 -8.00 3.52
N LEU A 33 4.60 -7.79 4.32
CA LEU A 33 3.93 -8.88 5.01
C LEU A 33 2.64 -9.26 4.30
N TYR A 34 1.91 -8.25 3.81
CA TYR A 34 0.65 -8.48 3.11
C TYR A 34 0.58 -7.63 1.84
N ALA A 35 -0.03 -8.19 0.81
CA ALA A 35 -0.17 -7.50 -0.46
C ALA A 35 -1.27 -8.12 -1.31
N ASP A 36 -2.29 -7.33 -1.62
CA ASP A 36 -3.41 -7.81 -2.43
C ASP A 36 -4.03 -6.65 -3.22
N ILE A 37 -4.49 -6.95 -4.43
CA ILE A 37 -5.11 -5.94 -5.28
C ILE A 37 -6.62 -5.88 -5.05
N LYS A 38 -7.05 -4.94 -4.23
CA LYS A 38 -8.47 -4.77 -3.93
C LYS A 38 -9.30 -4.75 -5.21
N MET A 39 -9.99 -5.85 -5.48
CA MET A 39 -10.83 -5.94 -6.67
C MET A 39 -12.30 -5.69 -6.34
N GLU A 40 -12.99 -4.98 -7.21
CA GLU A 40 -14.40 -4.67 -7.00
C GLU A 40 -15.28 -5.64 -7.77
N ASN A 41 -15.69 -6.71 -7.11
CA ASN A 41 -16.54 -7.72 -7.72
C ASN A 41 -15.83 -8.39 -8.89
N GLY A 42 -14.56 -8.74 -8.70
CA GLY A 42 -13.79 -9.38 -9.74
C GLY A 42 -13.29 -8.39 -10.78
N LYS A 43 -12.97 -7.17 -10.33
CA LYS A 43 -12.47 -6.14 -11.23
C LYS A 43 -11.35 -5.35 -10.57
N SER A 44 -10.18 -5.35 -11.19
CA SER A 44 -9.03 -4.62 -10.67
C SER A 44 -9.24 -3.12 -10.76
N LYS A 45 -9.68 -2.52 -9.66
CA LYS A 45 -9.91 -1.08 -9.63
C LYS A 45 -8.63 -0.32 -9.30
N GLY A 46 -7.52 -0.78 -9.87
CA GLY A 46 -6.25 -0.13 -9.62
C GLY A 46 -6.10 0.36 -8.19
N CYS A 47 -6.32 -0.54 -7.24
CA CYS A 47 -6.22 -0.20 -5.82
C CYS A 47 -5.76 -1.40 -5.00
N GLY A 48 -5.01 -1.13 -3.94
CA GLY A 48 -4.52 -2.20 -3.08
C GLY A 48 -3.94 -1.68 -1.78
N VAL A 49 -3.42 -2.60 -0.97
CA VAL A 49 -2.84 -2.22 0.32
C VAL A 49 -1.51 -2.95 0.54
N VAL A 50 -0.71 -2.42 1.47
CA VAL A 50 0.58 -3.02 1.79
C VAL A 50 0.92 -2.84 3.26
N LYS A 51 1.34 -3.93 3.90
CA LYS A 51 1.69 -3.90 5.31
C LYS A 51 3.18 -4.12 5.50
N PHE A 52 3.73 -3.57 6.58
CA PHE A 52 5.15 -3.70 6.87
C PHE A 52 5.37 -4.18 8.30
N GLU A 53 6.61 -4.48 8.64
CA GLU A 53 6.96 -4.96 9.98
C GLU A 53 6.90 -3.82 10.98
N SER A 54 7.50 -2.68 10.62
CA SER A 54 7.52 -1.52 11.51
C SER A 54 6.67 -0.39 10.93
N PRO A 55 6.27 0.56 11.79
CA PRO A 55 5.47 1.71 11.38
C PRO A 55 6.24 2.69 10.51
N GLU A 56 7.51 2.91 10.86
CA GLU A 56 8.36 3.82 10.11
C GLU A 56 8.47 3.39 8.65
N VAL A 57 8.62 2.10 8.43
CA VAL A 57 8.74 1.56 7.07
C VAL A 57 7.45 1.77 6.29
N ALA A 58 6.32 1.68 6.99
CA ALA A 58 5.02 1.85 6.36
C ALA A 58 4.89 3.24 5.75
N GLU A 59 5.00 4.27 6.59
CA GLU A 59 4.90 5.65 6.12
C GLU A 59 6.06 6.00 5.20
N ARG A 60 7.17 5.29 5.35
CA ARG A 60 8.35 5.53 4.53
C ARG A 60 8.08 5.19 3.07
N ALA A 61 7.43 4.06 2.83
CA ALA A 61 7.10 3.62 1.48
C ALA A 61 6.13 4.60 0.82
N CYS A 62 5.35 5.30 1.63
CA CYS A 62 4.38 6.26 1.12
C CYS A 62 5.08 7.43 0.43
N ARG A 63 6.00 8.06 1.15
CA ARG A 63 6.75 9.19 0.60
C ARG A 63 7.53 8.79 -0.65
N MET A 64 8.22 7.66 -0.57
CA MET A 64 9.01 7.15 -1.69
C MET A 64 8.10 6.79 -2.86
N MET A 65 7.10 5.96 -2.60
CA MET A 65 6.16 5.53 -3.63
C MET A 65 5.28 6.70 -4.08
N ASN A 66 4.38 7.13 -3.20
CA ASN A 66 3.48 8.23 -3.50
C ASN A 66 4.16 9.26 -4.40
N GLY A 67 3.93 9.14 -5.71
CA GLY A 67 4.52 10.06 -6.65
C GLY A 67 5.21 9.36 -7.80
N MET A 68 5.11 8.03 -7.82
CA MET A 68 5.74 7.23 -8.87
C MET A 68 4.72 6.85 -9.94
N LYS A 69 5.03 7.17 -11.19
CA LYS A 69 4.14 6.87 -12.30
C LYS A 69 4.45 5.50 -12.89
N LEU A 70 3.61 4.51 -12.58
CA LEU A 70 3.80 3.16 -13.07
C LEU A 70 3.29 3.02 -14.50
N SER A 71 4.22 2.87 -15.44
CA SER A 71 3.86 2.73 -16.85
C SER A 71 3.06 3.93 -17.33
N GLY A 72 3.28 5.07 -16.67
CA GLY A 72 2.57 6.29 -17.04
C GLY A 72 1.29 6.49 -16.25
N ARG A 73 1.29 5.99 -15.02
CA ARG A 73 0.11 6.10 -14.15
C ARG A 73 0.51 6.57 -12.76
N GLU A 74 0.10 7.78 -12.39
CA GLU A 74 0.42 8.33 -11.08
C GLU A 74 -0.44 7.69 -9.99
N ILE A 75 0.16 7.51 -8.81
CA ILE A 75 -0.55 6.91 -7.69
C ILE A 75 -0.39 7.74 -6.43
N ASP A 76 -1.33 7.59 -5.51
CA ASP A 76 -1.30 8.33 -4.25
C ASP A 76 -1.24 7.38 -3.06
N VAL A 77 -0.02 7.16 -2.55
CA VAL A 77 0.17 6.26 -1.41
C VAL A 77 0.13 7.03 -0.10
N ARG A 78 -0.77 6.63 0.79
CA ARG A 78 -0.90 7.29 2.09
C ARG A 78 -1.11 6.26 3.19
N ILE A 79 -0.86 6.67 4.44
CA ILE A 79 -1.03 5.78 5.59
C ILE A 79 -2.51 5.58 5.90
N ASP A 80 -2.97 4.34 5.77
CA ASP A 80 -4.36 4.00 6.05
C ASP A 80 -4.57 3.73 7.54
N ARG A 81 -4.00 4.60 8.38
CA ARG A 81 -4.12 4.45 9.82
C ARG A 81 -5.50 4.89 10.29
N ASN A 82 -5.93 4.35 11.43
CA ASN A 82 -7.23 4.69 12.00
C ASN A 82 -7.08 5.33 13.38
N ALA A 83 -8.18 5.84 13.91
CA ALA A 83 -8.16 6.48 15.22
C ALA A 83 -8.49 5.47 16.33
N SER A 84 -7.45 4.79 16.82
CA SER A 84 -7.63 3.80 17.87
C SER A 84 -6.60 4.00 18.98
N GLY A 85 -6.96 4.84 19.96
CA GLY A 85 -6.07 5.11 21.07
C GLY A 85 -5.86 3.90 21.95
N PRO A 86 -5.09 4.08 23.04
CA PRO A 86 -4.81 3.00 23.98
C PRO A 86 -6.03 2.59 24.80
N SER A 87 -5.84 1.66 25.72
CA SER A 87 -6.93 1.18 26.56
C SER A 87 -6.42 0.79 27.95
N SER A 88 -7.35 0.38 28.82
CA SER A 88 -6.99 -0.02 30.17
C SER A 88 -6.90 -1.53 30.29
N GLY A 89 -5.68 -2.05 30.17
CA GLY A 89 -5.48 -3.49 30.26
C GLY A 89 -6.28 -4.12 31.38
N GLY A 1 -8.36 -3.58 22.11
CA GLY A 1 -6.94 -3.54 22.44
C GLY A 1 -6.11 -2.94 21.32
N SER A 2 -4.79 -3.07 21.44
CA SER A 2 -3.87 -2.54 20.43
C SER A 2 -3.20 -3.67 19.66
N SER A 3 -3.73 -3.95 18.47
CA SER A 3 -3.18 -5.02 17.64
C SER A 3 -1.73 -4.73 17.27
N GLY A 4 -1.50 -3.58 16.65
CA GLY A 4 -0.16 -3.19 16.26
C GLY A 4 0.15 -3.54 14.82
N SER A 5 -0.65 -2.99 13.90
CA SER A 5 -0.46 -3.26 12.47
C SER A 5 -0.77 -2.01 11.65
N SER A 6 0.19 -1.61 10.82
CA SER A 6 0.03 -0.43 9.98
C SER A 6 0.14 -0.80 8.50
N GLY A 7 -0.87 -0.41 7.73
CA GLY A 7 -0.88 -0.71 6.30
C GLY A 7 -1.21 0.51 5.47
N ILE A 8 -0.50 0.66 4.36
CA ILE A 8 -0.73 1.79 3.45
C ILE A 8 -1.72 1.43 2.36
N PHE A 9 -2.27 2.45 1.71
CA PHE A 9 -3.24 2.23 0.64
C PHE A 9 -2.81 2.97 -0.63
N VAL A 10 -2.98 2.30 -1.78
CA VAL A 10 -2.61 2.89 -3.05
C VAL A 10 -3.80 2.91 -4.01
N ARG A 11 -3.82 3.90 -4.89
CA ARG A 11 -4.91 4.05 -5.86
C ARG A 11 -4.37 4.48 -7.22
N ASN A 12 -5.17 4.30 -8.25
CA ASN A 12 -4.78 4.67 -9.61
C ASN A 12 -3.67 3.75 -10.13
N LEU A 13 -3.76 2.48 -9.75
CA LEU A 13 -2.77 1.49 -10.17
C LEU A 13 -3.14 0.89 -11.53
N PRO A 14 -2.13 0.66 -12.37
CA PRO A 14 -2.33 0.08 -13.70
C PRO A 14 -2.74 -1.39 -13.64
N PHE A 15 -3.78 -1.73 -14.38
CA PHE A 15 -4.29 -3.11 -14.41
C PHE A 15 -3.13 -4.11 -14.29
N ASP A 16 -2.24 -4.11 -15.27
CA ASP A 16 -1.10 -5.01 -15.27
C ASP A 16 -0.60 -5.24 -13.85
N PHE A 17 -0.53 -4.18 -13.07
CA PHE A 17 -0.06 -4.26 -11.69
C PHE A 17 -0.72 -5.43 -10.96
N THR A 18 0.04 -6.51 -10.78
CA THR A 18 -0.46 -7.70 -10.12
C THR A 18 0.06 -7.78 -8.68
N TRP A 19 -0.70 -8.45 -7.82
CA TRP A 19 -0.33 -8.60 -6.43
C TRP A 19 1.18 -8.78 -6.28
N LYS A 20 1.75 -9.65 -7.12
CA LYS A 20 3.18 -9.92 -7.09
C LYS A 20 3.98 -8.61 -7.07
N MET A 21 3.59 -7.68 -7.94
CA MET A 21 4.28 -6.39 -8.02
C MET A 21 4.15 -5.63 -6.71
N LEU A 22 2.91 -5.35 -6.32
CA LEU A 22 2.64 -4.62 -5.08
C LEU A 22 3.58 -5.08 -3.96
N LYS A 23 3.74 -6.39 -3.84
CA LYS A 23 4.62 -6.96 -2.82
C LYS A 23 6.08 -6.73 -3.17
N ASP A 24 6.49 -7.20 -4.35
CA ASP A 24 7.86 -7.04 -4.80
C ASP A 24 8.23 -5.57 -4.94
N LYS A 25 7.60 -4.89 -5.90
CA LYS A 25 7.85 -3.47 -6.13
C LYS A 25 8.10 -2.74 -4.81
N PHE A 26 7.27 -3.04 -3.81
CA PHE A 26 7.40 -2.40 -2.51
C PHE A 26 8.49 -3.09 -1.67
N ASN A 27 8.64 -4.39 -1.88
CA ASN A 27 9.63 -5.17 -1.15
C ASN A 27 10.95 -4.41 -1.05
N GLU A 28 11.16 -3.49 -1.99
CA GLU A 28 12.39 -2.69 -2.01
C GLU A 28 12.50 -1.84 -0.76
N CYS A 29 11.42 -1.13 -0.44
CA CYS A 29 11.40 -0.26 0.74
C CYS A 29 11.77 -1.04 2.00
N GLY A 30 11.06 -2.13 2.24
CA GLY A 30 11.32 -2.95 3.40
C GLY A 30 10.75 -4.34 3.29
N HIS A 31 10.30 -4.90 4.40
CA HIS A 31 9.73 -6.25 4.41
C HIS A 31 8.21 -6.18 4.36
N VAL A 32 7.64 -6.70 3.26
CA VAL A 32 6.20 -6.71 3.08
C VAL A 32 5.55 -7.92 3.75
N LEU A 33 4.50 -7.68 4.52
CA LEU A 33 3.80 -8.76 5.22
C LEU A 33 2.54 -9.15 4.47
N TYR A 34 1.87 -8.16 3.87
CA TYR A 34 0.64 -8.41 3.13
C TYR A 34 0.60 -7.57 1.86
N ALA A 35 -0.09 -8.08 0.84
CA ALA A 35 -0.20 -7.39 -0.43
C ALA A 35 -1.30 -8.00 -1.29
N ASP A 36 -2.36 -7.24 -1.53
CA ASP A 36 -3.47 -7.72 -2.35
C ASP A 36 -4.09 -6.57 -3.16
N ILE A 37 -4.41 -6.86 -4.42
CA ILE A 37 -5.01 -5.85 -5.30
C ILE A 37 -6.53 -5.93 -5.28
N LYS A 38 -7.16 -5.03 -4.54
CA LYS A 38 -8.61 -4.99 -4.44
C LYS A 38 -9.25 -5.04 -5.82
N MET A 39 -9.96 -6.14 -6.10
CA MET A 39 -10.62 -6.30 -7.39
C MET A 39 -12.10 -5.98 -7.28
N GLU A 40 -12.79 -5.96 -8.42
CA GLU A 40 -14.22 -5.66 -8.45
C GLU A 40 -14.82 -6.05 -9.80
N ASN A 41 -15.85 -6.90 -9.74
CA ASN A 41 -16.52 -7.36 -10.96
C ASN A 41 -15.56 -8.13 -11.86
N GLY A 42 -14.52 -8.71 -11.24
CA GLY A 42 -13.55 -9.46 -12.00
C GLY A 42 -12.43 -8.59 -12.56
N LYS A 43 -12.70 -7.29 -12.65
CA LYS A 43 -11.71 -6.34 -13.17
C LYS A 43 -11.06 -5.57 -12.03
N SER A 44 -9.76 -5.33 -12.15
CA SER A 44 -9.01 -4.60 -11.13
C SER A 44 -9.41 -3.13 -11.12
N LYS A 45 -9.39 -2.52 -9.93
CA LYS A 45 -9.74 -1.12 -9.79
C LYS A 45 -8.50 -0.27 -9.51
N GLY A 46 -7.33 -0.82 -9.79
CA GLY A 46 -6.09 -0.10 -9.56
C GLY A 46 -5.97 0.39 -8.13
N CYS A 47 -6.04 -0.52 -7.17
CA CYS A 47 -5.93 -0.16 -5.76
C CYS A 47 -5.55 -1.38 -4.93
N GLY A 48 -5.00 -1.12 -3.75
CA GLY A 48 -4.60 -2.21 -2.87
C GLY A 48 -4.04 -1.71 -1.55
N VAL A 49 -3.46 -2.62 -0.77
CA VAL A 49 -2.91 -2.27 0.53
C VAL A 49 -1.60 -3.02 0.79
N VAL A 50 -0.67 -2.36 1.46
CA VAL A 50 0.62 -2.96 1.78
C VAL A 50 0.97 -2.80 3.25
N LYS A 51 1.35 -3.88 3.89
CA LYS A 51 1.72 -3.86 5.31
C LYS A 51 3.20 -4.15 5.49
N PHE A 52 3.77 -3.61 6.56
CA PHE A 52 5.18 -3.80 6.86
C PHE A 52 5.38 -4.28 8.30
N GLU A 53 6.64 -4.46 8.69
CA GLU A 53 6.96 -4.92 10.04
C GLU A 53 6.91 -3.75 11.02
N SER A 54 7.56 -2.65 10.67
CA SER A 54 7.60 -1.47 11.52
C SER A 54 6.77 -0.34 10.92
N PRO A 55 6.37 0.61 11.78
CA PRO A 55 5.56 1.76 11.37
C PRO A 55 6.35 2.74 10.50
N GLU A 56 7.59 2.99 10.87
CA GLU A 56 8.45 3.89 10.13
C GLU A 56 8.59 3.45 8.68
N VAL A 57 8.66 2.14 8.47
CA VAL A 57 8.78 1.59 7.13
C VAL A 57 7.50 1.75 6.34
N ALA A 58 6.37 1.72 7.04
CA ALA A 58 5.07 1.88 6.40
C ALA A 58 4.93 3.25 5.75
N GLU A 59 5.10 4.30 6.55
CA GLU A 59 5.00 5.66 6.06
C GLU A 59 6.14 5.98 5.09
N ARG A 60 7.27 5.32 5.29
CA ARG A 60 8.44 5.53 4.43
C ARG A 60 8.11 5.22 2.98
N ALA A 61 7.48 4.08 2.75
CA ALA A 61 7.11 3.66 1.41
C ALA A 61 6.14 4.65 0.77
N CYS A 62 5.41 5.36 1.61
CA CYS A 62 4.44 6.35 1.13
C CYS A 62 5.15 7.52 0.46
N ARG A 63 6.05 8.17 1.19
CA ARG A 63 6.78 9.31 0.66
C ARG A 63 7.57 8.92 -0.58
N MET A 64 8.18 7.73 -0.54
CA MET A 64 8.96 7.23 -1.65
C MET A 64 8.07 6.88 -2.84
N MET A 65 7.14 5.96 -2.61
CA MET A 65 6.21 5.53 -3.67
C MET A 65 5.32 6.69 -4.10
N ASN A 66 4.44 7.13 -3.21
CA ASN A 66 3.54 8.24 -3.51
C ASN A 66 4.20 9.25 -4.43
N GLY A 67 3.92 9.14 -5.72
CA GLY A 67 4.51 10.06 -6.69
C GLY A 67 5.21 9.34 -7.83
N MET A 68 5.09 8.02 -7.84
CA MET A 68 5.71 7.20 -8.89
C MET A 68 4.72 6.85 -9.98
N LYS A 69 5.02 7.26 -11.20
CA LYS A 69 4.15 6.99 -12.35
C LYS A 69 4.48 5.63 -12.96
N LEU A 70 3.62 4.65 -12.72
CA LEU A 70 3.81 3.31 -13.27
C LEU A 70 3.26 3.20 -14.68
N SER A 71 4.16 3.07 -15.65
CA SER A 71 3.77 2.96 -17.05
C SER A 71 2.95 4.17 -17.48
N GLY A 72 3.22 5.32 -16.85
CA GLY A 72 2.50 6.54 -17.19
C GLY A 72 1.23 6.70 -16.38
N ARG A 73 1.24 6.18 -15.15
CA ARG A 73 0.08 6.26 -14.28
C ARG A 73 0.49 6.71 -12.87
N GLU A 74 0.06 7.89 -12.47
CA GLU A 74 0.37 8.42 -11.15
C GLU A 74 -0.47 7.74 -10.08
N ILE A 75 0.12 7.57 -8.89
CA ILE A 75 -0.57 6.94 -7.79
C ILE A 75 -0.41 7.75 -6.50
N ASP A 76 -1.36 7.57 -5.58
CA ASP A 76 -1.32 8.29 -4.31
C ASP A 76 -1.28 7.31 -3.14
N VAL A 77 -0.12 7.23 -2.49
CA VAL A 77 0.05 6.33 -1.35
C VAL A 77 -0.09 7.08 -0.04
N ARG A 78 -0.63 6.41 0.98
CA ARG A 78 -0.81 7.01 2.29
C ARG A 78 -0.94 5.94 3.36
N ILE A 79 -0.83 6.36 4.63
CA ILE A 79 -0.94 5.43 5.74
C ILE A 79 -2.39 5.12 6.07
N ASP A 80 -2.78 3.87 5.87
CA ASP A 80 -4.15 3.44 6.15
C ASP A 80 -4.21 2.64 7.45
N ARG A 81 -4.09 3.34 8.57
CA ARG A 81 -4.13 2.71 9.88
C ARG A 81 -5.27 1.70 9.95
N ASN A 82 -5.01 0.57 10.59
CA ASN A 82 -6.03 -0.48 10.73
C ASN A 82 -7.18 0.00 11.61
N ALA A 83 -6.86 0.48 12.80
CA ALA A 83 -7.87 0.97 13.73
C ALA A 83 -7.39 2.21 14.46
N SER A 84 -8.32 2.93 15.09
CA SER A 84 -7.98 4.14 15.82
C SER A 84 -7.38 3.81 17.17
N GLY A 85 -6.42 4.63 17.60
CA GLY A 85 -5.77 4.40 18.89
C GLY A 85 -4.70 5.44 19.18
N PRO A 86 -3.94 5.20 20.26
CA PRO A 86 -2.86 6.11 20.68
C PRO A 86 -1.68 6.10 19.72
N SER A 87 -1.53 7.19 18.96
CA SER A 87 -0.44 7.29 18.00
C SER A 87 -0.12 8.75 17.70
N SER A 88 1.07 9.00 17.15
CA SER A 88 1.49 10.35 16.81
C SER A 88 1.01 10.74 15.42
N GLY A 89 1.32 9.91 14.43
CA GLY A 89 0.92 10.20 13.07
C GLY A 89 2.01 10.87 12.27
N GLY A 1 -8.29 -3.43 17.36
CA GLY A 1 -7.25 -3.78 16.41
C GLY A 1 -6.00 -4.30 17.10
N SER A 2 -5.23 -3.40 17.70
CA SER A 2 -4.00 -3.78 18.38
C SER A 2 -3.02 -4.46 17.43
N SER A 3 -2.94 -3.92 16.21
CA SER A 3 -2.05 -4.48 15.20
C SER A 3 -0.76 -3.66 15.10
N GLY A 4 0.38 -4.34 15.13
CA GLY A 4 1.66 -3.67 15.05
C GLY A 4 2.13 -3.51 13.62
N SER A 5 1.25 -3.04 12.75
CA SER A 5 1.59 -2.85 11.34
C SER A 5 0.59 -1.90 10.68
N SER A 6 1.04 -0.69 10.38
CA SER A 6 0.20 0.32 9.74
C SER A 6 0.20 0.13 8.23
N GLY A 7 -0.70 -0.72 7.75
CA GLY A 7 -0.79 -0.96 6.32
C GLY A 7 -1.22 0.27 5.54
N ILE A 8 -0.45 0.63 4.52
CA ILE A 8 -0.77 1.79 3.70
C ILE A 8 -1.82 1.46 2.67
N PHE A 9 -2.11 2.43 1.79
CA PHE A 9 -3.12 2.24 0.75
C PHE A 9 -2.70 2.95 -0.53
N VAL A 10 -2.98 2.31 -1.67
CA VAL A 10 -2.63 2.89 -2.97
C VAL A 10 -3.86 2.99 -3.87
N ARG A 11 -3.79 3.87 -4.86
CA ARG A 11 -4.89 4.07 -5.79
C ARG A 11 -4.39 4.53 -7.15
N ASN A 12 -5.20 4.32 -8.18
CA ASN A 12 -4.83 4.72 -9.54
C ASN A 12 -3.78 3.78 -10.12
N LEU A 13 -3.81 2.52 -9.67
CA LEU A 13 -2.86 1.52 -10.14
C LEU A 13 -3.30 0.94 -11.49
N PRO A 14 -2.34 0.71 -12.38
CA PRO A 14 -2.61 0.14 -13.71
C PRO A 14 -3.04 -1.31 -13.65
N PHE A 15 -3.88 -1.72 -14.58
CA PHE A 15 -4.38 -3.09 -14.64
C PHE A 15 -3.22 -4.08 -14.59
N ASP A 16 -2.33 -3.99 -15.57
CA ASP A 16 -1.18 -4.88 -15.64
C ASP A 16 -0.61 -5.14 -14.25
N PHE A 17 -0.82 -4.18 -13.35
CA PHE A 17 -0.32 -4.32 -11.98
C PHE A 17 -0.95 -5.50 -11.27
N THR A 18 -0.11 -6.41 -10.80
CA THR A 18 -0.58 -7.61 -10.10
C THR A 18 -0.04 -7.67 -8.68
N TRP A 19 -0.79 -8.33 -7.80
CA TRP A 19 -0.38 -8.46 -6.40
C TRP A 19 1.11 -8.75 -6.30
N LYS A 20 1.59 -9.69 -7.10
CA LYS A 20 3.00 -10.05 -7.09
C LYS A 20 3.88 -8.81 -7.06
N MET A 21 3.57 -7.85 -7.93
CA MET A 21 4.34 -6.61 -8.00
C MET A 21 4.21 -5.82 -6.70
N LEU A 22 2.97 -5.48 -6.34
CA LEU A 22 2.71 -4.72 -5.13
C LEU A 22 3.65 -5.15 -4.00
N LYS A 23 3.84 -6.46 -3.87
CA LYS A 23 4.71 -7.00 -2.84
C LYS A 23 6.18 -6.69 -3.15
N ASP A 24 6.69 -7.31 -4.21
CA ASP A 24 8.08 -7.09 -4.61
C ASP A 24 8.37 -5.61 -4.79
N LYS A 25 7.67 -4.99 -5.73
CA LYS A 25 7.86 -3.56 -6.00
C LYS A 25 8.12 -2.79 -4.72
N PHE A 26 7.24 -2.97 -3.74
CA PHE A 26 7.38 -2.30 -2.45
C PHE A 26 8.48 -2.94 -1.61
N ASN A 27 8.70 -4.23 -1.83
CA ASN A 27 9.72 -4.97 -1.09
C ASN A 27 11.03 -4.19 -1.03
N GLU A 28 11.24 -3.33 -2.04
CA GLU A 28 12.46 -2.52 -2.10
C GLU A 28 12.53 -1.56 -0.92
N CYS A 29 11.40 -0.93 -0.61
CA CYS A 29 11.34 0.02 0.50
C CYS A 29 11.69 -0.66 1.82
N GLY A 30 11.08 -1.82 2.05
CA GLY A 30 11.33 -2.56 3.27
C GLY A 30 10.88 -4.00 3.19
N HIS A 31 10.14 -4.45 4.20
CA HIS A 31 9.65 -5.82 4.24
C HIS A 31 8.11 -5.85 4.12
N VAL A 32 7.63 -6.46 3.04
CA VAL A 32 6.19 -6.56 2.80
C VAL A 32 5.62 -7.84 3.40
N LEU A 33 4.64 -7.69 4.27
CA LEU A 33 4.00 -8.83 4.91
C LEU A 33 2.72 -9.23 4.18
N TYR A 34 1.91 -8.24 3.84
CA TYR A 34 0.65 -8.50 3.14
C TYR A 34 0.56 -7.62 1.89
N ALA A 35 0.08 -8.22 0.80
CA ALA A 35 -0.07 -7.50 -0.46
C ALA A 35 -1.18 -8.11 -1.32
N ASP A 36 -2.27 -7.37 -1.48
CA ASP A 36 -3.39 -7.84 -2.27
C ASP A 36 -4.05 -6.69 -3.03
N ILE A 37 -4.47 -6.95 -4.26
CA ILE A 37 -5.12 -5.93 -5.08
C ILE A 37 -6.63 -5.94 -4.88
N LYS A 38 -7.12 -5.03 -4.05
CA LYS A 38 -8.55 -4.93 -3.78
C LYS A 38 -9.35 -4.90 -5.08
N MET A 39 -10.41 -5.70 -5.14
CA MET A 39 -11.26 -5.76 -6.32
C MET A 39 -12.70 -5.43 -5.98
N GLU A 40 -13.49 -5.11 -7.00
CA GLU A 40 -14.89 -4.76 -6.80
C GLU A 40 -15.79 -5.54 -7.75
N ASN A 41 -16.47 -6.57 -7.22
CA ASN A 41 -17.36 -7.39 -8.04
C ASN A 41 -16.57 -8.15 -9.10
N GLY A 42 -15.33 -8.50 -8.77
CA GLY A 42 -14.49 -9.22 -9.71
C GLY A 42 -13.82 -8.31 -10.71
N LYS A 43 -13.58 -7.06 -10.31
CA LYS A 43 -12.93 -6.10 -11.19
C LYS A 43 -11.84 -5.33 -10.45
N SER A 44 -10.65 -5.27 -11.04
CA SER A 44 -9.53 -4.58 -10.44
C SER A 44 -9.69 -3.07 -10.55
N LYS A 45 -9.82 -2.41 -9.40
CA LYS A 45 -10.00 -0.96 -9.36
C LYS A 45 -8.66 -0.26 -9.13
N GLY A 46 -7.58 -0.88 -9.62
CA GLY A 46 -6.26 -0.30 -9.45
C GLY A 46 -6.02 0.21 -8.05
N CYS A 47 -6.40 -0.59 -7.05
CA CYS A 47 -6.23 -0.20 -5.66
C CYS A 47 -5.85 -1.41 -4.80
N GLY A 48 -5.03 -1.18 -3.79
CA GLY A 48 -4.61 -2.25 -2.91
C GLY A 48 -4.03 -1.75 -1.61
N VAL A 49 -3.42 -2.65 -0.85
CA VAL A 49 -2.82 -2.29 0.43
C VAL A 49 -1.51 -3.04 0.65
N VAL A 50 -0.63 -2.46 1.46
CA VAL A 50 0.66 -3.07 1.75
C VAL A 50 1.05 -2.86 3.21
N LYS A 51 1.40 -3.95 3.88
CA LYS A 51 1.79 -3.89 5.29
C LYS A 51 3.30 -4.09 5.44
N PHE A 52 3.84 -3.62 6.56
CA PHE A 52 5.27 -3.75 6.83
C PHE A 52 5.51 -4.26 8.25
N GLU A 53 6.77 -4.57 8.56
CA GLU A 53 7.14 -5.07 9.88
C GLU A 53 7.07 -3.95 10.91
N SER A 54 7.64 -2.80 10.56
CA SER A 54 7.66 -1.66 11.47
C SER A 54 6.76 -0.54 10.94
N PRO A 55 6.30 0.33 11.86
CA PRO A 55 5.44 1.46 11.51
C PRO A 55 6.17 2.53 10.71
N GLU A 56 7.45 2.71 11.02
CA GLU A 56 8.26 3.71 10.33
C GLU A 56 8.36 3.39 8.83
N VAL A 57 8.51 2.11 8.52
CA VAL A 57 8.61 1.67 7.13
C VAL A 57 7.30 1.85 6.39
N ALA A 58 6.19 1.74 7.13
CA ALA A 58 4.87 1.90 6.55
C ALA A 58 4.69 3.27 5.92
N GLU A 59 5.03 4.31 6.69
CA GLU A 59 4.91 5.69 6.21
C GLU A 59 6.06 6.03 5.27
N ARG A 60 7.19 5.34 5.43
CA ARG A 60 8.35 5.57 4.59
C ARG A 60 8.03 5.31 3.12
N ALA A 61 7.35 4.20 2.85
CA ALA A 61 6.98 3.84 1.49
C ALA A 61 5.99 4.86 0.90
N CYS A 62 5.22 5.50 1.77
CA CYS A 62 4.24 6.50 1.34
C CYS A 62 4.93 7.75 0.82
N ARG A 63 6.19 7.94 1.22
CA ARG A 63 6.97 9.10 0.79
C ARG A 63 7.79 8.78 -0.44
N MET A 64 8.28 7.54 -0.51
CA MET A 64 9.09 7.10 -1.64
C MET A 64 8.21 6.69 -2.81
N MET A 65 7.22 5.85 -2.53
CA MET A 65 6.30 5.38 -3.57
C MET A 65 5.41 6.52 -4.07
N ASN A 66 4.53 7.00 -3.20
CA ASN A 66 3.62 8.08 -3.55
C ASN A 66 4.29 9.06 -4.51
N GLY A 67 3.97 8.93 -5.79
CA GLY A 67 4.55 9.81 -6.79
C GLY A 67 5.29 9.06 -7.87
N MET A 68 5.13 7.73 -7.88
CA MET A 68 5.79 6.89 -8.87
C MET A 68 4.84 6.54 -10.01
N LYS A 69 5.11 7.10 -11.19
CA LYS A 69 4.28 6.84 -12.35
C LYS A 69 4.53 5.45 -12.91
N LEU A 70 3.61 4.54 -12.63
CA LEU A 70 3.74 3.15 -13.10
C LEU A 70 3.28 3.03 -14.55
N SER A 71 4.24 3.05 -15.47
CA SER A 71 3.94 2.93 -16.89
C SER A 71 3.22 4.19 -17.39
N GLY A 72 3.47 5.31 -16.74
CA GLY A 72 2.84 6.56 -17.13
C GLY A 72 1.56 6.83 -16.35
N ARG A 73 1.40 6.14 -15.22
CA ARG A 73 0.22 6.31 -14.39
C ARG A 73 0.61 6.74 -12.98
N GLU A 74 0.19 7.95 -12.60
CA GLU A 74 0.49 8.48 -11.28
C GLU A 74 -0.38 7.81 -10.22
N ILE A 75 0.20 7.57 -9.05
CA ILE A 75 -0.51 6.94 -7.95
C ILE A 75 -0.30 7.69 -6.64
N ASP A 76 -1.26 7.59 -5.74
CA ASP A 76 -1.17 8.25 -4.44
C ASP A 76 -1.14 7.24 -3.31
N VAL A 77 -0.04 7.23 -2.56
CA VAL A 77 0.12 6.31 -1.44
C VAL A 77 0.09 7.06 -0.11
N ARG A 78 -0.89 6.73 0.72
CA ARG A 78 -1.04 7.36 2.03
C ARG A 78 -1.18 6.31 3.13
N ILE A 79 -0.94 6.73 4.37
CA ILE A 79 -1.04 5.83 5.51
C ILE A 79 -2.50 5.50 5.83
N ASP A 80 -2.82 4.22 5.88
CA ASP A 80 -4.18 3.78 6.17
C ASP A 80 -4.30 3.35 7.64
N ARG A 81 -4.84 4.23 8.46
CA ARG A 81 -5.00 3.95 9.88
C ARG A 81 -5.81 2.67 10.09
N ASN A 82 -5.18 1.68 10.70
CA ASN A 82 -5.83 0.40 10.96
C ASN A 82 -7.13 0.60 11.73
N ALA A 83 -7.08 1.45 12.76
CA ALA A 83 -8.25 1.73 13.57
C ALA A 83 -8.13 3.09 14.25
N SER A 84 -9.25 3.81 14.32
CA SER A 84 -9.27 5.13 14.94
C SER A 84 -9.19 5.03 16.46
N GLY A 85 -8.11 5.56 17.02
CA GLY A 85 -7.93 5.50 18.46
C GLY A 85 -6.53 5.93 18.88
N PRO A 86 -6.47 6.93 19.78
CA PRO A 86 -5.19 7.45 20.28
C PRO A 86 -4.46 6.46 21.18
N SER A 87 -3.26 6.09 20.81
CA SER A 87 -2.46 5.14 21.58
C SER A 87 -0.98 5.32 21.30
N SER A 88 -0.24 5.73 22.33
CA SER A 88 1.21 5.95 22.19
C SER A 88 1.90 5.75 23.54
N GLY A 89 2.98 4.97 23.52
CA GLY A 89 3.72 4.70 24.73
C GLY A 89 3.02 3.72 25.65
N GLY A 1 4.78 -12.13 14.40
CA GLY A 1 4.54 -11.22 15.50
C GLY A 1 4.45 -9.78 15.04
N SER A 2 3.22 -9.25 15.00
CA SER A 2 3.00 -7.87 14.57
C SER A 2 2.32 -7.06 15.67
N SER A 3 2.87 -5.89 15.96
CA SER A 3 2.32 -5.02 17.00
C SER A 3 1.25 -4.10 16.42
N GLY A 4 1.62 -3.38 15.36
CA GLY A 4 0.69 -2.46 14.73
C GLY A 4 0.82 -2.45 13.21
N SER A 5 0.06 -3.30 12.55
CA SER A 5 0.10 -3.39 11.09
C SER A 5 -0.51 -2.14 10.46
N SER A 6 0.26 -1.06 10.45
CA SER A 6 -0.19 0.19 9.88
C SER A 6 -0.91 -0.03 8.55
N GLY A 7 -0.23 -0.74 7.64
CA GLY A 7 -0.81 -1.02 6.34
C GLY A 7 -1.19 0.24 5.60
N ILE A 8 -0.53 0.47 4.47
CA ILE A 8 -0.81 1.65 3.66
C ILE A 8 -1.91 1.38 2.65
N PHE A 9 -2.18 2.36 1.78
CA PHE A 9 -3.20 2.22 0.76
C PHE A 9 -2.81 2.93 -0.53
N VAL A 10 -2.92 2.24 -1.65
CA VAL A 10 -2.57 2.79 -2.94
C VAL A 10 -3.79 2.85 -3.86
N ARG A 11 -3.83 3.87 -4.72
CA ARG A 11 -4.93 4.02 -5.67
C ARG A 11 -4.42 4.50 -7.02
N ASN A 12 -5.23 4.27 -8.06
CA ASN A 12 -4.86 4.66 -9.41
C ASN A 12 -3.73 3.79 -9.95
N LEU A 13 -3.82 2.49 -9.69
CA LEU A 13 -2.80 1.55 -10.15
C LEU A 13 -3.18 0.95 -11.50
N PRO A 14 -2.17 0.69 -12.34
CA PRO A 14 -2.38 0.12 -13.68
C PRO A 14 -2.83 -1.34 -13.61
N PHE A 15 -3.89 -1.65 -14.35
CA PHE A 15 -4.43 -3.01 -14.37
C PHE A 15 -3.31 -4.04 -14.26
N ASP A 16 -2.43 -4.06 -15.25
CA ASP A 16 -1.30 -4.99 -15.26
C ASP A 16 -0.81 -5.25 -13.84
N PHE A 17 -0.57 -4.18 -13.10
CA PHE A 17 -0.08 -4.28 -11.73
C PHE A 17 -0.68 -5.50 -11.04
N THR A 18 0.12 -6.56 -10.93
CA THR A 18 -0.33 -7.80 -10.29
C THR A 18 0.11 -7.84 -8.83
N TRP A 19 -0.66 -8.55 -8.01
CA TRP A 19 -0.35 -8.67 -6.59
C TRP A 19 1.16 -8.82 -6.37
N LYS A 20 1.77 -9.70 -7.15
CA LYS A 20 3.21 -9.94 -7.04
C LYS A 20 3.98 -8.62 -7.03
N MET A 21 3.69 -7.76 -8.00
CA MET A 21 4.35 -6.47 -8.10
C MET A 21 4.23 -5.69 -6.79
N LEU A 22 3.00 -5.39 -6.40
CA LEU A 22 2.74 -4.65 -5.18
C LEU A 22 3.73 -5.07 -4.08
N LYS A 23 3.93 -6.37 -3.94
CA LYS A 23 4.85 -6.89 -2.93
C LYS A 23 6.30 -6.58 -3.31
N ASP A 24 6.82 -7.28 -4.32
CA ASP A 24 8.19 -7.07 -4.76
C ASP A 24 8.49 -5.58 -4.90
N LYS A 25 7.76 -4.92 -5.79
CA LYS A 25 7.96 -3.49 -6.02
C LYS A 25 8.21 -2.76 -4.71
N PHE A 26 7.33 -2.98 -3.73
CA PHE A 26 7.45 -2.34 -2.43
C PHE A 26 8.53 -3.03 -1.58
N ASN A 27 8.84 -4.27 -1.94
CA ASN A 27 9.85 -5.04 -1.22
C ASN A 27 11.16 -4.28 -1.15
N GLU A 28 11.30 -3.25 -1.98
CA GLU A 28 12.51 -2.44 -2.01
C GLU A 28 12.58 -1.52 -0.79
N CYS A 29 11.47 -0.87 -0.48
CA CYS A 29 11.41 0.04 0.66
C CYS A 29 11.76 -0.69 1.95
N GLY A 30 11.05 -1.79 2.22
CA GLY A 30 11.30 -2.56 3.43
C GLY A 30 10.87 -4.01 3.29
N HIS A 31 10.07 -4.47 4.24
CA HIS A 31 9.58 -5.85 4.21
C HIS A 31 8.06 -5.89 4.08
N VAL A 32 7.58 -6.57 3.04
CA VAL A 32 6.15 -6.69 2.80
C VAL A 32 5.58 -7.94 3.46
N LEU A 33 4.53 -7.76 4.25
CA LEU A 33 3.89 -8.88 4.94
C LEU A 33 2.59 -9.27 4.24
N TYR A 34 1.81 -8.28 3.83
CA TYR A 34 0.56 -8.53 3.15
C TYR A 34 0.41 -7.64 1.92
N ALA A 35 -0.03 -8.24 0.82
CA ALA A 35 -0.21 -7.51 -0.43
C ALA A 35 -1.35 -8.10 -1.25
N ASP A 36 -2.37 -7.29 -1.50
CA ASP A 36 -3.53 -7.74 -2.27
C ASP A 36 -4.12 -6.58 -3.08
N ILE A 37 -4.60 -6.89 -4.28
CA ILE A 37 -5.18 -5.88 -5.16
C ILE A 37 -6.70 -5.85 -5.01
N LYS A 38 -7.20 -4.96 -4.17
CA LYS A 38 -8.63 -4.82 -3.95
C LYS A 38 -9.40 -4.96 -5.27
N MET A 39 -10.02 -6.12 -5.46
CA MET A 39 -10.78 -6.38 -6.67
C MET A 39 -12.26 -6.04 -6.47
N GLU A 40 -13.00 -5.97 -7.57
CA GLU A 40 -14.42 -5.66 -7.51
C GLU A 40 -15.10 -5.96 -8.84
N ASN A 41 -16.07 -6.87 -8.80
CA ASN A 41 -16.81 -7.25 -10.00
C ASN A 41 -15.93 -8.06 -10.94
N GLY A 42 -14.95 -8.77 -10.37
CA GLY A 42 -14.05 -9.58 -11.17
C GLY A 42 -12.94 -8.77 -11.79
N LYS A 43 -13.12 -7.45 -11.84
CA LYS A 43 -12.12 -6.56 -12.41
C LYS A 43 -11.35 -5.83 -11.33
N SER A 44 -10.15 -5.38 -11.66
CA SER A 44 -9.31 -4.65 -10.71
C SER A 44 -9.68 -3.18 -10.66
N LYS A 45 -9.67 -2.61 -9.45
CA LYS A 45 -10.00 -1.20 -9.27
C LYS A 45 -8.74 -0.36 -9.10
N GLY A 46 -7.63 -0.84 -9.65
CA GLY A 46 -6.38 -0.12 -9.55
C GLY A 46 -6.12 0.41 -8.15
N CYS A 47 -6.22 -0.48 -7.16
CA CYS A 47 -6.00 -0.09 -5.77
C CYS A 47 -5.69 -1.31 -4.91
N GLY A 48 -4.95 -1.11 -3.83
CA GLY A 48 -4.59 -2.19 -2.94
C GLY A 48 -4.00 -1.71 -1.64
N VAL A 49 -3.57 -2.65 -0.81
CA VAL A 49 -2.97 -2.31 0.48
C VAL A 49 -1.64 -3.03 0.68
N VAL A 50 -0.78 -2.46 1.51
CA VAL A 50 0.53 -3.05 1.79
C VAL A 50 0.92 -2.84 3.25
N LYS A 51 1.25 -3.93 3.92
CA LYS A 51 1.65 -3.87 5.33
C LYS A 51 3.15 -4.09 5.47
N PHE A 52 3.69 -3.69 6.62
CA PHE A 52 5.13 -3.83 6.87
C PHE A 52 5.37 -4.32 8.30
N GLU A 53 6.63 -4.60 8.62
CA GLU A 53 6.99 -5.08 9.94
C GLU A 53 7.04 -3.94 10.95
N SER A 54 7.59 -2.80 10.52
CA SER A 54 7.70 -1.63 11.37
C SER A 54 6.80 -0.50 10.88
N PRO A 55 6.39 0.38 11.80
CA PRO A 55 5.52 1.52 11.47
C PRO A 55 6.23 2.57 10.64
N GLU A 56 7.53 2.74 10.88
CA GLU A 56 8.33 3.72 10.15
C GLU A 56 8.42 3.34 8.66
N VAL A 57 8.55 2.05 8.40
CA VAL A 57 8.64 1.56 7.03
C VAL A 57 7.32 1.72 6.28
N ALA A 58 6.22 1.55 7.01
CA ALA A 58 4.89 1.68 6.42
C ALA A 58 4.69 3.07 5.85
N GLU A 59 5.02 4.09 6.64
CA GLU A 59 4.86 5.47 6.21
C GLU A 59 6.01 5.89 5.30
N ARG A 60 7.16 5.22 5.45
CA ARG A 60 8.33 5.53 4.65
C ARG A 60 8.04 5.33 3.16
N ALA A 61 7.32 4.26 2.84
CA ALA A 61 6.98 3.96 1.46
C ALA A 61 6.07 5.03 0.88
N CYS A 62 5.30 5.68 1.73
CA CYS A 62 4.38 6.74 1.31
C CYS A 62 5.16 7.95 0.79
N ARG A 63 6.42 8.05 1.18
CA ARG A 63 7.26 9.15 0.76
C ARG A 63 8.05 8.80 -0.50
N MET A 64 8.52 7.56 -0.56
CA MET A 64 9.29 7.09 -1.71
C MET A 64 8.35 6.66 -2.84
N MET A 65 7.40 5.80 -2.53
CA MET A 65 6.46 5.31 -3.53
C MET A 65 5.64 6.46 -4.10
N ASN A 66 4.80 7.06 -3.27
CA ASN A 66 3.96 8.18 -3.69
C ASN A 66 4.68 9.04 -4.71
N GLY A 67 4.03 9.26 -5.86
CA GLY A 67 4.63 10.07 -6.90
C GLY A 67 5.33 9.24 -7.95
N MET A 68 5.11 7.94 -7.91
CA MET A 68 5.73 7.02 -8.87
C MET A 68 4.75 6.65 -9.98
N LYS A 69 5.04 7.11 -11.19
CA LYS A 69 4.18 6.82 -12.33
C LYS A 69 4.46 5.42 -12.89
N LEU A 70 3.53 4.51 -12.64
CA LEU A 70 3.67 3.13 -13.12
C LEU A 70 3.19 3.00 -14.55
N SER A 71 4.15 2.91 -15.49
CA SER A 71 3.82 2.79 -16.90
C SER A 71 3.07 4.02 -17.39
N GLY A 72 3.27 5.15 -16.72
CA GLY A 72 2.60 6.37 -17.11
C GLY A 72 1.32 6.61 -16.32
N ARG A 73 1.28 6.09 -15.09
CA ARG A 73 0.10 6.25 -14.24
C ARG A 73 0.52 6.68 -12.84
N GLU A 74 0.12 7.89 -12.46
CA GLU A 74 0.43 8.43 -11.15
C GLU A 74 -0.45 7.81 -10.07
N ILE A 75 0.14 7.51 -8.92
CA ILE A 75 -0.60 6.91 -7.81
C ILE A 75 -0.48 7.76 -6.55
N ASP A 76 -1.51 7.69 -5.71
CA ASP A 76 -1.51 8.44 -4.45
C ASP A 76 -1.40 7.52 -3.26
N VAL A 77 -0.20 7.40 -2.70
CA VAL A 77 0.04 6.54 -1.55
C VAL A 77 -0.16 7.31 -0.25
N ARG A 78 -0.90 6.72 0.67
CA ARG A 78 -1.17 7.34 1.97
C ARG A 78 -1.34 6.29 3.05
N ILE A 79 -1.06 6.68 4.29
CA ILE A 79 -1.18 5.77 5.43
C ILE A 79 -2.65 5.50 5.75
N ASP A 80 -2.99 4.22 5.88
CA ASP A 80 -4.35 3.81 6.18
C ASP A 80 -4.49 3.42 7.66
N ARG A 81 -4.26 4.38 8.54
CA ARG A 81 -4.35 4.13 9.98
C ARG A 81 -5.65 3.42 10.33
N ASN A 82 -5.52 2.23 10.89
CA ASN A 82 -6.68 1.44 11.28
C ASN A 82 -7.79 2.34 11.84
N ALA A 83 -9.03 1.86 11.75
CA ALA A 83 -10.16 2.62 12.26
C ALA A 83 -10.11 2.75 13.77
N SER A 84 -9.46 3.81 14.25
CA SER A 84 -9.33 4.05 15.68
C SER A 84 -9.10 5.52 15.96
N GLY A 85 -9.45 5.94 17.18
CA GLY A 85 -9.27 7.34 17.56
C GLY A 85 -8.93 7.49 19.03
N PRO A 86 -7.66 7.23 19.38
CA PRO A 86 -7.18 7.34 20.76
C PRO A 86 -7.11 8.78 21.24
N SER A 87 -7.13 8.97 22.54
CA SER A 87 -7.06 10.31 23.13
C SER A 87 -5.62 10.74 23.36
N SER A 88 -5.28 11.93 22.86
CA SER A 88 -3.93 12.45 23.00
C SER A 88 -3.92 13.72 23.86
N GLY A 89 -4.70 14.71 23.44
CA GLY A 89 -4.76 15.96 24.18
C GLY A 89 -3.95 17.06 23.54
N GLY A 1 11.05 -2.70 19.78
CA GLY A 1 10.20 -1.70 20.40
C GLY A 1 9.30 -1.00 19.39
N SER A 2 8.36 -1.75 18.82
CA SER A 2 7.43 -1.20 17.84
C SER A 2 6.09 -0.88 18.48
N SER A 3 5.40 0.11 17.92
CA SER A 3 4.10 0.52 18.44
C SER A 3 3.00 -0.43 17.96
N GLY A 4 3.03 -0.75 16.67
CA GLY A 4 2.03 -1.64 16.10
C GLY A 4 2.09 -1.69 14.59
N SER A 5 1.74 -2.83 14.01
CA SER A 5 1.76 -3.01 12.57
C SER A 5 0.68 -2.14 11.91
N SER A 6 1.02 -1.61 10.74
CA SER A 6 0.08 -0.76 10.00
C SER A 6 0.17 -1.03 8.50
N GLY A 7 -0.93 -0.80 7.80
CA GLY A 7 -0.97 -1.02 6.37
C GLY A 7 -1.32 0.22 5.59
N ILE A 8 -0.56 0.51 4.54
CA ILE A 8 -0.80 1.69 3.71
C ILE A 8 -1.85 1.40 2.65
N PHE A 9 -2.20 2.42 1.88
CA PHE A 9 -3.18 2.28 0.82
C PHE A 9 -2.72 2.97 -0.46
N VAL A 10 -3.00 2.36 -1.60
CA VAL A 10 -2.61 2.91 -2.89
C VAL A 10 -3.80 2.97 -3.84
N ARG A 11 -3.83 4.01 -4.68
CA ARG A 11 -4.90 4.19 -5.64
C ARG A 11 -4.36 4.61 -7.00
N ASN A 12 -5.15 4.36 -8.05
CA ASN A 12 -4.74 4.71 -9.40
C ASN A 12 -3.61 3.80 -9.89
N LEU A 13 -3.85 2.49 -9.84
CA LEU A 13 -2.85 1.52 -10.26
C LEU A 13 -3.20 0.94 -11.63
N PRO A 14 -2.18 0.71 -12.46
CA PRO A 14 -2.35 0.16 -13.80
C PRO A 14 -2.79 -1.30 -13.78
N PHE A 15 -3.80 -1.63 -14.58
CA PHE A 15 -4.31 -2.99 -14.65
C PHE A 15 -3.17 -4.01 -14.58
N ASP A 16 -2.22 -3.87 -15.49
CA ASP A 16 -1.07 -4.78 -15.54
C ASP A 16 -0.55 -5.06 -14.13
N PHE A 17 -0.55 -4.05 -13.28
CA PHE A 17 -0.08 -4.19 -11.91
C PHE A 17 -0.69 -5.43 -11.26
N THR A 18 0.17 -6.38 -10.89
CA THR A 18 -0.28 -7.62 -10.27
C THR A 18 0.11 -7.66 -8.79
N TRP A 19 -0.66 -8.40 -8.01
CA TRP A 19 -0.40 -8.51 -6.57
C TRP A 19 1.10 -8.68 -6.30
N LYS A 20 1.74 -9.57 -7.06
CA LYS A 20 3.16 -9.82 -6.91
C LYS A 20 3.94 -8.52 -6.87
N MET A 21 3.71 -7.66 -7.87
CA MET A 21 4.39 -6.38 -7.95
C MET A 21 4.21 -5.59 -6.66
N LEU A 22 2.96 -5.28 -6.34
CA LEU A 22 2.65 -4.52 -5.13
C LEU A 22 3.57 -4.90 -3.99
N LYS A 23 3.80 -6.21 -3.83
CA LYS A 23 4.66 -6.72 -2.78
C LYS A 23 6.13 -6.42 -3.09
N ASP A 24 6.64 -7.06 -4.14
CA ASP A 24 8.03 -6.86 -4.54
C ASP A 24 8.34 -5.38 -4.75
N LYS A 25 7.67 -4.77 -5.72
CA LYS A 25 7.87 -3.35 -6.01
C LYS A 25 8.06 -2.56 -4.73
N PHE A 26 7.36 -2.97 -3.67
CA PHE A 26 7.45 -2.28 -2.39
C PHE A 26 8.59 -2.86 -1.54
N ASN A 27 8.83 -4.16 -1.70
CA ASN A 27 9.88 -4.84 -0.96
C ASN A 27 11.18 -4.04 -1.00
N GLU A 28 11.29 -3.15 -1.99
CA GLU A 28 12.48 -2.32 -2.14
C GLU A 28 12.71 -1.45 -0.91
N CYS A 29 11.64 -0.87 -0.40
CA CYS A 29 11.72 -0.01 0.77
C CYS A 29 11.96 -0.84 2.03
N GLY A 30 11.13 -1.86 2.23
CA GLY A 30 11.26 -2.71 3.39
C GLY A 30 10.76 -4.12 3.14
N HIS A 31 10.36 -4.81 4.22
CA HIS A 31 9.86 -6.17 4.10
C HIS A 31 8.34 -6.19 4.04
N VAL A 32 7.79 -6.46 2.87
CA VAL A 32 6.35 -6.50 2.68
C VAL A 32 5.75 -7.76 3.30
N LEU A 33 4.71 -7.57 4.11
CA LEU A 33 4.05 -8.69 4.77
C LEU A 33 2.76 -9.06 4.05
N TYR A 34 2.01 -8.05 3.63
CA TYR A 34 0.76 -8.28 2.92
C TYR A 34 0.69 -7.45 1.65
N ALA A 35 0.00 -7.97 0.64
CA ALA A 35 -0.13 -7.28 -0.64
C ALA A 35 -1.23 -7.90 -1.49
N ASP A 36 -2.36 -7.20 -1.59
CA ASP A 36 -3.48 -7.70 -2.38
C ASP A 36 -4.15 -6.56 -3.15
N ILE A 37 -4.49 -6.81 -4.41
CA ILE A 37 -5.13 -5.81 -5.25
C ILE A 37 -6.63 -5.74 -4.98
N LYS A 38 -7.03 -4.87 -4.07
CA LYS A 38 -8.43 -4.70 -3.73
C LYS A 38 -9.31 -4.81 -4.98
N MET A 39 -10.05 -5.91 -5.09
CA MET A 39 -10.93 -6.13 -6.23
C MET A 39 -12.36 -5.73 -5.90
N GLU A 40 -13.05 -5.14 -6.87
CA GLU A 40 -14.42 -4.71 -6.66
C GLU A 40 -15.39 -5.60 -7.46
N ASN A 41 -15.93 -6.61 -6.79
CA ASN A 41 -16.86 -7.53 -7.43
C ASN A 41 -16.20 -8.26 -8.58
N GLY A 42 -14.95 -8.67 -8.38
CA GLY A 42 -14.21 -9.39 -9.41
C GLY A 42 -13.69 -8.46 -10.49
N LYS A 43 -13.27 -7.26 -10.09
CA LYS A 43 -12.74 -6.28 -11.03
C LYS A 43 -11.53 -5.57 -10.44
N SER A 44 -10.56 -5.22 -11.29
CA SER A 44 -9.36 -4.54 -10.86
C SER A 44 -9.56 -3.02 -10.87
N LYS A 45 -9.86 -2.47 -9.70
CA LYS A 45 -10.08 -1.04 -9.56
C LYS A 45 -8.77 -0.31 -9.26
N GLY A 46 -7.67 -0.82 -9.82
CA GLY A 46 -6.38 -0.21 -9.60
C GLY A 46 -6.23 0.34 -8.19
N CYS A 47 -6.33 -0.54 -7.20
CA CYS A 47 -6.20 -0.14 -5.81
C CYS A 47 -5.87 -1.33 -4.92
N GLY A 48 -5.05 -1.09 -3.89
CA GLY A 48 -4.67 -2.17 -3.00
C GLY A 48 -4.06 -1.64 -1.70
N VAL A 49 -3.55 -2.55 -0.88
CA VAL A 49 -2.94 -2.18 0.39
C VAL A 49 -1.62 -2.91 0.61
N VAL A 50 -0.79 -2.37 1.49
CA VAL A 50 0.50 -2.97 1.78
C VAL A 50 0.87 -2.78 3.25
N LYS A 51 1.23 -3.88 3.91
CA LYS A 51 1.60 -3.83 5.33
C LYS A 51 3.11 -3.98 5.49
N PHE A 52 3.62 -3.58 6.65
CA PHE A 52 5.05 -3.67 6.93
C PHE A 52 5.29 -4.13 8.36
N GLU A 53 6.52 -4.55 8.64
CA GLU A 53 6.88 -5.01 9.98
C GLU A 53 6.84 -3.87 10.98
N SER A 54 7.47 -2.75 10.64
CA SER A 54 7.50 -1.59 11.51
C SER A 54 6.60 -0.48 10.97
N PRO A 55 6.17 0.43 11.87
CA PRO A 55 5.30 1.54 11.53
C PRO A 55 6.01 2.59 10.66
N GLU A 56 7.30 2.75 10.89
CA GLU A 56 8.09 3.72 10.13
C GLU A 56 8.17 3.32 8.66
N VAL A 57 8.43 2.05 8.41
CA VAL A 57 8.53 1.55 7.04
C VAL A 57 7.22 1.74 6.28
N ALA A 58 6.11 1.69 7.01
CA ALA A 58 4.79 1.88 6.42
C ALA A 58 4.64 3.28 5.84
N GLU A 59 4.96 4.28 6.65
CA GLU A 59 4.85 5.68 6.21
C GLU A 59 6.02 6.05 5.31
N ARG A 60 7.13 5.32 5.44
CA ARG A 60 8.31 5.58 4.64
C ARG A 60 8.04 5.30 3.16
N ALA A 61 7.35 4.20 2.89
CA ALA A 61 7.03 3.80 1.53
C ALA A 61 6.08 4.82 0.89
N CYS A 62 5.26 5.46 1.71
CA CYS A 62 4.31 6.45 1.22
C CYS A 62 5.03 7.68 0.68
N ARG A 63 6.28 7.86 1.10
CA ARG A 63 7.07 8.99 0.66
C ARG A 63 7.90 8.64 -0.57
N MET A 64 8.39 7.40 -0.62
CA MET A 64 9.19 6.94 -1.73
C MET A 64 8.31 6.46 -2.89
N MET A 65 7.39 5.55 -2.58
CA MET A 65 6.47 5.02 -3.59
C MET A 65 5.61 6.12 -4.18
N ASN A 66 4.79 6.74 -3.34
CA ASN A 66 3.91 7.81 -3.78
C ASN A 66 4.63 8.76 -4.73
N GLY A 67 4.03 8.99 -5.90
CA GLY A 67 4.65 9.88 -6.87
C GLY A 67 5.32 9.12 -8.00
N MET A 68 5.18 7.79 -7.99
CA MET A 68 5.79 6.95 -9.02
C MET A 68 4.75 6.56 -10.07
N LYS A 69 4.91 7.08 -11.28
CA LYS A 69 4.00 6.78 -12.37
C LYS A 69 4.26 5.40 -12.95
N LEU A 70 3.39 4.45 -12.62
CA LEU A 70 3.53 3.08 -13.12
C LEU A 70 3.02 2.95 -14.54
N SER A 71 3.93 2.72 -15.48
CA SER A 71 3.56 2.58 -16.89
C SER A 71 2.79 3.80 -17.38
N GLY A 72 3.01 4.94 -16.72
CA GLY A 72 2.33 6.16 -17.10
C GLY A 72 1.07 6.39 -16.28
N ARG A 73 1.08 5.94 -15.03
CA ARG A 73 -0.07 6.11 -14.14
C ARG A 73 0.38 6.54 -12.75
N GLU A 74 0.00 7.76 -12.37
CA GLU A 74 0.36 8.30 -11.06
C GLU A 74 -0.44 7.62 -9.95
N ILE A 75 0.20 7.42 -8.81
CA ILE A 75 -0.46 6.79 -7.67
C ILE A 75 -0.25 7.59 -6.39
N ASP A 76 -1.22 7.51 -5.48
CA ASP A 76 -1.13 8.22 -4.21
C ASP A 76 -1.06 7.25 -3.03
N VAL A 77 0.14 7.02 -2.54
CA VAL A 77 0.34 6.10 -1.41
C VAL A 77 0.30 6.85 -0.08
N ARG A 78 -0.55 6.39 0.82
CA ARG A 78 -0.69 7.02 2.13
C ARG A 78 -0.93 5.97 3.21
N ILE A 79 -0.89 6.41 4.46
CA ILE A 79 -1.11 5.50 5.59
C ILE A 79 -2.60 5.26 5.81
N ASP A 80 -2.95 4.02 6.17
CA ASP A 80 -4.34 3.66 6.42
C ASP A 80 -4.52 3.15 7.85
N ARG A 81 -5.09 4.00 8.70
CA ARG A 81 -5.32 3.63 10.10
C ARG A 81 -6.81 3.42 10.36
N ASN A 82 -7.11 2.65 11.41
CA ASN A 82 -8.50 2.36 11.76
C ASN A 82 -8.81 2.87 13.17
N ALA A 83 -8.24 4.02 13.52
CA ALA A 83 -8.47 4.62 14.83
C ALA A 83 -8.79 6.10 14.70
N SER A 84 -9.85 6.53 15.40
CA SER A 84 -10.27 7.92 15.36
C SER A 84 -9.84 8.65 16.63
N GLY A 85 -8.63 9.20 16.61
CA GLY A 85 -8.11 9.92 17.77
C GLY A 85 -6.74 10.50 17.51
N PRO A 86 -6.51 11.72 18.05
CA PRO A 86 -5.23 12.42 17.89
C PRO A 86 -4.11 11.76 18.68
N SER A 87 -2.88 11.93 18.21
CA SER A 87 -1.72 11.34 18.87
C SER A 87 -1.65 11.78 20.34
N SER A 88 -0.99 10.97 21.15
CA SER A 88 -0.85 11.27 22.57
C SER A 88 0.56 11.77 22.89
N GLY A 89 0.62 12.88 23.63
CA GLY A 89 1.91 13.45 23.99
C GLY A 89 2.64 14.05 22.80
N GLY A 1 3.37 0.84 20.16
CA GLY A 1 2.49 0.74 19.01
C GLY A 1 1.10 0.27 19.36
N SER A 2 0.19 1.21 19.55
CA SER A 2 -1.19 0.88 19.90
C SER A 2 -1.73 -0.22 18.99
N SER A 3 -1.65 0.00 17.69
CA SER A 3 -2.14 -0.96 16.71
C SER A 3 -0.99 -1.82 16.18
N GLY A 4 0.09 -1.17 15.76
CA GLY A 4 1.23 -1.88 15.24
C GLY A 4 1.47 -1.61 13.77
N SER A 5 1.69 -2.67 13.00
CA SER A 5 1.94 -2.52 11.56
C SER A 5 0.87 -1.66 10.91
N SER A 6 1.26 -0.49 10.43
CA SER A 6 0.34 0.43 9.78
C SER A 6 0.30 0.20 8.27
N GLY A 7 -0.69 -0.56 7.81
CA GLY A 7 -0.82 -0.84 6.40
C GLY A 7 -1.22 0.38 5.60
N ILE A 8 -0.41 0.71 4.58
CA ILE A 8 -0.69 1.86 3.74
C ILE A 8 -1.79 1.55 2.73
N PHE A 9 -2.04 2.50 1.83
CA PHE A 9 -3.07 2.32 0.79
C PHE A 9 -2.65 3.02 -0.49
N VAL A 10 -2.94 2.38 -1.62
CA VAL A 10 -2.60 2.94 -2.93
C VAL A 10 -3.84 3.05 -3.81
N ARG A 11 -3.77 3.93 -4.81
CA ARG A 11 -4.88 4.13 -5.73
C ARG A 11 -4.39 4.62 -7.09
N ASN A 12 -5.17 4.37 -8.13
CA ASN A 12 -4.81 4.77 -9.47
C ASN A 12 -3.69 3.91 -10.03
N LEU A 13 -3.74 2.61 -9.73
CA LEU A 13 -2.72 1.68 -10.18
C LEU A 13 -3.12 1.05 -11.51
N PRO A 14 -2.12 0.74 -12.36
CA PRO A 14 -2.35 0.13 -13.67
C PRO A 14 -2.83 -1.31 -13.57
N PHE A 15 -3.67 -1.72 -14.52
CA PHE A 15 -4.21 -3.07 -14.53
C PHE A 15 -3.09 -4.10 -14.46
N ASP A 16 -2.23 -4.10 -15.46
CA ASP A 16 -1.11 -5.03 -15.52
C ASP A 16 -0.56 -5.30 -14.12
N PHE A 17 -0.65 -4.30 -13.24
CA PHE A 17 -0.16 -4.43 -11.88
C PHE A 17 -0.78 -5.64 -11.19
N THR A 18 0.05 -6.60 -10.80
CA THR A 18 -0.42 -7.80 -10.13
C THR A 18 0.01 -7.82 -8.67
N TRP A 19 -0.74 -8.55 -7.84
CA TRP A 19 -0.43 -8.65 -6.43
C TRP A 19 1.07 -8.85 -6.20
N LYS A 20 1.67 -9.74 -6.99
CA LYS A 20 3.09 -10.02 -6.88
C LYS A 20 3.90 -8.72 -6.89
N MET A 21 3.59 -7.84 -7.83
CA MET A 21 4.29 -6.55 -7.94
C MET A 21 4.18 -5.76 -6.64
N LEU A 22 2.95 -5.43 -6.25
CA LEU A 22 2.71 -4.67 -5.04
C LEU A 22 3.67 -5.09 -3.93
N LYS A 23 3.82 -6.40 -3.75
CA LYS A 23 4.72 -6.94 -2.73
C LYS A 23 6.18 -6.61 -3.07
N ASP A 24 6.70 -7.26 -4.10
CA ASP A 24 8.08 -7.04 -4.52
C ASP A 24 8.35 -5.56 -4.72
N LYS A 25 7.63 -4.94 -5.65
CA LYS A 25 7.81 -3.52 -5.93
C LYS A 25 8.02 -2.73 -4.65
N PHE A 26 7.23 -3.03 -3.62
CA PHE A 26 7.34 -2.36 -2.34
C PHE A 26 8.43 -2.98 -1.49
N ASN A 27 8.72 -4.25 -1.75
CA ASN A 27 9.76 -4.97 -0.99
C ASN A 27 11.07 -4.19 -1.01
N GLU A 28 11.27 -3.38 -2.05
CA GLU A 28 12.49 -2.59 -2.17
C GLU A 28 12.61 -1.59 -1.02
N CYS A 29 11.49 -0.97 -0.66
CA CYS A 29 11.47 0.00 0.43
C CYS A 29 11.79 -0.66 1.76
N GLY A 30 11.08 -1.75 2.06
CA GLY A 30 11.30 -2.45 3.31
C GLY A 30 10.89 -3.91 3.23
N HIS A 31 10.07 -4.35 4.18
CA HIS A 31 9.61 -5.73 4.21
C HIS A 31 8.08 -5.80 4.11
N VAL A 32 7.59 -6.42 3.05
CA VAL A 32 6.15 -6.55 2.84
C VAL A 32 5.62 -7.83 3.48
N LEU A 33 4.57 -7.69 4.27
CA LEU A 33 3.95 -8.84 4.94
C LEU A 33 2.67 -9.25 4.23
N TYR A 34 1.90 -8.27 3.77
CA TYR A 34 0.64 -8.53 3.09
C TYR A 34 0.49 -7.63 1.88
N ALA A 35 0.04 -8.21 0.76
CA ALA A 35 -0.16 -7.45 -0.47
C ALA A 35 -1.27 -8.06 -1.31
N ASP A 36 -2.34 -7.30 -1.50
CA ASP A 36 -3.48 -7.76 -2.29
C ASP A 36 -4.05 -6.63 -3.13
N ILE A 37 -4.33 -6.93 -4.40
CA ILE A 37 -4.88 -5.93 -5.32
C ILE A 37 -6.40 -5.92 -5.26
N LYS A 38 -6.95 -4.98 -4.51
CA LYS A 38 -8.40 -4.85 -4.38
C LYS A 38 -9.10 -5.13 -5.71
N MET A 39 -10.18 -5.91 -5.65
CA MET A 39 -10.94 -6.25 -6.85
C MET A 39 -12.40 -5.88 -6.69
N GLU A 40 -13.07 -5.61 -7.81
CA GLU A 40 -14.48 -5.24 -7.78
C GLU A 40 -15.12 -5.45 -9.15
N ASN A 41 -16.30 -6.04 -9.16
CA ASN A 41 -17.02 -6.31 -10.40
C ASN A 41 -16.21 -7.23 -11.32
N GLY A 42 -15.35 -8.04 -10.71
CA GLY A 42 -14.53 -8.96 -11.48
C GLY A 42 -13.28 -8.30 -12.02
N LYS A 43 -13.25 -6.97 -11.99
CA LYS A 43 -12.09 -6.22 -12.48
C LYS A 43 -11.44 -5.42 -11.35
N SER A 44 -10.14 -5.22 -11.46
CA SER A 44 -9.40 -4.48 -10.45
C SER A 44 -9.74 -2.99 -10.51
N LYS A 45 -9.58 -2.31 -9.38
CA LYS A 45 -9.88 -0.89 -9.29
C LYS A 45 -8.61 -0.09 -9.02
N GLY A 46 -7.48 -0.55 -9.56
CA GLY A 46 -6.23 0.14 -9.36
C GLY A 46 -6.05 0.65 -7.95
N CYS A 47 -6.13 -0.27 -6.98
CA CYS A 47 -5.98 0.09 -5.58
C CYS A 47 -5.74 -1.15 -4.72
N GLY A 48 -5.00 -0.97 -3.63
CA GLY A 48 -4.71 -2.08 -2.74
C GLY A 48 -4.12 -1.63 -1.42
N VAL A 49 -3.57 -2.58 -0.67
CA VAL A 49 -2.97 -2.28 0.63
C VAL A 49 -1.67 -3.04 0.82
N VAL A 50 -0.72 -2.40 1.49
CA VAL A 50 0.58 -3.03 1.76
C VAL A 50 0.99 -2.84 3.21
N LYS A 51 1.24 -3.96 3.90
CA LYS A 51 1.64 -3.92 5.30
C LYS A 51 3.15 -4.13 5.43
N PHE A 52 3.69 -3.80 6.60
CA PHE A 52 5.11 -3.94 6.86
C PHE A 52 5.36 -4.44 8.28
N GLU A 53 6.63 -4.68 8.60
CA GLU A 53 7.00 -5.16 9.93
C GLU A 53 7.04 -4.02 10.93
N SER A 54 7.52 -2.86 10.48
CA SER A 54 7.61 -1.69 11.35
C SER A 54 6.74 -0.56 10.82
N PRO A 55 6.32 0.34 11.73
CA PRO A 55 5.47 1.48 11.38
C PRO A 55 6.21 2.52 10.55
N GLU A 56 7.50 2.69 10.82
CA GLU A 56 8.32 3.65 10.10
C GLU A 56 8.44 3.27 8.62
N VAL A 57 8.53 1.98 8.36
CA VAL A 57 8.64 1.48 7.00
C VAL A 57 7.36 1.75 6.21
N ALA A 58 6.22 1.61 6.88
CA ALA A 58 4.93 1.83 6.25
C ALA A 58 4.84 3.23 5.66
N GLU A 59 5.04 4.24 6.50
CA GLU A 59 4.97 5.63 6.07
C GLU A 59 6.16 5.95 5.15
N ARG A 60 7.26 5.25 5.32
CA ARG A 60 8.45 5.46 4.51
C ARG A 60 8.18 5.12 3.05
N ALA A 61 7.44 4.04 2.83
CA ALA A 61 7.10 3.61 1.47
C ALA A 61 6.14 4.58 0.81
N CYS A 62 5.38 5.30 1.63
CA CYS A 62 4.41 6.27 1.12
C CYS A 62 5.12 7.43 0.43
N ARG A 63 6.10 8.00 1.11
CA ARG A 63 6.85 9.13 0.57
C ARG A 63 7.63 8.71 -0.68
N MET A 64 8.23 7.53 -0.63
CA MET A 64 8.99 7.00 -1.75
C MET A 64 8.09 6.67 -2.93
N MET A 65 7.06 5.86 -2.66
CA MET A 65 6.12 5.46 -3.70
C MET A 65 5.26 6.64 -4.14
N ASN A 66 4.36 7.07 -3.27
CA ASN A 66 3.48 8.20 -3.57
C ASN A 66 4.20 9.22 -4.45
N GLY A 67 3.90 9.18 -5.74
CA GLY A 67 4.51 10.12 -6.68
C GLY A 67 5.19 9.41 -7.83
N MET A 68 5.07 8.09 -7.87
CA MET A 68 5.68 7.31 -8.93
C MET A 68 4.66 6.94 -10.00
N LYS A 69 5.04 7.11 -11.26
CA LYS A 69 4.16 6.79 -12.38
C LYS A 69 4.46 5.41 -12.94
N LEU A 70 3.65 4.44 -12.56
CA LEU A 70 3.83 3.06 -13.04
C LEU A 70 3.35 2.92 -14.47
N SER A 71 4.27 3.11 -15.41
CA SER A 71 3.94 3.00 -16.83
C SER A 71 3.13 4.20 -17.31
N GLY A 72 3.33 5.33 -16.63
CA GLY A 72 2.61 6.54 -16.99
C GLY A 72 1.37 6.74 -16.16
N ARG A 73 1.23 5.97 -15.09
CA ARG A 73 0.08 6.07 -14.21
C ARG A 73 0.49 6.53 -12.81
N GLU A 74 0.06 7.72 -12.44
CA GLU A 74 0.40 8.29 -11.13
C GLU A 74 -0.46 7.64 -10.03
N ILE A 75 0.13 7.48 -8.86
CA ILE A 75 -0.58 6.88 -7.73
C ILE A 75 -0.41 7.72 -6.47
N ASP A 76 -1.36 7.58 -5.55
CA ASP A 76 -1.32 8.34 -4.29
C ASP A 76 -1.28 7.39 -3.10
N VAL A 77 -0.08 7.14 -2.58
CA VAL A 77 0.10 6.25 -1.44
C VAL A 77 0.04 7.03 -0.12
N ARG A 78 -0.96 6.75 0.69
CA ARG A 78 -1.12 7.42 1.97
C ARG A 78 -1.24 6.41 3.11
N ILE A 79 -0.85 6.83 4.31
CA ILE A 79 -0.91 5.96 5.48
C ILE A 79 -2.36 5.72 5.91
N ASP A 80 -2.80 4.47 5.79
CA ASP A 80 -4.16 4.11 6.18
C ASP A 80 -4.25 3.84 7.67
N ARG A 81 -4.93 4.73 8.38
CA ARG A 81 -5.09 4.59 9.83
C ARG A 81 -6.42 3.92 10.17
N ASN A 82 -6.44 2.59 10.06
CA ASN A 82 -7.64 1.83 10.36
C ASN A 82 -8.35 2.39 11.60
N ALA A 83 -7.59 2.61 12.66
CA ALA A 83 -8.14 3.15 13.90
C ALA A 83 -7.70 4.59 14.12
N SER A 84 -8.32 5.24 15.10
CA SER A 84 -7.99 6.63 15.42
C SER A 84 -6.98 6.70 16.55
N GLY A 85 -5.70 6.80 16.19
CA GLY A 85 -4.64 6.89 17.19
C GLY A 85 -3.44 7.66 16.71
N PRO A 86 -2.67 8.21 17.66
CA PRO A 86 -1.47 9.00 17.35
C PRO A 86 -0.35 8.14 16.80
N SER A 87 -0.13 6.99 17.43
CA SER A 87 0.93 6.07 17.00
C SER A 87 2.16 6.84 16.54
N SER A 88 2.52 7.88 17.28
CA SER A 88 3.67 8.70 16.96
C SER A 88 4.97 7.94 17.22
N GLY A 89 5.83 7.88 16.20
CA GLY A 89 7.09 7.18 16.34
C GLY A 89 8.28 8.12 16.31
N GLY A 1 -0.35 -8.49 15.83
CA GLY A 1 0.26 -7.19 15.63
C GLY A 1 1.73 -7.19 16.01
N SER A 2 2.58 -6.71 15.09
CA SER A 2 4.01 -6.67 15.33
C SER A 2 4.42 -5.31 15.89
N SER A 3 3.63 -4.81 16.84
CA SER A 3 3.91 -3.52 17.46
C SER A 3 3.95 -2.41 16.43
N GLY A 4 3.02 -2.47 15.47
CA GLY A 4 2.97 -1.46 14.43
C GLY A 4 2.79 -2.07 13.04
N SER A 5 1.55 -2.18 12.60
CA SER A 5 1.26 -2.76 11.29
C SER A 5 0.31 -1.85 10.50
N SER A 6 0.56 -0.55 10.58
CA SER A 6 -0.26 0.43 9.88
C SER A 6 -0.19 0.22 8.36
N GLY A 7 -1.09 -0.62 7.85
CA GLY A 7 -1.11 -0.90 6.43
C GLY A 7 -1.51 0.31 5.60
N ILE A 8 -0.67 0.68 4.64
CA ILE A 8 -0.93 1.82 3.78
C ILE A 8 -1.96 1.48 2.72
N PHE A 9 -2.21 2.43 1.81
CA PHE A 9 -3.17 2.22 0.73
C PHE A 9 -2.73 2.93 -0.54
N VAL A 10 -3.00 2.31 -1.69
CA VAL A 10 -2.62 2.88 -2.97
C VAL A 10 -3.81 2.94 -3.91
N ARG A 11 -3.79 3.90 -4.84
CA ARG A 11 -4.86 4.07 -5.80
C ARG A 11 -4.32 4.50 -7.16
N ASN A 12 -5.10 4.27 -8.21
CA ASN A 12 -4.70 4.65 -9.56
C ASN A 12 -3.61 3.70 -10.08
N LEU A 13 -3.70 2.44 -9.69
CA LEU A 13 -2.72 1.44 -10.12
C LEU A 13 -3.10 0.87 -11.48
N PRO A 14 -2.08 0.60 -12.32
CA PRO A 14 -2.28 0.05 -13.66
C PRO A 14 -2.76 -1.41 -13.63
N PHE A 15 -3.82 -1.69 -14.39
CA PHE A 15 -4.38 -3.03 -14.44
C PHE A 15 -3.28 -4.09 -14.30
N ASP A 16 -2.35 -4.09 -15.25
CA ASP A 16 -1.24 -5.05 -15.24
C ASP A 16 -0.77 -5.30 -13.81
N PHE A 17 -0.59 -4.24 -13.04
CA PHE A 17 -0.15 -4.36 -11.66
C PHE A 17 -0.79 -5.56 -10.98
N THR A 18 0.00 -6.60 -10.76
CA THR A 18 -0.49 -7.82 -10.13
C THR A 18 -0.03 -7.90 -8.67
N TRP A 19 -0.84 -8.55 -7.85
CA TRP A 19 -0.52 -8.70 -6.43
C TRP A 19 0.99 -8.84 -6.22
N LYS A 20 1.61 -9.72 -7.00
CA LYS A 20 3.05 -9.95 -6.90
C LYS A 20 3.80 -8.63 -6.92
N MET A 21 3.45 -7.76 -7.86
CA MET A 21 4.10 -6.46 -7.99
C MET A 21 3.98 -5.66 -6.68
N LEU A 22 2.75 -5.35 -6.30
CA LEU A 22 2.50 -4.59 -5.08
C LEU A 22 3.48 -4.99 -3.98
N LYS A 23 3.71 -6.29 -3.85
CA LYS A 23 4.64 -6.80 -2.84
C LYS A 23 6.09 -6.46 -3.21
N ASP A 24 6.60 -7.14 -4.23
CA ASP A 24 7.97 -6.90 -4.68
C ASP A 24 8.24 -5.42 -4.88
N LYS A 25 7.47 -4.79 -5.78
CA LYS A 25 7.63 -3.37 -6.07
C LYS A 25 7.93 -2.59 -4.79
N PHE A 26 7.13 -2.82 -3.76
CA PHE A 26 7.31 -2.13 -2.48
C PHE A 26 8.46 -2.75 -1.69
N ASN A 27 8.70 -4.04 -1.92
CA ASN A 27 9.77 -4.75 -1.24
C ASN A 27 11.08 -3.96 -1.28
N GLU A 28 11.17 -3.05 -2.24
CA GLU A 28 12.36 -2.22 -2.39
C GLU A 28 12.56 -1.33 -1.18
N CYS A 29 11.48 -0.67 -0.75
CA CYS A 29 11.54 0.22 0.41
C CYS A 29 11.81 -0.57 1.69
N GLY A 30 10.99 -1.60 1.93
CA GLY A 30 11.15 -2.42 3.12
C GLY A 30 10.63 -3.82 2.93
N HIS A 31 10.36 -4.50 4.04
CA HIS A 31 9.85 -5.87 3.99
C HIS A 31 8.32 -5.88 3.93
N VAL A 32 7.78 -6.52 2.90
CA VAL A 32 6.33 -6.60 2.72
C VAL A 32 5.77 -7.85 3.37
N LEU A 33 4.71 -7.68 4.15
CA LEU A 33 4.07 -8.81 4.84
C LEU A 33 2.78 -9.21 4.14
N TYR A 34 1.99 -8.20 3.75
CA TYR A 34 0.72 -8.45 3.07
C TYR A 34 0.60 -7.58 1.82
N ALA A 35 0.02 -8.15 0.78
CA ALA A 35 -0.18 -7.44 -0.48
C ALA A 35 -1.26 -8.09 -1.33
N ASP A 36 -2.33 -7.35 -1.58
CA ASP A 36 -3.44 -7.85 -2.39
C ASP A 36 -4.05 -6.74 -3.23
N ILE A 37 -4.65 -7.12 -4.35
CA ILE A 37 -5.28 -6.15 -5.25
C ILE A 37 -6.79 -6.19 -5.13
N LYS A 38 -7.35 -5.25 -4.38
CA LYS A 38 -8.79 -5.17 -4.19
C LYS A 38 -9.53 -5.21 -5.52
N MET A 39 -9.93 -6.41 -5.94
CA MET A 39 -10.64 -6.58 -7.19
C MET A 39 -12.13 -6.30 -7.02
N GLU A 40 -12.82 -6.03 -8.12
CA GLU A 40 -14.25 -5.74 -8.09
C GLU A 40 -14.86 -5.88 -9.47
N ASN A 41 -15.85 -6.76 -9.59
CA ASN A 41 -16.53 -6.98 -10.87
C ASN A 41 -15.64 -7.76 -11.82
N GLY A 42 -14.76 -8.59 -11.26
CA GLY A 42 -13.86 -9.38 -12.08
C GLY A 42 -12.63 -8.60 -12.52
N LYS A 43 -12.75 -7.28 -12.51
CA LYS A 43 -11.64 -6.41 -12.90
C LYS A 43 -11.08 -5.65 -11.71
N SER A 44 -9.80 -5.28 -11.78
CA SER A 44 -9.15 -4.55 -10.70
C SER A 44 -9.47 -3.06 -10.78
N LYS A 45 -9.82 -2.47 -9.65
CA LYS A 45 -10.15 -1.04 -9.60
C LYS A 45 -8.89 -0.21 -9.41
N GLY A 46 -7.73 -0.80 -9.70
CA GLY A 46 -6.48 -0.09 -9.57
C GLY A 46 -6.24 0.38 -8.14
N CYS A 47 -6.37 -0.53 -7.19
CA CYS A 47 -6.16 -0.21 -5.78
C CYS A 47 -5.58 -1.40 -5.03
N GLY A 48 -5.19 -1.17 -3.77
CA GLY A 48 -4.63 -2.24 -2.97
C GLY A 48 -4.06 -1.73 -1.67
N VAL A 49 -3.53 -2.64 -0.85
CA VAL A 49 -2.95 -2.28 0.43
C VAL A 49 -1.64 -3.03 0.68
N VAL A 50 -0.79 -2.46 1.53
CA VAL A 50 0.49 -3.08 1.86
C VAL A 50 0.83 -2.89 3.33
N LYS A 51 1.33 -3.96 3.96
CA LYS A 51 1.69 -3.92 5.37
C LYS A 51 3.19 -4.12 5.54
N PHE A 52 3.74 -3.58 6.62
CA PHE A 52 5.16 -3.70 6.90
C PHE A 52 5.40 -4.16 8.34
N GLU A 53 6.60 -4.64 8.62
CA GLU A 53 6.95 -5.11 9.95
C GLU A 53 6.93 -3.96 10.95
N SER A 54 7.58 -2.86 10.60
CA SER A 54 7.64 -1.70 11.47
C SER A 54 6.77 -0.56 10.93
N PRO A 55 6.34 0.34 11.83
CA PRO A 55 5.50 1.48 11.46
C PRO A 55 6.26 2.52 10.64
N GLU A 56 7.56 2.65 10.91
CA GLU A 56 8.39 3.61 10.21
C GLU A 56 8.50 3.25 8.73
N VAL A 57 8.52 1.94 8.45
CA VAL A 57 8.63 1.46 7.09
C VAL A 57 7.32 1.66 6.32
N ALA A 58 6.21 1.67 7.06
CA ALA A 58 4.90 1.84 6.46
C ALA A 58 4.73 3.26 5.90
N GLU A 59 4.92 4.25 6.75
CA GLU A 59 4.80 5.65 6.34
C GLU A 59 5.94 6.04 5.41
N ARG A 60 7.08 5.36 5.55
CA ARG A 60 8.25 5.64 4.72
C ARG A 60 7.94 5.38 3.25
N ALA A 61 7.31 4.24 2.98
CA ALA A 61 6.96 3.88 1.61
C ALA A 61 6.04 4.91 0.98
N CYS A 62 5.24 5.58 1.81
CA CYS A 62 4.31 6.60 1.32
C CYS A 62 5.08 7.81 0.79
N ARG A 63 6.33 7.95 1.21
CA ARG A 63 7.16 9.07 0.78
C ARG A 63 7.95 8.70 -0.46
N MET A 64 8.40 7.45 -0.53
CA MET A 64 9.17 6.98 -1.67
C MET A 64 8.25 6.57 -2.82
N MET A 65 7.33 5.66 -2.53
CA MET A 65 6.38 5.19 -3.54
C MET A 65 5.55 6.34 -4.10
N ASN A 66 4.73 6.94 -3.25
CA ASN A 66 3.88 8.05 -3.67
C ASN A 66 4.63 8.97 -4.64
N GLY A 67 4.10 9.07 -5.85
CA GLY A 67 4.72 9.90 -6.86
C GLY A 67 5.42 9.10 -7.94
N MET A 68 5.22 7.79 -7.92
CA MET A 68 5.83 6.91 -8.90
C MET A 68 4.85 6.55 -10.01
N LYS A 69 5.08 7.09 -11.20
CA LYS A 69 4.21 6.83 -12.34
C LYS A 69 4.47 5.43 -12.91
N LEU A 70 3.59 4.50 -12.58
CA LEU A 70 3.72 3.12 -13.06
C LEU A 70 3.32 3.03 -14.53
N SER A 71 4.32 3.06 -15.41
CA SER A 71 4.08 2.96 -16.84
C SER A 71 3.31 4.19 -17.34
N GLY A 72 3.45 5.30 -16.63
CA GLY A 72 2.77 6.52 -17.01
C GLY A 72 1.50 6.75 -16.21
N ARG A 73 1.37 6.03 -15.10
CA ARG A 73 0.19 6.17 -14.25
C ARG A 73 0.58 6.63 -12.84
N GLU A 74 0.18 7.84 -12.49
CA GLU A 74 0.50 8.41 -11.19
C GLU A 74 -0.37 7.77 -10.11
N ILE A 75 0.25 7.48 -8.96
CA ILE A 75 -0.47 6.87 -7.85
C ILE A 75 -0.28 7.68 -6.56
N ASP A 76 -1.24 7.56 -5.65
CA ASP A 76 -1.18 8.28 -4.39
C ASP A 76 -1.12 7.31 -3.21
N VAL A 77 0.03 7.27 -2.54
CA VAL A 77 0.21 6.37 -1.41
C VAL A 77 0.15 7.14 -0.09
N ARG A 78 -0.71 6.71 0.81
CA ARG A 78 -0.87 7.35 2.10
C ARG A 78 -1.11 6.32 3.21
N ILE A 79 -0.86 6.72 4.46
CA ILE A 79 -1.04 5.83 5.58
C ILE A 79 -2.52 5.62 5.90
N ASP A 80 -2.97 4.38 5.85
CA ASP A 80 -4.37 4.05 6.12
C ASP A 80 -4.56 3.75 7.60
N ARG A 81 -5.19 4.68 8.31
CA ARG A 81 -5.45 4.50 9.75
C ARG A 81 -5.96 3.08 10.03
N ASN A 82 -5.09 2.26 10.62
CA ASN A 82 -5.46 0.89 10.95
C ASN A 82 -6.16 0.82 12.30
N ALA A 83 -7.48 1.03 12.29
CA ALA A 83 -8.26 0.99 13.51
C ALA A 83 -7.73 1.97 14.54
N SER A 84 -7.42 3.19 14.10
CA SER A 84 -6.89 4.21 14.99
C SER A 84 -7.79 5.46 14.99
N GLY A 85 -8.11 5.93 16.19
CA GLY A 85 -8.96 7.11 16.31
C GLY A 85 -8.22 8.31 16.86
N PRO A 86 -7.57 9.07 15.97
CA PRO A 86 -6.81 10.27 16.35
C PRO A 86 -7.71 11.41 16.81
N SER A 87 -8.76 11.68 16.05
CA SER A 87 -9.70 12.75 16.37
C SER A 87 -10.54 12.37 17.60
N SER A 88 -10.44 13.19 18.64
CA SER A 88 -11.18 12.95 19.87
C SER A 88 -12.51 13.71 19.86
N GLY A 89 -13.58 13.03 20.26
CA GLY A 89 -14.88 13.66 20.30
C GLY A 89 -15.81 13.13 19.22
N GLY A 1 0.80 -5.13 20.83
CA GLY A 1 0.26 -4.00 21.55
C GLY A 1 -1.20 -3.74 21.21
N SER A 2 -1.50 -2.51 20.81
CA SER A 2 -2.87 -2.13 20.46
C SER A 2 -2.93 -1.52 19.06
N SER A 3 -1.84 -0.86 18.67
CA SER A 3 -1.77 -0.23 17.35
C SER A 3 -1.90 -1.27 16.24
N GLY A 4 -1.28 -2.43 16.43
CA GLY A 4 -1.34 -3.48 15.44
C GLY A 4 -0.43 -3.21 14.26
N SER A 5 -1.01 -2.73 13.17
CA SER A 5 -0.25 -2.45 11.96
C SER A 5 -0.72 -1.14 11.31
N SER A 6 0.16 -0.53 10.54
CA SER A 6 -0.16 0.73 9.86
C SER A 6 -0.20 0.55 8.35
N GLY A 7 -0.70 -0.61 7.92
CA GLY A 7 -0.78 -0.90 6.50
C GLY A 7 -1.18 0.32 5.69
N ILE A 8 -0.39 0.63 4.66
CA ILE A 8 -0.66 1.77 3.81
C ILE A 8 -1.73 1.45 2.77
N PHE A 9 -1.98 2.39 1.87
CA PHE A 9 -2.98 2.20 0.83
C PHE A 9 -2.54 2.86 -0.48
N VAL A 10 -2.94 2.27 -1.60
CA VAL A 10 -2.58 2.79 -2.91
C VAL A 10 -3.80 2.90 -3.81
N ARG A 11 -3.78 3.85 -4.73
CA ARG A 11 -4.89 4.06 -5.65
C ARG A 11 -4.38 4.50 -7.02
N ASN A 12 -5.15 4.20 -8.06
CA ASN A 12 -4.78 4.56 -9.42
C ASN A 12 -3.66 3.66 -9.95
N LEU A 13 -3.78 2.37 -9.67
CA LEU A 13 -2.79 1.39 -10.11
C LEU A 13 -3.16 0.81 -11.47
N PRO A 14 -2.15 0.59 -12.32
CA PRO A 14 -2.35 0.03 -13.66
C PRO A 14 -2.76 -1.44 -13.62
N PHE A 15 -3.84 -1.76 -14.31
CA PHE A 15 -4.34 -3.13 -14.35
C PHE A 15 -3.18 -4.14 -14.36
N ASP A 16 -2.37 -4.07 -15.41
CA ASP A 16 -1.22 -4.96 -15.54
C ASP A 16 -0.63 -5.29 -14.18
N PHE A 17 -0.54 -4.29 -13.32
CA PHE A 17 0.01 -4.48 -11.99
C PHE A 17 -0.60 -5.70 -11.30
N THR A 18 0.25 -6.63 -10.89
CA THR A 18 -0.22 -7.84 -10.23
C THR A 18 0.25 -7.89 -8.78
N TRP A 19 -0.53 -8.54 -7.94
CA TRP A 19 -0.20 -8.65 -6.51
C TRP A 19 1.30 -8.84 -6.32
N LYS A 20 1.89 -9.73 -7.10
CA LYS A 20 3.32 -10.00 -7.01
C LYS A 20 4.10 -8.70 -6.96
N MET A 21 3.76 -7.76 -7.83
CA MET A 21 4.43 -6.47 -7.88
C MET A 21 4.22 -5.69 -6.59
N LEU A 22 2.96 -5.45 -6.25
CA LEU A 22 2.62 -4.72 -5.03
C LEU A 22 3.50 -5.16 -3.87
N LYS A 23 3.81 -6.45 -3.83
CA LYS A 23 4.65 -7.00 -2.77
C LYS A 23 6.13 -6.78 -3.08
N ASP A 24 6.54 -7.20 -4.27
CA ASP A 24 7.93 -7.05 -4.69
C ASP A 24 8.29 -5.58 -4.86
N LYS A 25 7.64 -4.92 -5.80
CA LYS A 25 7.89 -3.50 -6.05
C LYS A 25 8.08 -2.73 -4.75
N PHE A 26 7.25 -3.04 -3.77
CA PHE A 26 7.32 -2.38 -2.47
C PHE A 26 8.42 -3.00 -1.60
N ASN A 27 8.56 -4.32 -1.68
CA ASN A 27 9.57 -5.04 -0.92
C ASN A 27 10.90 -4.30 -0.96
N GLU A 28 11.08 -3.47 -1.99
CA GLU A 28 12.32 -2.72 -2.15
C GLU A 28 12.54 -1.78 -0.96
N CYS A 29 11.48 -1.10 -0.54
CA CYS A 29 11.55 -0.18 0.58
C CYS A 29 11.93 -0.91 1.87
N GLY A 30 11.21 -2.00 2.15
CA GLY A 30 11.48 -2.77 3.35
C GLY A 30 11.02 -4.20 3.24
N HIS A 31 10.10 -4.60 4.12
CA HIS A 31 9.57 -5.96 4.11
C HIS A 31 8.05 -5.94 4.08
N VAL A 32 7.48 -6.49 3.00
CA VAL A 32 6.03 -6.54 2.84
C VAL A 32 5.44 -7.79 3.49
N LEU A 33 4.52 -7.60 4.41
CA LEU A 33 3.88 -8.71 5.11
C LEU A 33 2.60 -9.13 4.40
N TYR A 34 1.91 -8.17 3.80
CA TYR A 34 0.67 -8.44 3.08
C TYR A 34 0.55 -7.56 1.85
N ALA A 35 -0.05 -8.11 0.80
CA ALA A 35 -0.24 -7.37 -0.45
C ALA A 35 -1.35 -7.98 -1.29
N ASP A 36 -2.44 -7.23 -1.42
CA ASP A 36 -3.59 -7.70 -2.20
C ASP A 36 -4.18 -6.56 -3.03
N ILE A 37 -4.61 -6.88 -4.24
CA ILE A 37 -5.19 -5.89 -5.14
C ILE A 37 -6.72 -5.84 -4.99
N LYS A 38 -7.20 -4.80 -4.34
CA LYS A 38 -8.64 -4.64 -4.13
C LYS A 38 -9.36 -4.44 -5.46
N MET A 39 -10.02 -5.49 -5.93
CA MET A 39 -10.74 -5.44 -7.19
C MET A 39 -12.21 -5.09 -6.95
N GLU A 40 -13.00 -5.08 -8.03
CA GLU A 40 -14.42 -4.77 -7.94
C GLU A 40 -15.12 -5.00 -9.26
N ASN A 41 -16.32 -5.56 -9.21
CA ASN A 41 -17.10 -5.83 -10.41
C ASN A 41 -16.30 -6.69 -11.39
N GLY A 42 -15.40 -7.50 -10.85
CA GLY A 42 -14.59 -8.37 -11.68
C GLY A 42 -13.36 -7.66 -12.23
N LYS A 43 -13.39 -6.34 -12.21
CA LYS A 43 -12.28 -5.53 -12.71
C LYS A 43 -11.52 -4.88 -11.56
N SER A 44 -10.21 -4.71 -11.75
CA SER A 44 -9.37 -4.10 -10.72
C SER A 44 -9.52 -2.58 -10.72
N LYS A 45 -9.74 -2.02 -9.54
CA LYS A 45 -9.90 -0.57 -9.40
C LYS A 45 -8.57 0.10 -9.08
N GLY A 46 -7.48 -0.48 -9.57
CA GLY A 46 -6.16 0.07 -9.32
C GLY A 46 -6.00 0.57 -7.91
N CYS A 47 -6.25 -0.31 -6.94
CA CYS A 47 -6.13 0.04 -5.54
C CYS A 47 -5.80 -1.19 -4.69
N GLY A 48 -5.00 -0.99 -3.65
CA GLY A 48 -4.61 -2.09 -2.79
C GLY A 48 -4.03 -1.62 -1.47
N VAL A 49 -3.40 -2.54 -0.74
CA VAL A 49 -2.79 -2.21 0.54
C VAL A 49 -1.49 -2.97 0.74
N VAL A 50 -0.60 -2.41 1.55
CA VAL A 50 0.69 -3.04 1.82
C VAL A 50 1.08 -2.88 3.28
N LYS A 51 1.35 -4.00 3.95
CA LYS A 51 1.74 -3.97 5.35
C LYS A 51 3.24 -4.20 5.51
N PHE A 52 3.83 -3.57 6.52
CA PHE A 52 5.26 -3.70 6.77
C PHE A 52 5.51 -4.20 8.20
N GLU A 53 6.75 -4.57 8.47
CA GLU A 53 7.13 -5.07 9.79
C GLU A 53 7.09 -3.94 10.82
N SER A 54 7.64 -2.79 10.46
CA SER A 54 7.67 -1.64 11.36
C SER A 54 6.75 -0.53 10.84
N PRO A 55 6.28 0.32 11.77
CA PRO A 55 5.39 1.44 11.43
C PRO A 55 6.11 2.54 10.65
N GLU A 56 7.42 2.66 10.87
CA GLU A 56 8.22 3.67 10.19
C GLU A 56 8.40 3.31 8.72
N VAL A 57 8.52 2.02 8.43
CA VAL A 57 8.69 1.55 7.06
C VAL A 57 7.41 1.71 6.26
N ALA A 58 6.27 1.71 6.96
CA ALA A 58 4.98 1.86 6.31
C ALA A 58 4.83 3.23 5.68
N GLU A 59 5.03 4.27 6.49
CA GLU A 59 4.92 5.65 6.01
C GLU A 59 6.07 5.99 5.06
N ARG A 60 7.18 5.29 5.23
CA ARG A 60 8.35 5.52 4.39
C ARG A 60 8.06 5.18 2.93
N ALA A 61 7.41 4.04 2.72
CA ALA A 61 7.06 3.60 1.37
C ALA A 61 6.08 4.57 0.71
N CYS A 62 5.33 5.29 1.53
CA CYS A 62 4.36 6.26 1.02
C CYS A 62 5.05 7.43 0.33
N ARG A 63 5.99 8.04 1.06
CA ARG A 63 6.73 9.18 0.52
C ARG A 63 7.51 8.79 -0.73
N MET A 64 8.14 7.62 -0.68
CA MET A 64 8.92 7.13 -1.81
C MET A 64 8.01 6.76 -2.98
N MET A 65 6.99 5.95 -2.70
CA MET A 65 6.05 5.53 -3.73
C MET A 65 5.16 6.68 -4.15
N ASN A 66 4.27 7.11 -3.25
CA ASN A 66 3.36 8.21 -3.54
C ASN A 66 4.02 9.25 -4.43
N GLY A 67 3.74 9.17 -5.74
CA GLY A 67 4.32 10.11 -6.67
C GLY A 67 5.07 9.42 -7.79
N MET A 68 4.99 8.10 -7.83
CA MET A 68 5.67 7.32 -8.86
C MET A 68 4.70 6.95 -9.98
N LYS A 69 5.07 7.28 -11.22
CA LYS A 69 4.25 6.99 -12.38
C LYS A 69 4.53 5.59 -12.90
N LEU A 70 3.64 4.65 -12.61
CA LEU A 70 3.80 3.27 -13.05
C LEU A 70 3.41 3.13 -14.53
N SER A 71 4.42 3.10 -15.40
CA SER A 71 4.18 2.96 -16.83
C SER A 71 3.39 4.16 -17.36
N GLY A 72 3.48 5.28 -16.67
CA GLY A 72 2.78 6.48 -17.09
C GLY A 72 1.49 6.67 -16.32
N ARG A 73 1.43 6.15 -15.10
CA ARG A 73 0.24 6.27 -14.28
C ARG A 73 0.60 6.74 -12.87
N GLU A 74 0.17 7.95 -12.52
CA GLU A 74 0.46 8.51 -11.21
C GLU A 74 -0.42 7.86 -10.13
N ILE A 75 0.19 7.57 -8.98
CA ILE A 75 -0.53 6.95 -7.88
C ILE A 75 -0.33 7.73 -6.58
N ASP A 76 -1.29 7.61 -5.67
CA ASP A 76 -1.22 8.30 -4.39
C ASP A 76 -1.21 7.30 -3.24
N VAL A 77 -0.08 7.23 -2.54
CA VAL A 77 0.05 6.31 -1.40
C VAL A 77 0.01 7.07 -0.08
N ARG A 78 -0.92 6.68 0.79
CA ARG A 78 -1.07 7.31 2.09
C ARG A 78 -1.12 6.28 3.20
N ILE A 79 -1.05 6.74 4.44
CA ILE A 79 -1.10 5.85 5.59
C ILE A 79 -2.53 5.50 5.97
N ASP A 80 -2.82 4.20 6.05
CA ASP A 80 -4.15 3.73 6.40
C ASP A 80 -4.20 3.25 7.85
N ARG A 81 -4.28 4.21 8.77
CA ARG A 81 -4.33 3.88 10.19
C ARG A 81 -5.61 3.14 10.54
N ASN A 82 -6.74 3.67 10.09
CA ASN A 82 -8.04 3.05 10.35
C ASN A 82 -9.05 3.45 9.29
N ALA A 83 -9.88 2.50 8.88
CA ALA A 83 -10.89 2.75 7.87
C ALA A 83 -12.29 2.74 8.48
N SER A 84 -12.68 3.86 9.08
CA SER A 84 -13.99 3.98 9.70
C SER A 84 -15.08 3.34 8.84
N GLY A 85 -15.16 3.78 7.59
CA GLY A 85 -16.15 3.25 6.67
C GLY A 85 -16.43 4.16 5.51
N PRO A 86 -15.60 4.07 4.46
CA PRO A 86 -15.74 4.90 3.26
C PRO A 86 -16.97 4.52 2.44
N SER A 87 -17.62 3.43 2.82
CA SER A 87 -18.81 2.97 2.12
C SER A 87 -19.70 4.14 1.73
N SER A 88 -19.66 4.50 0.44
CA SER A 88 -20.46 5.61 -0.07
C SER A 88 -20.86 5.37 -1.52
N GLY A 89 -21.63 6.30 -2.07
CA GLY A 89 -22.07 6.17 -3.45
C GLY A 89 -22.12 7.50 -4.16
N GLY A 1 -5.96 0.21 18.92
CA GLY A 1 -4.77 1.02 19.08
C GLY A 1 -3.53 0.20 19.34
N SER A 2 -3.00 -0.41 18.28
CA SER A 2 -1.80 -1.24 18.41
C SER A 2 -0.71 -0.76 17.46
N SER A 3 0.25 0.00 17.99
CA SER A 3 1.34 0.52 17.20
C SER A 3 2.27 -0.60 16.74
N GLY A 4 2.70 -0.54 15.48
CA GLY A 4 3.58 -1.56 14.95
C GLY A 4 3.44 -1.73 13.44
N SER A 5 3.10 -2.94 13.02
CA SER A 5 2.93 -3.22 11.60
C SER A 5 1.79 -2.40 11.01
N SER A 6 2.12 -1.21 10.51
CA SER A 6 1.13 -0.33 9.92
C SER A 6 0.91 -0.67 8.45
N GLY A 7 -0.34 -0.54 8.01
CA GLY A 7 -0.67 -0.84 6.62
C GLY A 7 -0.99 0.41 5.82
N ILE A 8 -0.46 0.48 4.61
CA ILE A 8 -0.69 1.63 3.75
C ILE A 8 -1.74 1.31 2.67
N PHE A 9 -2.06 2.31 1.86
CA PHE A 9 -3.05 2.13 0.79
C PHE A 9 -2.58 2.81 -0.49
N VAL A 10 -2.93 2.21 -1.63
CA VAL A 10 -2.55 2.76 -2.93
C VAL A 10 -3.76 2.87 -3.85
N ARG A 11 -3.68 3.80 -4.81
CA ARG A 11 -4.76 4.02 -5.75
C ARG A 11 -4.22 4.40 -7.12
N ASN A 12 -5.10 4.40 -8.13
CA ASN A 12 -4.70 4.75 -9.48
C ASN A 12 -3.64 3.78 -10.00
N LEU A 13 -3.75 2.52 -9.62
CA LEU A 13 -2.80 1.50 -10.04
C LEU A 13 -3.21 0.91 -11.39
N PRO A 14 -2.22 0.66 -12.26
CA PRO A 14 -2.45 0.11 -13.59
C PRO A 14 -2.88 -1.35 -13.54
N PHE A 15 -3.77 -1.73 -14.46
CA PHE A 15 -4.26 -3.11 -14.51
C PHE A 15 -3.11 -4.10 -14.42
N ASP A 16 -2.24 -4.08 -15.41
CA ASP A 16 -1.09 -4.99 -15.44
C ASP A 16 -0.58 -5.25 -14.03
N PHE A 17 -0.63 -4.23 -13.18
CA PHE A 17 -0.16 -4.36 -11.81
C PHE A 17 -0.82 -5.55 -11.11
N THR A 18 0.00 -6.55 -10.78
CA THR A 18 -0.49 -7.76 -10.12
C THR A 18 -0.03 -7.81 -8.66
N TRP A 19 -0.84 -8.45 -7.82
CA TRP A 19 -0.51 -8.57 -6.41
C TRP A 19 0.99 -8.76 -6.20
N LYS A 20 1.56 -9.69 -6.97
CA LYS A 20 2.99 -9.97 -6.87
C LYS A 20 3.81 -8.68 -6.89
N MET A 21 3.50 -7.80 -7.83
CA MET A 21 4.20 -6.54 -7.95
C MET A 21 4.07 -5.72 -6.66
N LEU A 22 2.84 -5.42 -6.28
CA LEU A 22 2.59 -4.64 -5.08
C LEU A 22 3.56 -5.04 -3.96
N LYS A 23 3.77 -6.35 -3.80
CA LYS A 23 4.67 -6.86 -2.79
C LYS A 23 6.12 -6.54 -3.13
N ASP A 24 6.61 -7.14 -4.21
CA ASP A 24 7.98 -6.92 -4.65
C ASP A 24 8.26 -5.43 -4.86
N LYS A 25 7.52 -4.83 -5.80
CA LYS A 25 7.68 -3.42 -6.10
C LYS A 25 7.94 -2.61 -4.83
N PHE A 26 7.23 -2.96 -3.76
CA PHE A 26 7.39 -2.27 -2.49
C PHE A 26 8.53 -2.88 -1.67
N ASN A 27 8.76 -4.17 -1.87
CA ASN A 27 9.83 -4.87 -1.15
C ASN A 27 11.12 -4.08 -1.19
N GLU A 28 11.24 -3.18 -2.17
CA GLU A 28 12.43 -2.35 -2.31
C GLU A 28 12.60 -1.43 -1.10
N CYS A 29 11.50 -0.82 -0.67
CA CYS A 29 11.53 0.08 0.47
C CYS A 29 11.75 -0.69 1.78
N GLY A 30 10.90 -1.69 2.01
CA GLY A 30 11.01 -2.48 3.23
C GLY A 30 10.49 -3.89 3.04
N HIS A 31 10.34 -4.61 4.15
CA HIS A 31 9.83 -5.98 4.11
C HIS A 31 8.30 -6.00 4.08
N VAL A 32 7.75 -6.53 2.99
CA VAL A 32 6.31 -6.61 2.84
C VAL A 32 5.75 -7.88 3.48
N LEU A 33 4.79 -7.70 4.38
CA LEU A 33 4.17 -8.84 5.07
C LEU A 33 2.94 -9.32 4.31
N TYR A 34 2.15 -8.38 3.82
CA TYR A 34 0.93 -8.71 3.08
C TYR A 34 0.78 -7.82 1.85
N ALA A 35 0.12 -8.34 0.82
CA ALA A 35 -0.09 -7.59 -0.40
C ALA A 35 -1.21 -8.22 -1.23
N ASP A 36 -2.24 -7.42 -1.52
CA ASP A 36 -3.38 -7.88 -2.31
C ASP A 36 -4.01 -6.74 -3.08
N ILE A 37 -4.41 -7.02 -4.32
CA ILE A 37 -5.04 -6.01 -5.17
C ILE A 37 -6.52 -5.87 -4.85
N LYS A 38 -6.87 -4.82 -4.10
CA LYS A 38 -8.26 -4.58 -3.73
C LYS A 38 -9.15 -4.54 -4.97
N MET A 39 -9.91 -5.62 -5.17
CA MET A 39 -10.82 -5.71 -6.32
C MET A 39 -12.20 -5.19 -5.96
N GLU A 40 -13.01 -4.90 -6.98
CA GLU A 40 -14.35 -4.38 -6.77
C GLU A 40 -15.30 -4.89 -7.85
N ASN A 41 -16.19 -5.81 -7.48
CA ASN A 41 -17.14 -6.38 -8.42
C ASN A 41 -16.47 -7.35 -9.37
N GLY A 42 -15.34 -7.92 -8.93
CA GLY A 42 -14.61 -8.86 -9.76
C GLY A 42 -13.56 -8.18 -10.62
N LYS A 43 -13.70 -6.87 -10.80
CA LYS A 43 -12.76 -6.11 -11.60
C LYS A 43 -11.76 -5.36 -10.72
N SER A 44 -10.55 -5.17 -11.23
CA SER A 44 -9.50 -4.48 -10.48
C SER A 44 -9.65 -2.96 -10.62
N LYS A 45 -9.86 -2.29 -9.50
CA LYS A 45 -10.02 -0.84 -9.50
C LYS A 45 -8.68 -0.15 -9.25
N GLY A 46 -7.60 -0.78 -9.71
CA GLY A 46 -6.28 -0.21 -9.53
C GLY A 46 -6.06 0.32 -8.13
N CYS A 47 -6.25 -0.54 -7.13
CA CYS A 47 -6.08 -0.14 -5.74
C CYS A 47 -5.81 -1.36 -4.86
N GLY A 48 -5.05 -1.16 -3.79
CA GLY A 48 -4.73 -2.24 -2.89
C GLY A 48 -4.10 -1.77 -1.59
N VAL A 49 -3.59 -2.70 -0.80
CA VAL A 49 -2.95 -2.36 0.47
C VAL A 49 -1.60 -3.04 0.60
N VAL A 50 -0.79 -2.55 1.54
CA VAL A 50 0.54 -3.11 1.76
C VAL A 50 0.97 -2.93 3.22
N LYS A 51 1.03 -4.04 3.94
CA LYS A 51 1.43 -4.01 5.35
C LYS A 51 2.95 -4.14 5.49
N PHE A 52 3.47 -3.69 6.63
CA PHE A 52 4.91 -3.75 6.88
C PHE A 52 5.18 -4.25 8.29
N GLU A 53 6.44 -4.56 8.57
CA GLU A 53 6.84 -5.04 9.89
C GLU A 53 6.78 -3.93 10.93
N SER A 54 7.35 -2.78 10.58
CA SER A 54 7.36 -1.64 11.48
C SER A 54 6.51 -0.49 10.92
N PRO A 55 6.06 0.40 11.83
CA PRO A 55 5.22 1.54 11.46
C PRO A 55 6.00 2.58 10.67
N GLU A 56 7.28 2.72 10.97
CA GLU A 56 8.13 3.69 10.28
C GLU A 56 8.31 3.33 8.82
N VAL A 57 8.40 2.02 8.55
CA VAL A 57 8.57 1.54 7.18
C VAL A 57 7.32 1.81 6.34
N ALA A 58 6.16 1.76 6.99
CA ALA A 58 4.90 2.00 6.30
C ALA A 58 4.86 3.41 5.72
N GLU A 59 4.96 4.40 6.59
CA GLU A 59 4.93 5.80 6.17
C GLU A 59 6.10 6.11 5.25
N ARG A 60 7.18 5.33 5.38
CA ARG A 60 8.37 5.54 4.56
C ARG A 60 8.07 5.24 3.09
N ALA A 61 7.31 4.18 2.85
CA ALA A 61 6.96 3.79 1.49
C ALA A 61 5.97 4.77 0.88
N CYS A 62 5.20 5.45 1.73
CA CYS A 62 4.22 6.41 1.28
C CYS A 62 4.89 7.65 0.71
N ARG A 63 6.15 7.86 1.09
CA ARG A 63 6.90 9.01 0.62
C ARG A 63 7.72 8.66 -0.61
N MET A 64 8.28 7.45 -0.62
CA MET A 64 9.10 6.98 -1.74
C MET A 64 8.21 6.55 -2.90
N MET A 65 7.24 5.70 -2.61
CA MET A 65 6.32 5.21 -3.64
C MET A 65 5.46 6.33 -4.19
N ASN A 66 4.64 6.93 -3.32
CA ASN A 66 3.77 8.03 -3.72
C ASN A 66 4.49 8.97 -4.69
N GLY A 67 3.92 9.13 -5.88
CA GLY A 67 4.52 10.01 -6.86
C GLY A 67 5.24 9.24 -7.95
N MET A 68 5.09 7.92 -7.94
CA MET A 68 5.74 7.06 -8.94
C MET A 68 4.76 6.67 -10.04
N LYS A 69 4.93 7.26 -11.22
CA LYS A 69 4.07 6.96 -12.35
C LYS A 69 4.33 5.56 -12.90
N LEU A 70 3.44 4.62 -12.61
CA LEU A 70 3.58 3.25 -13.07
C LEU A 70 3.21 3.12 -14.53
N SER A 71 4.21 3.15 -15.41
CA SER A 71 3.98 3.04 -16.84
C SER A 71 3.22 4.26 -17.37
N GLY A 72 3.36 5.38 -16.66
CA GLY A 72 2.68 6.59 -17.06
C GLY A 72 1.40 6.83 -16.29
N ARG A 73 1.28 6.19 -15.13
CA ARG A 73 0.11 6.32 -14.29
C ARG A 73 0.49 6.78 -12.89
N GLU A 74 0.15 8.02 -12.55
CA GLU A 74 0.45 8.56 -11.23
C GLU A 74 -0.39 7.89 -10.15
N ILE A 75 0.24 7.61 -9.01
CA ILE A 75 -0.46 6.98 -7.90
C ILE A 75 -0.21 7.71 -6.60
N ASP A 76 -1.16 7.60 -5.66
CA ASP A 76 -1.03 8.26 -4.36
C ASP A 76 -0.94 7.24 -3.24
N VAL A 77 0.22 7.16 -2.60
CA VAL A 77 0.43 6.23 -1.51
C VAL A 77 0.43 6.95 -0.16
N ARG A 78 -0.60 6.68 0.63
CA ARG A 78 -0.74 7.30 1.94
C ARG A 78 -0.91 6.25 3.03
N ILE A 79 -0.68 6.64 4.28
CA ILE A 79 -0.81 5.73 5.40
C ILE A 79 -2.28 5.50 5.76
N ASP A 80 -2.68 4.24 5.82
CA ASP A 80 -4.05 3.88 6.15
C ASP A 80 -4.17 3.47 7.62
N ARG A 81 -3.78 4.38 8.50
CA ARG A 81 -3.84 4.12 9.93
C ARG A 81 -5.24 3.65 10.34
N ASN A 82 -5.28 2.62 11.20
CA ASN A 82 -6.54 2.08 11.67
C ASN A 82 -6.84 2.53 13.09
N ALA A 83 -7.75 3.50 13.22
CA ALA A 83 -8.14 4.02 14.52
C ALA A 83 -9.64 4.23 14.61
N SER A 84 -10.30 3.41 15.43
CA SER A 84 -11.74 3.51 15.60
C SER A 84 -12.46 3.17 14.30
N GLY A 85 -11.87 2.27 13.51
CA GLY A 85 -12.48 1.87 12.26
C GLY A 85 -13.81 1.17 12.45
N PRO A 86 -14.14 0.27 11.51
CA PRO A 86 -15.39 -0.49 11.55
C PRO A 86 -15.41 -1.51 12.68
N SER A 87 -16.61 -1.79 13.20
CA SER A 87 -16.76 -2.75 14.29
C SER A 87 -15.91 -3.99 14.04
N SER A 88 -15.15 -4.39 15.06
CA SER A 88 -14.29 -5.56 14.95
C SER A 88 -14.23 -6.31 16.27
N GLY A 89 -14.84 -7.49 16.32
CA GLY A 89 -14.84 -8.29 17.53
C GLY A 89 -15.43 -7.54 18.72
N GLY A 1 5.72 -8.78 18.44
CA GLY A 1 6.07 -7.59 17.68
C GLY A 1 5.57 -6.32 18.32
N SER A 2 6.03 -5.18 17.81
CA SER A 2 5.62 -3.89 18.35
C SER A 2 4.27 -3.46 17.77
N SER A 3 3.35 -4.40 17.66
CA SER A 3 2.03 -4.13 17.13
C SER A 3 2.10 -3.08 16.02
N GLY A 4 3.13 -3.17 15.18
CA GLY A 4 3.30 -2.21 14.10
C GLY A 4 2.42 -2.53 12.91
N SER A 5 1.11 -2.32 13.08
CA SER A 5 0.15 -2.59 12.00
C SER A 5 -0.43 -1.29 11.45
N SER A 6 0.03 -0.90 10.27
CA SER A 6 -0.45 0.32 9.63
C SER A 6 -1.06 0.03 8.27
N GLY A 7 -0.34 -0.75 7.46
CA GLY A 7 -0.84 -1.09 6.14
C GLY A 7 -1.29 0.12 5.36
N ILE A 8 -0.44 0.59 4.45
CA ILE A 8 -0.78 1.75 3.62
C ILE A 8 -1.85 1.42 2.60
N PHE A 9 -2.15 2.37 1.73
CA PHE A 9 -3.16 2.18 0.70
C PHE A 9 -2.77 2.91 -0.58
N VAL A 10 -2.87 2.20 -1.71
CA VAL A 10 -2.53 2.78 -3.00
C VAL A 10 -3.75 2.85 -3.92
N ARG A 11 -3.77 3.82 -4.81
CA ARG A 11 -4.88 4.00 -5.74
C ARG A 11 -4.38 4.43 -7.12
N ASN A 12 -5.20 4.21 -8.14
CA ASN A 12 -4.83 4.58 -9.50
C ASN A 12 -3.76 3.65 -10.05
N LEU A 13 -3.72 2.43 -9.52
CA LEU A 13 -2.74 1.44 -9.97
C LEU A 13 -3.13 0.86 -11.32
N PRO A 14 -2.13 0.63 -12.18
CA PRO A 14 -2.34 0.08 -13.52
C PRO A 14 -2.76 -1.38 -13.48
N PHE A 15 -3.86 -1.70 -14.15
CA PHE A 15 -4.36 -3.07 -14.19
C PHE A 15 -3.22 -4.07 -14.16
N ASP A 16 -2.39 -4.04 -15.20
CA ASP A 16 -1.25 -4.94 -15.30
C ASP A 16 -0.67 -5.25 -13.91
N PHE A 17 -0.52 -4.21 -13.09
CA PHE A 17 0.01 -4.36 -11.75
C PHE A 17 -0.60 -5.58 -11.06
N THR A 18 0.24 -6.60 -10.84
CA THR A 18 -0.21 -7.82 -10.19
C THR A 18 0.25 -7.88 -8.75
N TRP A 19 -0.51 -8.57 -7.91
CA TRP A 19 -0.18 -8.70 -6.49
C TRP A 19 1.32 -8.89 -6.31
N LYS A 20 1.91 -9.78 -7.11
CA LYS A 20 3.35 -10.05 -7.02
C LYS A 20 4.14 -8.75 -6.95
N MET A 21 3.76 -7.78 -7.78
CA MET A 21 4.43 -6.49 -7.80
C MET A 21 4.22 -5.73 -6.49
N LEU A 22 2.96 -5.40 -6.21
CA LEU A 22 2.62 -4.68 -5.00
C LEU A 22 3.48 -5.14 -3.83
N LYS A 23 3.81 -6.43 -3.82
CA LYS A 23 4.63 -7.00 -2.76
C LYS A 23 6.12 -6.82 -3.07
N ASP A 24 6.52 -7.26 -4.26
CA ASP A 24 7.92 -7.16 -4.67
C ASP A 24 8.32 -5.70 -4.85
N LYS A 25 7.62 -5.00 -5.74
CA LYS A 25 7.91 -3.60 -6.00
C LYS A 25 8.11 -2.83 -4.69
N PHE A 26 7.20 -3.03 -3.74
CA PHE A 26 7.28 -2.36 -2.46
C PHE A 26 8.38 -2.97 -1.59
N ASN A 27 8.48 -4.30 -1.62
CA ASN A 27 9.48 -5.01 -0.84
C ASN A 27 10.83 -4.29 -0.92
N GLU A 28 11.02 -3.51 -1.96
CA GLU A 28 12.27 -2.77 -2.15
C GLU A 28 12.57 -1.90 -0.92
N CYS A 29 11.55 -1.24 -0.41
CA CYS A 29 11.70 -0.38 0.76
C CYS A 29 11.96 -1.21 2.01
N GLY A 30 11.07 -2.17 2.28
CA GLY A 30 11.21 -3.00 3.44
C GLY A 30 10.66 -4.40 3.22
N HIS A 31 10.20 -5.03 4.29
CA HIS A 31 9.65 -6.39 4.22
C HIS A 31 8.12 -6.34 4.22
N VAL A 32 7.52 -6.73 3.11
CA VAL A 32 6.06 -6.74 3.00
C VAL A 32 5.47 -7.99 3.64
N LEU A 33 4.45 -7.80 4.47
CA LEU A 33 3.78 -8.90 5.15
C LEU A 33 2.49 -9.28 4.45
N TYR A 34 1.79 -8.28 3.93
CA TYR A 34 0.53 -8.52 3.22
C TYR A 34 0.46 -7.69 1.95
N ALA A 35 -0.07 -8.29 0.89
CA ALA A 35 -0.19 -7.61 -0.39
C ALA A 35 -1.30 -8.23 -1.24
N ASP A 36 -2.35 -7.44 -1.50
CA ASP A 36 -3.48 -7.91 -2.29
C ASP A 36 -4.07 -6.77 -3.12
N ILE A 37 -4.45 -7.09 -4.35
CA ILE A 37 -5.04 -6.08 -5.24
C ILE A 37 -6.55 -5.97 -5.03
N LYS A 38 -7.00 -4.79 -4.63
CA LYS A 38 -8.41 -4.56 -4.40
C LYS A 38 -9.18 -4.50 -5.72
N MET A 39 -9.24 -5.64 -6.40
CA MET A 39 -9.95 -5.73 -7.68
C MET A 39 -11.43 -6.00 -7.47
N GLU A 40 -12.21 -5.93 -8.54
CA GLU A 40 -13.64 -6.17 -8.47
C GLU A 40 -14.18 -6.66 -9.81
N ASN A 41 -15.19 -7.53 -9.74
CA ASN A 41 -15.79 -8.10 -10.95
C ASN A 41 -14.73 -8.74 -11.84
N GLY A 42 -13.70 -9.29 -11.20
CA GLY A 42 -12.63 -9.95 -11.95
C GLY A 42 -11.65 -8.96 -12.55
N LYS A 43 -12.05 -7.69 -12.60
CA LYS A 43 -11.20 -6.63 -13.14
C LYS A 43 -10.68 -5.74 -12.03
N SER A 44 -9.38 -5.48 -12.04
CA SER A 44 -8.75 -4.63 -11.04
C SER A 44 -9.34 -3.21 -11.08
N LYS A 45 -9.14 -2.47 -10.01
CA LYS A 45 -9.64 -1.09 -9.92
C LYS A 45 -8.51 -0.13 -9.59
N GLY A 46 -7.28 -0.54 -9.84
CA GLY A 46 -6.14 0.31 -9.56
C GLY A 46 -6.08 0.73 -8.11
N CYS A 47 -6.11 -0.23 -7.21
CA CYS A 47 -6.06 0.04 -5.77
C CYS A 47 -5.67 -1.20 -4.98
N GLY A 48 -4.90 -1.00 -3.91
CA GLY A 48 -4.47 -2.11 -3.09
C GLY A 48 -3.90 -1.66 -1.76
N VAL A 49 -3.44 -2.62 -0.97
CA VAL A 49 -2.87 -2.32 0.34
C VAL A 49 -1.55 -3.05 0.55
N VAL A 50 -0.69 -2.49 1.39
CA VAL A 50 0.61 -3.10 1.68
C VAL A 50 0.99 -2.93 3.15
N LYS A 51 1.29 -4.03 3.81
CA LYS A 51 1.67 -4.01 5.22
C LYS A 51 3.18 -4.18 5.37
N PHE A 52 3.72 -3.58 6.43
CA PHE A 52 5.15 -3.67 6.70
C PHE A 52 5.41 -4.17 8.12
N GLU A 53 6.68 -4.48 8.41
CA GLU A 53 7.05 -4.98 9.72
C GLU A 53 7.02 -3.86 10.76
N SER A 54 7.51 -2.69 10.37
CA SER A 54 7.54 -1.54 11.27
C SER A 54 6.66 -0.41 10.73
N PRO A 55 6.21 0.46 11.64
CA PRO A 55 5.36 1.61 11.28
C PRO A 55 6.12 2.67 10.49
N GLU A 56 7.40 2.83 10.80
CA GLU A 56 8.23 3.81 10.12
C GLU A 56 8.40 3.45 8.64
N VAL A 57 8.53 2.16 8.36
CA VAL A 57 8.68 1.68 7.00
C VAL A 57 7.42 1.91 6.18
N ALA A 58 6.27 1.81 6.84
CA ALA A 58 4.98 2.01 6.18
C ALA A 58 4.87 3.43 5.62
N GLU A 59 5.09 4.42 6.48
CA GLU A 59 5.02 5.81 6.07
C GLU A 59 6.18 6.18 5.16
N ARG A 60 7.28 5.45 5.29
CA ARG A 60 8.46 5.71 4.47
C ARG A 60 8.21 5.35 3.02
N ALA A 61 7.55 4.21 2.79
CA ALA A 61 7.25 3.76 1.44
C ALA A 61 6.28 4.71 0.75
N CYS A 62 5.49 5.43 1.55
CA CYS A 62 4.52 6.39 1.02
C CYS A 62 5.23 7.55 0.33
N ARG A 63 6.14 8.19 1.05
CA ARG A 63 6.89 9.32 0.52
C ARG A 63 7.69 8.92 -0.72
N MET A 64 8.31 7.75 -0.66
CA MET A 64 9.11 7.25 -1.78
C MET A 64 8.21 6.85 -2.94
N MET A 65 7.13 6.13 -2.65
CA MET A 65 6.19 5.69 -3.68
C MET A 65 5.28 6.83 -4.10
N ASN A 66 4.42 7.26 -3.18
CA ASN A 66 3.49 8.35 -3.47
C ASN A 66 4.12 9.38 -4.41
N GLY A 67 3.77 9.29 -5.68
CA GLY A 67 4.31 10.23 -6.66
C GLY A 67 5.03 9.51 -7.79
N MET A 68 4.91 8.20 -7.83
CA MET A 68 5.56 7.40 -8.87
C MET A 68 4.58 7.04 -9.98
N LYS A 69 4.95 7.37 -11.22
CA LYS A 69 4.11 7.07 -12.37
C LYS A 69 4.39 5.67 -12.91
N LEU A 70 3.54 4.72 -12.55
CA LEU A 70 3.71 3.34 -13.01
C LEU A 70 3.29 3.20 -14.47
N SER A 71 4.27 3.14 -15.36
CA SER A 71 4.00 3.00 -16.79
C SER A 71 3.17 4.17 -17.29
N GLY A 72 3.32 5.31 -16.64
CA GLY A 72 2.58 6.50 -17.04
C GLY A 72 1.29 6.68 -16.26
N ARG A 73 1.25 6.14 -15.04
CA ARG A 73 0.07 6.23 -14.20
C ARG A 73 0.45 6.72 -12.81
N GLU A 74 -0.05 7.90 -12.44
CA GLU A 74 0.24 8.47 -11.13
C GLU A 74 -0.61 7.81 -10.05
N ILE A 75 0.02 7.56 -8.90
CA ILE A 75 -0.68 6.92 -7.79
C ILE A 75 -0.51 7.73 -6.50
N ASP A 76 -1.46 7.59 -5.59
CA ASP A 76 -1.42 8.30 -4.32
C ASP A 76 -1.27 7.33 -3.15
N VAL A 77 -0.07 7.24 -2.61
CA VAL A 77 0.21 6.34 -1.49
C VAL A 77 0.19 7.09 -0.17
N ARG A 78 -0.62 6.63 0.77
CA ARG A 78 -0.74 7.26 2.08
C ARG A 78 -0.91 6.22 3.18
N ILE A 79 -0.71 6.64 4.42
CA ILE A 79 -0.83 5.73 5.56
C ILE A 79 -2.30 5.55 5.94
N ASP A 80 -2.82 4.34 5.74
CA ASP A 80 -4.20 4.04 6.06
C ASP A 80 -4.37 3.84 7.56
N ARG A 81 -4.17 4.92 8.33
CA ARG A 81 -4.30 4.87 9.77
C ARG A 81 -5.47 3.97 10.18
N ASN A 82 -5.15 2.91 10.91
CA ASN A 82 -6.17 1.96 11.37
C ASN A 82 -6.68 2.34 12.76
N ALA A 83 -5.76 2.40 13.72
CA ALA A 83 -6.12 2.76 15.09
C ALA A 83 -6.31 4.26 15.23
N SER A 84 -7.50 4.74 14.92
CA SER A 84 -7.80 6.16 15.00
C SER A 84 -8.87 6.42 16.07
N GLY A 85 -8.41 6.78 17.27
CA GLY A 85 -9.34 7.06 18.36
C GLY A 85 -9.69 8.52 18.46
N PRO A 86 -10.39 8.89 19.54
CA PRO A 86 -10.81 10.28 19.79
C PRO A 86 -9.63 11.19 20.11
N SER A 87 -9.05 11.78 19.08
CA SER A 87 -7.91 12.68 19.25
C SER A 87 -8.11 13.58 20.47
N SER A 88 -9.29 14.18 20.56
CA SER A 88 -9.62 15.07 21.67
C SER A 88 -11.05 14.83 22.16
N GLY A 89 -11.26 15.07 23.46
CA GLY A 89 -12.59 14.88 24.03
C GLY A 89 -12.72 15.53 25.39
N GLY A 1 -5.75 2.54 22.29
CA GLY A 1 -4.67 3.46 22.61
C GLY A 1 -4.13 4.19 21.40
N SER A 2 -2.98 3.75 20.90
CA SER A 2 -2.36 4.38 19.74
C SER A 2 -2.06 3.34 18.66
N SER A 3 -3.06 3.03 17.84
CA SER A 3 -2.90 2.06 16.78
C SER A 3 -2.96 2.73 15.41
N GLY A 4 -1.86 2.67 14.67
CA GLY A 4 -1.80 3.28 13.35
C GLY A 4 -0.42 3.21 12.74
N SER A 5 -0.17 4.08 11.76
CA SER A 5 1.12 4.12 11.09
C SER A 5 1.49 2.74 10.55
N SER A 6 0.53 2.08 9.91
CA SER A 6 0.76 0.75 9.35
C SER A 6 -0.17 0.50 8.17
N GLY A 7 -0.01 -0.67 7.53
CA GLY A 7 -0.83 -1.01 6.39
C GLY A 7 -1.20 0.19 5.55
N ILE A 8 -0.38 0.47 4.55
CA ILE A 8 -0.61 1.61 3.66
C ILE A 8 -1.59 1.25 2.56
N PHE A 9 -2.09 2.26 1.85
CA PHE A 9 -3.04 2.05 0.77
C PHE A 9 -2.57 2.74 -0.51
N VAL A 10 -2.92 2.16 -1.65
CA VAL A 10 -2.54 2.72 -2.94
C VAL A 10 -3.73 2.79 -3.89
N ARG A 11 -3.75 3.83 -4.73
CA ARG A 11 -4.84 4.02 -5.68
C ARG A 11 -4.30 4.46 -7.04
N ASN A 12 -5.09 4.22 -8.08
CA ASN A 12 -4.69 4.59 -9.44
C ASN A 12 -3.57 3.68 -9.95
N LEU A 13 -3.70 2.38 -9.66
CA LEU A 13 -2.71 1.41 -10.10
C LEU A 13 -3.06 0.85 -11.47
N PRO A 14 -2.03 0.63 -12.30
CA PRO A 14 -2.20 0.09 -13.65
C PRO A 14 -2.62 -1.37 -13.64
N PHE A 15 -3.65 -1.70 -14.42
CA PHE A 15 -4.16 -3.06 -14.50
C PHE A 15 -3.01 -4.07 -14.37
N ASP A 16 -2.11 -4.06 -15.33
CA ASP A 16 -0.96 -4.97 -15.32
C ASP A 16 -0.49 -5.23 -13.90
N PHE A 17 -0.44 -4.18 -13.08
CA PHE A 17 -0.01 -4.31 -11.70
C PHE A 17 -0.69 -5.50 -11.02
N THR A 18 0.09 -6.53 -10.74
CA THR A 18 -0.43 -7.73 -10.10
C THR A 18 0.02 -7.82 -8.65
N TRP A 19 -0.77 -8.49 -7.82
CA TRP A 19 -0.44 -8.65 -6.41
C TRP A 19 1.06 -8.76 -6.20
N LYS A 20 1.70 -9.61 -7.01
CA LYS A 20 3.14 -9.81 -6.92
C LYS A 20 3.87 -8.47 -6.84
N MET A 21 3.60 -7.59 -7.80
CA MET A 21 4.23 -6.28 -7.83
C MET A 21 4.03 -5.54 -6.50
N LEU A 22 2.77 -5.28 -6.17
CA LEU A 22 2.44 -4.58 -4.93
C LEU A 22 3.37 -5.01 -3.79
N LYS A 23 3.72 -6.29 -3.79
CA LYS A 23 4.61 -6.84 -2.77
C LYS A 23 6.07 -6.54 -3.10
N ASP A 24 6.51 -7.03 -4.26
CA ASP A 24 7.89 -6.82 -4.69
C ASP A 24 8.17 -5.33 -4.91
N LYS A 25 7.50 -4.74 -5.89
CA LYS A 25 7.68 -3.33 -6.20
C LYS A 25 7.89 -2.52 -4.93
N PHE A 26 7.21 -2.92 -3.86
CA PHE A 26 7.32 -2.23 -2.58
C PHE A 26 8.47 -2.79 -1.75
N ASN A 27 8.67 -4.10 -1.85
CA ASN A 27 9.74 -4.77 -1.11
C ASN A 27 11.03 -3.94 -1.15
N GLU A 28 11.15 -3.09 -2.17
CA GLU A 28 12.33 -2.25 -2.32
C GLU A 28 12.54 -1.38 -1.08
N CYS A 29 11.47 -0.77 -0.60
CA CYS A 29 11.53 0.09 0.57
C CYS A 29 11.86 -0.73 1.83
N GLY A 30 11.08 -1.80 2.04
CA GLY A 30 11.30 -2.64 3.21
C GLY A 30 10.78 -4.04 3.00
N HIS A 31 10.17 -4.61 4.05
CA HIS A 31 9.62 -5.96 3.97
C HIS A 31 8.10 -5.92 3.89
N VAL A 32 7.56 -6.55 2.85
CA VAL A 32 6.11 -6.58 2.65
C VAL A 32 5.51 -7.83 3.28
N LEU A 33 4.59 -7.63 4.22
CA LEU A 33 3.94 -8.74 4.91
C LEU A 33 2.65 -9.12 4.19
N TYR A 34 1.85 -8.13 3.83
CA TYR A 34 0.58 -8.37 3.15
C TYR A 34 0.47 -7.51 1.89
N ALA A 35 -0.08 -8.09 0.83
CA ALA A 35 -0.25 -7.38 -0.43
C ALA A 35 -1.33 -8.02 -1.28
N ASP A 36 -2.47 -7.35 -1.39
CA ASP A 36 -3.59 -7.85 -2.18
C ASP A 36 -4.28 -6.72 -2.92
N ILE A 37 -4.60 -6.95 -4.19
CA ILE A 37 -5.26 -5.96 -5.02
C ILE A 37 -6.76 -5.91 -4.73
N LYS A 38 -7.23 -4.75 -4.27
CA LYS A 38 -8.65 -4.58 -3.96
C LYS A 38 -9.50 -4.65 -5.22
N MET A 39 -10.06 -5.83 -5.48
CA MET A 39 -10.90 -6.03 -6.66
C MET A 39 -12.36 -5.76 -6.33
N GLU A 40 -13.09 -5.24 -7.31
CA GLU A 40 -14.51 -4.93 -7.13
C GLU A 40 -15.39 -5.88 -7.96
N ASN A 41 -15.73 -7.02 -7.37
CA ASN A 41 -16.56 -8.00 -8.05
C ASN A 41 -15.87 -8.51 -9.32
N GLY A 42 -14.56 -8.69 -9.24
CA GLY A 42 -13.81 -9.17 -10.38
C GLY A 42 -13.40 -8.06 -11.32
N LYS A 43 -13.40 -6.83 -10.81
CA LYS A 43 -13.02 -5.67 -11.61
C LYS A 43 -11.98 -4.82 -10.89
N SER A 44 -10.73 -5.21 -11.02
CA SER A 44 -9.63 -4.48 -10.38
C SER A 44 -9.79 -2.99 -10.58
N LYS A 45 -9.90 -2.26 -9.47
CA LYS A 45 -10.05 -0.80 -9.53
C LYS A 45 -8.70 -0.11 -9.35
N GLY A 46 -7.62 -0.86 -9.58
CA GLY A 46 -6.29 -0.29 -9.45
C GLY A 46 -6.03 0.25 -8.05
N CYS A 47 -6.34 -0.55 -7.04
CA CYS A 47 -6.13 -0.15 -5.65
C CYS A 47 -5.82 -1.36 -4.77
N GLY A 48 -5.02 -1.13 -3.73
CA GLY A 48 -4.65 -2.21 -2.83
C GLY A 48 -4.03 -1.70 -1.55
N VAL A 49 -3.46 -2.62 -0.77
CA VAL A 49 -2.82 -2.27 0.49
C VAL A 49 -1.50 -2.97 0.66
N VAL A 50 -0.66 -2.48 1.57
CA VAL A 50 0.65 -3.06 1.82
C VAL A 50 1.06 -2.87 3.29
N LYS A 51 1.23 -3.97 3.99
CA LYS A 51 1.64 -3.93 5.39
C LYS A 51 3.13 -4.20 5.54
N PHE A 52 3.71 -3.70 6.63
CA PHE A 52 5.13 -3.88 6.89
C PHE A 52 5.37 -4.35 8.33
N GLU A 53 6.63 -4.58 8.66
CA GLU A 53 6.99 -5.04 10.00
C GLU A 53 6.98 -3.88 10.99
N SER A 54 7.59 -2.76 10.59
CA SER A 54 7.66 -1.58 11.44
C SER A 54 6.70 -0.50 10.94
N PRO A 55 6.28 0.38 11.86
CA PRO A 55 5.36 1.48 11.53
C PRO A 55 6.02 2.55 10.66
N GLU A 56 7.28 2.85 10.95
CA GLU A 56 8.03 3.84 10.20
C GLU A 56 8.17 3.43 8.74
N VAL A 57 8.41 2.14 8.52
CA VAL A 57 8.57 1.61 7.17
C VAL A 57 7.29 1.80 6.35
N ALA A 58 6.15 1.73 7.03
CA ALA A 58 4.87 1.89 6.36
C ALA A 58 4.74 3.28 5.75
N GLU A 59 4.96 4.30 6.57
CA GLU A 59 4.87 5.69 6.11
C GLU A 59 6.01 6.02 5.15
N ARG A 60 7.11 5.30 5.30
CA ARG A 60 8.28 5.52 4.46
C ARG A 60 7.95 5.27 2.99
N ALA A 61 7.29 4.15 2.72
CA ALA A 61 6.92 3.79 1.36
C ALA A 61 5.93 4.81 0.78
N CYS A 62 5.17 5.45 1.66
CA CYS A 62 4.19 6.45 1.23
C CYS A 62 4.89 7.65 0.59
N ARG A 63 6.14 7.85 0.94
CA ARG A 63 6.92 8.97 0.41
C ARG A 63 7.67 8.55 -0.85
N MET A 64 8.30 7.39 -0.80
CA MET A 64 9.06 6.87 -1.94
C MET A 64 8.12 6.43 -3.06
N MET A 65 7.17 5.56 -2.72
CA MET A 65 6.21 5.06 -3.70
C MET A 65 5.38 6.21 -4.28
N ASN A 66 4.60 6.87 -3.41
CA ASN A 66 3.76 7.98 -3.84
C ASN A 66 4.53 8.92 -4.77
N GLY A 67 3.91 9.25 -5.90
CA GLY A 67 4.54 10.13 -6.87
C GLY A 67 5.25 9.38 -7.97
N MET A 68 5.12 8.06 -7.97
CA MET A 68 5.75 7.23 -8.98
C MET A 68 4.76 6.83 -10.06
N LYS A 69 5.04 7.27 -11.29
CA LYS A 69 4.17 6.96 -12.43
C LYS A 69 4.47 5.58 -12.98
N LEU A 70 3.67 4.60 -12.61
CA LEU A 70 3.85 3.23 -13.08
C LEU A 70 3.42 3.10 -14.54
N SER A 71 4.40 3.19 -15.44
CA SER A 71 4.12 3.08 -16.88
C SER A 71 3.31 4.26 -17.36
N GLY A 72 3.41 5.39 -16.65
CA GLY A 72 2.67 6.58 -17.03
C GLY A 72 1.40 6.75 -16.22
N ARG A 73 1.34 6.10 -15.06
CA ARG A 73 0.18 6.19 -14.19
C ARG A 73 0.57 6.64 -12.79
N GLU A 74 0.15 7.84 -12.43
CA GLU A 74 0.46 8.40 -11.12
C GLU A 74 -0.37 7.71 -10.03
N ILE A 75 0.24 7.52 -8.86
CA ILE A 75 -0.44 6.88 -7.75
C ILE A 75 -0.25 7.67 -6.45
N ASP A 76 -1.18 7.52 -5.53
CA ASP A 76 -1.13 8.22 -4.25
C ASP A 76 -1.03 7.24 -3.09
N VAL A 77 0.17 7.06 -2.57
CA VAL A 77 0.40 6.14 -1.46
C VAL A 77 0.32 6.86 -0.12
N ARG A 78 -0.50 6.35 0.78
CA ARG A 78 -0.68 6.95 2.10
C ARG A 78 -0.94 5.88 3.15
N ILE A 79 -0.73 6.23 4.41
CA ILE A 79 -0.95 5.31 5.52
C ILE A 79 -2.44 5.13 5.79
N ASP A 80 -2.89 3.88 5.80
CA ASP A 80 -4.29 3.58 6.06
C ASP A 80 -4.50 3.16 7.51
N ARG A 81 -4.19 4.07 8.43
CA ARG A 81 -4.34 3.78 9.85
C ARG A 81 -5.81 3.61 10.23
N ASN A 82 -6.68 4.28 9.48
CA ASN A 82 -8.12 4.20 9.73
C ASN A 82 -8.90 4.93 8.63
N ALA A 83 -10.19 4.61 8.53
CA ALA A 83 -11.05 5.23 7.53
C ALA A 83 -11.59 6.56 8.01
N SER A 84 -11.67 7.53 7.11
CA SER A 84 -12.17 8.86 7.44
C SER A 84 -13.45 8.77 8.27
N GLY A 85 -13.37 9.24 9.51
CA GLY A 85 -14.52 9.20 10.39
C GLY A 85 -14.18 9.53 11.83
N PRO A 86 -14.05 8.51 12.66
CA PRO A 86 -13.71 8.68 14.09
C PRO A 86 -12.28 9.16 14.29
N SER A 87 -12.12 10.46 14.54
CA SER A 87 -10.80 11.04 14.74
C SER A 87 -10.65 11.54 16.19
N SER A 88 -11.74 12.00 16.77
CA SER A 88 -11.74 12.51 18.13
C SER A 88 -11.41 11.39 19.12
N GLY A 89 -10.50 11.66 20.04
CA GLY A 89 -10.11 10.67 21.03
C GLY A 89 -9.72 9.35 20.40
N GLY A 1 -6.01 4.92 19.27
CA GLY A 1 -4.77 4.54 19.92
C GLY A 1 -3.74 4.01 18.95
N SER A 2 -2.59 4.67 18.88
CA SER A 2 -1.53 4.26 17.97
C SER A 2 -0.87 2.97 18.46
N SER A 3 -1.26 1.85 17.86
CA SER A 3 -0.71 0.55 18.23
C SER A 3 -0.96 -0.47 17.13
N GLY A 4 -0.06 -1.45 17.03
CA GLY A 4 -0.20 -2.49 16.02
C GLY A 4 0.38 -2.08 14.68
N SER A 5 0.57 -3.04 13.80
CA SER A 5 1.13 -2.77 12.47
C SER A 5 0.35 -1.66 11.77
N SER A 6 0.86 -1.23 10.62
CA SER A 6 0.21 -0.18 9.85
C SER A 6 0.33 -0.44 8.36
N GLY A 7 -0.82 -0.64 7.71
CA GLY A 7 -0.82 -0.91 6.27
C GLY A 7 -1.26 0.30 5.47
N ILE A 8 -0.44 0.69 4.51
CA ILE A 8 -0.75 1.85 3.66
C ILE A 8 -1.78 1.48 2.61
N PHE A 9 -2.09 2.43 1.74
CA PHE A 9 -3.07 2.22 0.68
C PHE A 9 -2.65 2.93 -0.60
N VAL A 10 -2.83 2.26 -1.74
CA VAL A 10 -2.47 2.83 -3.03
C VAL A 10 -3.67 2.90 -3.96
N ARG A 11 -3.71 3.92 -4.80
CA ARG A 11 -4.82 4.10 -5.74
C ARG A 11 -4.30 4.53 -7.11
N ASN A 12 -5.10 4.29 -8.14
CA ASN A 12 -4.73 4.65 -9.50
C ASN A 12 -3.66 3.70 -10.04
N LEU A 13 -3.74 2.44 -9.62
CA LEU A 13 -2.78 1.42 -10.06
C LEU A 13 -3.20 0.83 -11.40
N PRO A 14 -2.21 0.56 -12.27
CA PRO A 14 -2.45 -0.02 -13.59
C PRO A 14 -2.92 -1.46 -13.52
N PHE A 15 -3.67 -1.88 -14.53
CA PHE A 15 -4.18 -3.25 -14.58
C PHE A 15 -3.05 -4.26 -14.48
N ASP A 16 -2.13 -4.22 -15.45
CA ASP A 16 -1.01 -5.14 -15.47
C ASP A 16 -0.47 -5.37 -14.05
N PHE A 17 -0.67 -4.40 -13.18
CA PHE A 17 -0.21 -4.50 -11.79
C PHE A 17 -0.82 -5.73 -11.12
N THR A 18 0.02 -6.72 -10.84
CA THR A 18 -0.43 -7.94 -10.20
C THR A 18 0.00 -7.98 -8.74
N TRP A 19 -0.80 -8.64 -7.90
CA TRP A 19 -0.50 -8.76 -6.48
C TRP A 19 1.01 -8.90 -6.25
N LYS A 20 1.63 -9.81 -7.00
CA LYS A 20 3.07 -10.05 -6.87
C LYS A 20 3.83 -8.73 -6.90
N MET A 21 3.54 -7.89 -7.89
CA MET A 21 4.21 -6.60 -8.03
C MET A 21 4.08 -5.79 -6.73
N LEU A 22 2.84 -5.48 -6.35
CA LEU A 22 2.60 -4.71 -5.14
C LEU A 22 3.58 -5.09 -4.04
N LYS A 23 3.76 -6.38 -3.84
CA LYS A 23 4.68 -6.88 -2.82
C LYS A 23 6.13 -6.56 -3.19
N ASP A 24 6.67 -7.30 -4.16
CA ASP A 24 8.04 -7.09 -4.61
C ASP A 24 8.33 -5.59 -4.79
N LYS A 25 7.60 -4.96 -5.69
CA LYS A 25 7.77 -3.53 -5.95
C LYS A 25 8.07 -2.77 -4.66
N PHE A 26 7.22 -2.97 -3.66
CA PHE A 26 7.39 -2.30 -2.38
C PHE A 26 8.50 -2.97 -1.56
N ASN A 27 8.75 -4.23 -1.85
CA ASN A 27 9.78 -4.99 -1.14
C ASN A 27 11.13 -4.27 -1.21
N GLU A 28 11.26 -3.36 -2.17
CA GLU A 28 12.50 -2.61 -2.33
C GLU A 28 12.72 -1.66 -1.16
N CYS A 29 11.66 -1.00 -0.72
CA CYS A 29 11.74 -0.06 0.39
C CYS A 29 11.99 -0.81 1.70
N GLY A 30 11.14 -1.79 1.99
CA GLY A 30 11.29 -2.56 3.21
C GLY A 30 10.82 -3.99 3.05
N HIS A 31 10.17 -4.52 4.08
CA HIS A 31 9.68 -5.89 4.04
C HIS A 31 8.16 -5.93 3.97
N VAL A 32 7.64 -6.46 2.87
CA VAL A 32 6.20 -6.55 2.67
C VAL A 32 5.63 -7.82 3.28
N LEU A 33 4.64 -7.65 4.16
CA LEU A 33 4.01 -8.79 4.83
C LEU A 33 2.71 -9.18 4.13
N TYR A 34 1.97 -8.17 3.67
CA TYR A 34 0.70 -8.40 3.00
C TYR A 34 0.57 -7.52 1.77
N ALA A 35 0.03 -8.08 0.69
CA ALA A 35 -0.15 -7.35 -0.55
C ALA A 35 -1.24 -7.98 -1.41
N ASP A 36 -2.35 -7.26 -1.55
CA ASP A 36 -3.48 -7.76 -2.35
C ASP A 36 -4.09 -6.64 -3.17
N ILE A 37 -4.66 -7.00 -4.31
CA ILE A 37 -5.29 -6.01 -5.20
C ILE A 37 -6.80 -6.02 -5.05
N LYS A 38 -7.33 -4.99 -4.40
CA LYS A 38 -8.77 -4.88 -4.19
C LYS A 38 -9.52 -4.80 -5.53
N MET A 39 -10.40 -5.76 -5.75
CA MET A 39 -11.18 -5.81 -7.00
C MET A 39 -12.60 -5.30 -6.76
N GLU A 40 -13.30 -4.98 -7.84
CA GLU A 40 -14.66 -4.48 -7.75
C GLU A 40 -15.44 -4.79 -9.03
N ASN A 41 -16.45 -5.64 -8.92
CA ASN A 41 -17.27 -6.02 -10.06
C ASN A 41 -16.50 -6.96 -10.99
N GLY A 42 -15.57 -7.72 -10.41
CA GLY A 42 -14.78 -8.65 -11.20
C GLY A 42 -13.64 -7.98 -11.93
N LYS A 43 -13.65 -6.65 -11.94
CA LYS A 43 -12.60 -5.89 -12.60
C LYS A 43 -11.74 -5.12 -11.59
N SER A 44 -10.44 -5.09 -11.83
CA SER A 44 -9.52 -4.40 -10.94
C SER A 44 -9.73 -2.89 -11.00
N LYS A 45 -9.68 -2.24 -9.84
CA LYS A 45 -9.85 -0.79 -9.76
C LYS A 45 -8.55 -0.10 -9.43
N GLY A 46 -7.43 -0.75 -9.75
CA GLY A 46 -6.13 -0.18 -9.46
C GLY A 46 -6.00 0.31 -8.04
N CYS A 47 -6.33 -0.55 -7.09
CA CYS A 47 -6.27 -0.19 -5.67
C CYS A 47 -5.84 -1.40 -4.83
N GLY A 48 -5.06 -1.13 -3.79
CA GLY A 48 -4.59 -2.20 -2.92
C GLY A 48 -3.98 -1.67 -1.63
N VAL A 49 -3.47 -2.58 -0.82
CA VAL A 49 -2.86 -2.20 0.46
C VAL A 49 -1.57 -2.98 0.70
N VAL A 50 -0.69 -2.40 1.52
CA VAL A 50 0.58 -3.04 1.83
C VAL A 50 0.93 -2.86 3.31
N LYS A 51 1.28 -3.97 3.96
CA LYS A 51 1.63 -3.94 5.38
C LYS A 51 3.13 -4.20 5.56
N PHE A 52 3.69 -3.62 6.61
CA PHE A 52 5.11 -3.78 6.91
C PHE A 52 5.31 -4.24 8.35
N GLU A 53 6.55 -4.62 8.67
CA GLU A 53 6.88 -5.09 10.02
C GLU A 53 6.85 -3.93 11.01
N SER A 54 7.45 -2.81 10.62
CA SER A 54 7.50 -1.63 11.48
C SER A 54 6.67 -0.49 10.88
N PRO A 55 6.20 0.41 11.76
CA PRO A 55 5.39 1.57 11.34
C PRO A 55 6.21 2.60 10.58
N GLU A 56 7.48 2.72 10.93
CA GLU A 56 8.37 3.68 10.27
C GLU A 56 8.54 3.32 8.80
N VAL A 57 8.57 2.03 8.51
CA VAL A 57 8.73 1.55 7.14
C VAL A 57 7.47 1.82 6.31
N ALA A 58 6.32 1.62 6.93
CA ALA A 58 5.05 1.82 6.26
C ALA A 58 4.93 3.26 5.74
N GLU A 59 5.09 4.22 6.64
CA GLU A 59 5.01 5.63 6.27
C GLU A 59 6.15 6.02 5.35
N ARG A 60 7.25 5.28 5.44
CA ARG A 60 8.42 5.55 4.61
C ARG A 60 8.11 5.35 3.14
N ALA A 61 7.44 4.24 2.84
CA ALA A 61 7.08 3.93 1.46
C ALA A 61 6.07 4.92 0.91
N CYS A 62 5.28 5.51 1.80
CA CYS A 62 4.27 6.50 1.40
C CYS A 62 4.93 7.77 0.89
N ARG A 63 6.18 7.98 1.27
CA ARG A 63 6.93 9.16 0.85
C ARG A 63 7.72 8.88 -0.42
N MET A 64 8.23 7.66 -0.53
CA MET A 64 9.02 7.26 -1.71
C MET A 64 8.10 6.85 -2.85
N MET A 65 7.17 5.95 -2.57
CA MET A 65 6.23 5.47 -3.58
C MET A 65 5.33 6.60 -4.06
N ASN A 66 4.54 7.15 -3.15
CA ASN A 66 3.63 8.24 -3.48
C ASN A 66 4.27 9.20 -4.48
N GLY A 67 3.83 9.12 -5.74
CA GLY A 67 4.37 9.98 -6.77
C GLY A 67 5.13 9.22 -7.82
N MET A 68 4.99 7.89 -7.82
CA MET A 68 5.67 7.05 -8.79
C MET A 68 4.73 6.64 -9.92
N LYS A 69 4.98 7.17 -11.10
CA LYS A 69 4.14 6.86 -12.27
C LYS A 69 4.42 5.45 -12.78
N LEU A 70 3.49 4.53 -12.51
CA LEU A 70 3.64 3.15 -12.94
C LEU A 70 3.26 3.00 -14.42
N SER A 71 4.25 3.14 -15.29
CA SER A 71 4.03 3.03 -16.73
C SER A 71 3.25 4.22 -17.26
N GLY A 72 3.46 5.39 -16.64
CA GLY A 72 2.77 6.59 -17.07
C GLY A 72 1.50 6.83 -16.28
N ARG A 73 1.33 6.10 -15.18
CA ARG A 73 0.15 6.24 -14.34
C ARG A 73 0.52 6.72 -12.94
N GLU A 74 0.13 7.95 -12.61
CA GLU A 74 0.42 8.52 -11.30
C GLU A 74 -0.45 7.87 -10.23
N ILE A 75 0.15 7.60 -9.07
CA ILE A 75 -0.57 6.99 -7.96
C ILE A 75 -0.33 7.76 -6.66
N ASP A 76 -1.28 7.65 -5.73
CA ASP A 76 -1.17 8.34 -4.45
C ASP A 76 -1.13 7.32 -3.31
N VAL A 77 -0.08 7.41 -2.49
CA VAL A 77 0.08 6.50 -1.36
C VAL A 77 0.03 7.26 -0.04
N ARG A 78 -0.79 6.76 0.89
CA ARG A 78 -0.93 7.39 2.20
C ARG A 78 -1.14 6.35 3.29
N ILE A 79 -0.76 6.70 4.51
CA ILE A 79 -0.90 5.79 5.64
C ILE A 79 -2.37 5.58 5.99
N ASP A 80 -2.86 4.37 5.77
CA ASP A 80 -4.25 4.05 6.08
C ASP A 80 -4.45 3.83 7.57
N ARG A 81 -4.71 4.91 8.30
CA ARG A 81 -4.91 4.83 9.73
C ARG A 81 -6.34 4.39 10.05
N ASN A 82 -6.47 3.27 10.75
CA ASN A 82 -7.77 2.74 11.12
C ASN A 82 -8.34 3.49 12.33
N ALA A 83 -9.63 3.82 12.27
CA ALA A 83 -10.28 4.53 13.36
C ALA A 83 -9.77 5.96 13.47
N SER A 84 -9.51 6.58 12.32
CA SER A 84 -9.01 7.96 12.29
C SER A 84 -10.01 8.91 12.95
N GLY A 85 -9.55 9.62 13.97
CA GLY A 85 -10.41 10.56 14.67
C GLY A 85 -9.63 11.64 15.39
N PRO A 86 -9.87 12.90 15.02
CA PRO A 86 -9.20 14.05 15.63
C PRO A 86 -9.63 14.29 17.08
N SER A 87 -8.87 13.72 18.00
CA SER A 87 -9.16 13.86 19.43
C SER A 87 -7.89 14.11 20.23
N SER A 88 -8.04 14.79 21.37
CA SER A 88 -6.90 15.10 22.23
C SER A 88 -6.06 13.85 22.48
N GLY A 89 -6.67 12.84 23.06
CA GLY A 89 -5.96 11.59 23.35
C GLY A 89 -4.59 11.84 23.95
N GLY A 1 -1.29 4.46 22.07
CA GLY A 1 -0.50 3.50 21.32
C GLY A 1 -1.35 2.55 20.53
N SER A 2 -1.47 2.79 19.23
CA SER A 2 -2.28 1.93 18.36
C SER A 2 -1.58 0.61 18.11
N SER A 3 -2.34 -0.38 17.63
CA SER A 3 -1.79 -1.70 17.35
C SER A 3 -0.82 -1.65 16.18
N GLY A 4 -0.04 -2.72 16.02
CA GLY A 4 0.93 -2.76 14.93
C GLY A 4 0.29 -3.20 13.62
N SER A 5 1.08 -3.87 12.79
CA SER A 5 0.60 -4.33 11.49
C SER A 5 0.16 -3.16 10.62
N SER A 6 0.88 -2.05 10.73
CA SER A 6 0.56 -0.85 9.96
C SER A 6 0.42 -1.19 8.48
N GLY A 7 -0.70 -0.77 7.88
CA GLY A 7 -0.93 -1.04 6.48
C GLY A 7 -1.31 0.22 5.71
N ILE A 8 -0.59 0.48 4.63
CA ILE A 8 -0.86 1.66 3.80
C ILE A 8 -1.90 1.35 2.73
N PHE A 9 -2.26 2.36 1.95
CA PHE A 9 -3.23 2.21 0.89
C PHE A 9 -2.74 2.87 -0.40
N VAL A 10 -3.07 2.25 -1.54
CA VAL A 10 -2.66 2.77 -2.84
C VAL A 10 -3.86 2.90 -3.78
N ARG A 11 -3.70 3.71 -4.81
CA ARG A 11 -4.77 3.92 -5.78
C ARG A 11 -4.20 4.37 -7.13
N ASN A 12 -5.04 4.35 -8.16
CA ASN A 12 -4.62 4.75 -9.49
C ASN A 12 -3.50 3.86 -10.01
N LEU A 13 -3.58 2.57 -9.69
CA LEU A 13 -2.58 1.61 -10.12
C LEU A 13 -2.96 0.99 -11.46
N PRO A 14 -1.94 0.69 -12.29
CA PRO A 14 -2.14 0.09 -13.61
C PRO A 14 -2.62 -1.36 -13.52
N PHE A 15 -3.47 -1.75 -14.45
CA PHE A 15 -4.00 -3.11 -14.48
C PHE A 15 -2.88 -4.14 -14.42
N ASP A 16 -1.89 -3.97 -15.28
CA ASP A 16 -0.75 -4.88 -15.33
C ASP A 16 -0.19 -5.13 -13.94
N PHE A 17 -0.51 -4.23 -13.02
CA PHE A 17 -0.03 -4.35 -11.63
C PHE A 17 -0.70 -5.52 -10.94
N THR A 18 0.05 -6.61 -10.77
CA THR A 18 -0.46 -7.82 -10.12
C THR A 18 -0.01 -7.88 -8.66
N TRP A 19 -0.81 -8.55 -7.84
CA TRP A 19 -0.50 -8.69 -6.42
C TRP A 19 1.00 -8.86 -6.21
N LYS A 20 1.61 -9.74 -6.99
CA LYS A 20 3.04 -9.99 -6.88
C LYS A 20 3.83 -8.68 -6.90
N MET A 21 3.50 -7.82 -7.85
CA MET A 21 4.17 -6.52 -7.97
C MET A 21 4.04 -5.72 -6.68
N LEU A 22 2.81 -5.38 -6.32
CA LEU A 22 2.55 -4.61 -5.12
C LEU A 22 3.51 -5.01 -4.00
N LYS A 23 3.73 -6.31 -3.85
CA LYS A 23 4.62 -6.82 -2.83
C LYS A 23 6.08 -6.50 -3.16
N ASP A 24 6.60 -7.15 -4.19
CA ASP A 24 7.98 -6.93 -4.61
C ASP A 24 8.25 -5.44 -4.82
N LYS A 25 7.51 -4.83 -5.75
CA LYS A 25 7.66 -3.42 -6.05
C LYS A 25 7.93 -2.62 -4.78
N PHE A 26 7.21 -2.93 -3.72
CA PHE A 26 7.37 -2.25 -2.44
C PHE A 26 8.50 -2.87 -1.63
N ASN A 27 8.74 -4.16 -1.84
CA ASN A 27 9.79 -4.88 -1.13
C ASN A 27 11.09 -4.09 -1.16
N GLU A 28 11.30 -3.32 -2.22
CA GLU A 28 12.51 -2.52 -2.37
C GLU A 28 12.66 -1.55 -1.21
N CYS A 29 11.55 -0.92 -0.83
CA CYS A 29 11.56 0.04 0.27
C CYS A 29 11.88 -0.65 1.60
N GLY A 30 11.19 -1.76 1.85
CA GLY A 30 11.42 -2.49 3.09
C GLY A 30 10.98 -3.94 2.98
N HIS A 31 10.14 -4.37 3.92
CA HIS A 31 9.65 -5.75 3.92
C HIS A 31 8.12 -5.79 3.84
N VAL A 32 7.62 -6.49 2.82
CA VAL A 32 6.18 -6.60 2.63
C VAL A 32 5.62 -7.85 3.32
N LEU A 33 4.58 -7.66 4.13
CA LEU A 33 3.97 -8.76 4.84
C LEU A 33 2.63 -9.14 4.20
N TYR A 34 1.86 -8.14 3.80
CA TYR A 34 0.57 -8.37 3.18
C TYR A 34 0.41 -7.54 1.90
N ALA A 35 -0.24 -8.11 0.91
CA ALA A 35 -0.45 -7.42 -0.37
C ALA A 35 -1.60 -8.06 -1.15
N ASP A 36 -2.65 -7.28 -1.37
CA ASP A 36 -3.81 -7.78 -2.11
C ASP A 36 -4.43 -6.66 -2.94
N ILE A 37 -4.67 -6.94 -4.21
CA ILE A 37 -5.26 -5.97 -5.12
C ILE A 37 -6.78 -5.96 -5.01
N LYS A 38 -7.32 -4.99 -4.28
CA LYS A 38 -8.76 -4.87 -4.10
C LYS A 38 -9.49 -4.96 -5.43
N MET A 39 -10.23 -6.04 -5.63
CA MET A 39 -10.98 -6.24 -6.86
C MET A 39 -12.41 -5.77 -6.72
N GLU A 40 -13.09 -5.57 -7.84
CA GLU A 40 -14.47 -5.10 -7.83
C GLU A 40 -15.22 -5.58 -9.08
N ASN A 41 -16.33 -6.28 -8.86
CA ASN A 41 -17.13 -6.80 -9.98
C ASN A 41 -16.31 -7.75 -10.84
N GLY A 42 -15.34 -8.42 -10.22
CA GLY A 42 -14.50 -9.35 -10.94
C GLY A 42 -13.31 -8.68 -11.59
N LYS A 43 -13.39 -7.36 -11.75
CA LYS A 43 -12.31 -6.59 -12.36
C LYS A 43 -11.62 -5.71 -11.34
N SER A 44 -10.30 -5.56 -11.47
CA SER A 44 -9.53 -4.74 -10.55
C SER A 44 -9.78 -3.26 -10.79
N LYS A 45 -9.59 -2.45 -9.75
CA LYS A 45 -9.80 -1.01 -9.85
C LYS A 45 -8.49 -0.27 -9.64
N GLY A 46 -7.37 -0.98 -9.77
CA GLY A 46 -6.07 -0.36 -9.58
C GLY A 46 -5.90 0.24 -8.20
N CYS A 47 -6.23 -0.54 -7.17
CA CYS A 47 -6.11 -0.08 -5.79
C CYS A 47 -5.99 -1.25 -4.83
N GLY A 48 -5.11 -1.11 -3.84
CA GLY A 48 -4.90 -2.17 -2.88
C GLY A 48 -4.29 -1.66 -1.59
N VAL A 49 -3.64 -2.56 -0.84
CA VAL A 49 -3.01 -2.19 0.42
C VAL A 49 -1.68 -2.92 0.60
N VAL A 50 -0.87 -2.42 1.52
CA VAL A 50 0.43 -3.03 1.79
C VAL A 50 0.85 -2.81 3.24
N LYS A 51 1.33 -3.88 3.87
CA LYS A 51 1.77 -3.82 5.27
C LYS A 51 3.26 -4.05 5.38
N PHE A 52 3.84 -3.61 6.50
CA PHE A 52 5.27 -3.76 6.73
C PHE A 52 5.54 -4.28 8.14
N GLU A 53 6.78 -4.64 8.41
CA GLU A 53 7.17 -5.16 9.71
C GLU A 53 7.11 -4.06 10.76
N SER A 54 7.65 -2.88 10.43
CA SER A 54 7.65 -1.75 11.34
C SER A 54 6.77 -0.62 10.82
N PRO A 55 6.35 0.26 11.73
CA PRO A 55 5.49 1.41 11.38
C PRO A 55 6.23 2.45 10.56
N GLU A 56 7.49 2.68 10.90
CA GLU A 56 8.31 3.66 10.20
C GLU A 56 8.42 3.31 8.71
N VAL A 57 8.56 2.02 8.43
CA VAL A 57 8.68 1.55 7.05
C VAL A 57 7.37 1.75 6.29
N ALA A 58 6.26 1.64 7.00
CA ALA A 58 4.94 1.80 6.40
C ALA A 58 4.79 3.20 5.79
N GLU A 59 5.01 4.22 6.61
CA GLU A 59 4.89 5.60 6.15
C GLU A 59 6.05 5.96 5.23
N ARG A 60 7.17 5.26 5.38
CA ARG A 60 8.35 5.52 4.55
C ARG A 60 8.03 5.30 3.08
N ALA A 61 7.29 4.24 2.79
CA ALA A 61 6.91 3.92 1.41
C ALA A 61 5.91 4.93 0.88
N CYS A 62 5.17 5.56 1.77
CA CYS A 62 4.17 6.55 1.39
C CYS A 62 4.83 7.82 0.85
N ARG A 63 6.09 8.03 1.23
CA ARG A 63 6.84 9.19 0.80
C ARG A 63 7.64 8.90 -0.46
N MET A 64 8.19 7.69 -0.53
CA MET A 64 8.98 7.28 -1.69
C MET A 64 8.08 6.88 -2.84
N MET A 65 7.11 6.01 -2.56
CA MET A 65 6.17 5.56 -3.59
C MET A 65 5.28 6.70 -4.07
N ASN A 66 4.39 7.15 -3.19
CA ASN A 66 3.48 8.24 -3.51
C ASN A 66 4.15 9.26 -4.42
N GLY A 67 3.92 9.13 -5.73
CA GLY A 67 4.52 10.04 -6.69
C GLY A 67 5.25 9.32 -7.80
N MET A 68 5.16 8.00 -7.81
CA MET A 68 5.82 7.19 -8.83
C MET A 68 4.83 6.76 -9.91
N LYS A 69 5.06 7.23 -11.13
CA LYS A 69 4.19 6.89 -12.26
C LYS A 69 4.54 5.52 -12.82
N LEU A 70 3.69 4.53 -12.52
CA LEU A 70 3.90 3.17 -13.00
C LEU A 70 3.40 3.02 -14.44
N SER A 71 4.33 2.86 -15.36
CA SER A 71 3.99 2.71 -16.78
C SER A 71 3.21 3.91 -17.28
N GLY A 72 3.44 5.06 -16.65
CA GLY A 72 2.75 6.27 -17.06
C GLY A 72 1.48 6.51 -16.27
N ARG A 73 1.37 5.86 -15.11
CA ARG A 73 0.18 6.00 -14.28
C ARG A 73 0.56 6.50 -12.88
N GLU A 74 0.08 7.69 -12.54
CA GLU A 74 0.36 8.28 -11.24
C GLU A 74 -0.43 7.57 -10.13
N ILE A 75 0.19 7.44 -8.97
CA ILE A 75 -0.45 6.80 -7.84
C ILE A 75 -0.31 7.62 -6.56
N ASP A 76 -1.23 7.45 -5.63
CA ASP A 76 -1.20 8.18 -4.37
C ASP A 76 -1.11 7.22 -3.19
N VAL A 77 0.09 7.11 -2.62
CA VAL A 77 0.31 6.23 -1.48
C VAL A 77 0.28 7.01 -0.17
N ARG A 78 -0.52 6.54 0.77
CA ARG A 78 -0.65 7.20 2.07
C ARG A 78 -0.91 6.18 3.17
N ILE A 79 -0.68 6.58 4.42
CA ILE A 79 -0.90 5.69 5.56
C ILE A 79 -2.39 5.47 5.81
N ASP A 80 -2.76 4.21 6.01
CA ASP A 80 -4.15 3.86 6.26
C ASP A 80 -4.35 3.43 7.71
N ARG A 81 -3.27 2.98 8.34
CA ARG A 81 -3.32 2.53 9.72
C ARG A 81 -4.31 1.38 9.89
N ASN A 82 -4.50 0.62 8.82
CA ASN A 82 -5.43 -0.51 8.84
C ASN A 82 -4.74 -1.77 9.35
N ALA A 83 -5.01 -2.13 10.60
CA ALA A 83 -4.41 -3.31 11.20
C ALA A 83 -5.38 -4.49 11.17
N SER A 84 -4.82 -5.70 11.06
CA SER A 84 -5.64 -6.91 11.01
C SER A 84 -5.98 -7.39 12.41
N GLY A 85 -6.56 -6.50 13.21
CA GLY A 85 -6.92 -6.86 14.57
C GLY A 85 -7.98 -5.94 15.15
N PRO A 86 -9.25 -6.36 15.05
CA PRO A 86 -10.39 -5.58 15.55
C PRO A 86 -10.42 -5.53 17.08
N SER A 87 -10.23 -6.69 17.70
CA SER A 87 -10.25 -6.79 19.16
C SER A 87 -8.83 -6.82 19.72
N SER A 88 -8.58 -6.01 20.74
CA SER A 88 -7.27 -5.94 21.36
C SER A 88 -7.17 -6.92 22.53
N GLY A 89 -5.93 -7.20 22.95
CA GLY A 89 -5.72 -8.12 24.05
C GLY A 89 -4.29 -8.10 24.54
N GLY A 1 2.54 -5.84 18.80
CA GLY A 1 3.39 -5.00 19.61
C GLY A 1 2.72 -3.68 19.98
N SER A 2 3.51 -2.75 20.49
CA SER A 2 2.99 -1.44 20.89
C SER A 2 2.70 -0.58 19.67
N SER A 3 3.38 -0.88 18.57
CA SER A 3 3.20 -0.13 17.33
C SER A 3 1.90 -0.52 16.63
N GLY A 4 1.68 -1.82 16.50
CA GLY A 4 0.47 -2.31 15.86
C GLY A 4 0.67 -2.60 14.40
N SER A 5 -0.34 -3.18 13.76
CA SER A 5 -0.27 -3.52 12.34
C SER A 5 -0.54 -2.29 11.48
N SER A 6 0.52 -1.73 10.89
CA SER A 6 0.39 -0.56 10.04
C SER A 6 0.36 -0.96 8.56
N GLY A 7 -0.76 -0.65 7.91
CA GLY A 7 -0.90 -0.98 6.50
C GLY A 7 -1.26 0.23 5.65
N ILE A 8 -0.47 0.48 4.63
CA ILE A 8 -0.71 1.62 3.74
C ILE A 8 -1.73 1.27 2.66
N PHE A 9 -2.07 2.25 1.84
CA PHE A 9 -3.03 2.04 0.76
C PHE A 9 -2.58 2.72 -0.52
N VAL A 10 -2.93 2.13 -1.66
CA VAL A 10 -2.56 2.68 -2.96
C VAL A 10 -3.77 2.80 -3.87
N ARG A 11 -3.73 3.79 -4.77
CA ARG A 11 -4.83 4.01 -5.70
C ARG A 11 -4.30 4.46 -7.06
N ASN A 12 -5.10 4.27 -8.09
CA ASN A 12 -4.72 4.66 -9.44
C ASN A 12 -3.61 3.76 -9.97
N LEU A 13 -3.76 2.46 -9.75
CA LEU A 13 -2.76 1.49 -10.21
C LEU A 13 -3.14 0.93 -11.58
N PRO A 14 -2.11 0.69 -12.41
CA PRO A 14 -2.30 0.15 -13.76
C PRO A 14 -2.76 -1.31 -13.74
N PHE A 15 -3.85 -1.59 -14.45
CA PHE A 15 -4.39 -2.94 -14.53
C PHE A 15 -3.28 -3.98 -14.47
N ASP A 16 -2.39 -3.94 -15.47
CA ASP A 16 -1.28 -4.88 -15.53
C ASP A 16 -0.76 -5.20 -14.15
N PHE A 17 -0.61 -4.17 -13.32
CA PHE A 17 -0.11 -4.35 -11.96
C PHE A 17 -0.74 -5.58 -11.30
N THR A 18 0.10 -6.45 -10.77
CA THR A 18 -0.38 -7.68 -10.12
C THR A 18 0.12 -7.75 -8.68
N TRP A 19 -0.64 -8.45 -7.84
CA TRP A 19 -0.27 -8.61 -6.44
C TRP A 19 1.24 -8.78 -6.29
N LYS A 20 1.82 -9.63 -7.13
CA LYS A 20 3.25 -9.89 -7.10
C LYS A 20 4.04 -8.59 -7.03
N MET A 21 3.64 -7.62 -7.85
CA MET A 21 4.31 -6.32 -7.88
C MET A 21 4.11 -5.58 -6.57
N LEU A 22 2.86 -5.29 -6.25
CA LEU A 22 2.54 -4.57 -5.02
C LEU A 22 3.45 -5.01 -3.88
N LYS A 23 3.78 -6.29 -3.85
CA LYS A 23 4.65 -6.84 -2.81
C LYS A 23 6.11 -6.62 -3.16
N ASP A 24 6.53 -7.21 -4.28
CA ASP A 24 7.91 -7.08 -4.74
C ASP A 24 8.30 -5.60 -4.90
N LYS A 25 7.62 -4.92 -5.81
CA LYS A 25 7.89 -3.51 -6.07
C LYS A 25 8.12 -2.76 -4.76
N PHE A 26 7.21 -2.94 -3.81
CA PHE A 26 7.31 -2.27 -2.52
C PHE A 26 8.45 -2.86 -1.70
N ASN A 27 8.72 -4.15 -1.90
CA ASN A 27 9.78 -4.84 -1.18
C ASN A 27 11.03 -3.97 -1.08
N GLU A 28 11.17 -3.03 -2.02
CA GLU A 28 12.31 -2.13 -2.03
C GLU A 28 12.40 -1.34 -0.74
N CYS A 29 11.29 -0.71 -0.35
CA CYS A 29 11.24 0.09 0.86
C CYS A 29 11.53 -0.77 2.09
N GLY A 30 10.85 -1.91 2.18
CA GLY A 30 11.05 -2.81 3.30
C GLY A 30 10.49 -4.21 3.04
N HIS A 31 10.41 -5.01 4.10
CA HIS A 31 9.90 -6.37 3.97
C HIS A 31 8.38 -6.38 4.00
N VAL A 32 7.77 -6.71 2.87
CA VAL A 32 6.32 -6.75 2.77
C VAL A 32 5.75 -8.02 3.41
N LEU A 33 4.76 -7.86 4.26
CA LEU A 33 4.13 -8.99 4.94
C LEU A 33 2.83 -9.39 4.25
N TYR A 34 2.07 -8.39 3.81
CA TYR A 34 0.80 -8.64 3.13
C TYR A 34 0.62 -7.69 1.96
N ALA A 35 0.15 -8.23 0.83
CA ALA A 35 -0.07 -7.43 -0.37
C ALA A 35 -1.28 -7.93 -1.15
N ASP A 36 -2.17 -7.01 -1.50
CA ASP A 36 -3.37 -7.37 -2.25
C ASP A 36 -3.84 -6.20 -3.10
N ILE A 37 -4.59 -6.51 -4.16
CA ILE A 37 -5.10 -5.47 -5.05
C ILE A 37 -6.63 -5.43 -5.03
N LYS A 38 -7.17 -4.53 -4.22
CA LYS A 38 -8.62 -4.38 -4.10
C LYS A 38 -9.28 -4.43 -5.49
N MET A 39 -10.18 -5.39 -5.66
CA MET A 39 -10.89 -5.53 -6.93
C MET A 39 -12.33 -5.02 -6.82
N GLU A 40 -13.09 -5.18 -7.90
CA GLU A 40 -14.48 -4.73 -7.92
C GLU A 40 -15.16 -5.14 -9.23
N ASN A 41 -16.21 -5.93 -9.11
CA ASN A 41 -16.95 -6.40 -10.28
C ASN A 41 -16.10 -7.33 -11.13
N GLY A 42 -15.17 -8.03 -10.48
CA GLY A 42 -14.30 -8.95 -11.20
C GLY A 42 -13.07 -8.26 -11.77
N LYS A 43 -13.15 -6.94 -11.93
CA LYS A 43 -12.05 -6.16 -12.47
C LYS A 43 -11.31 -5.42 -11.36
N SER A 44 -10.12 -4.92 -11.67
CA SER A 44 -9.32 -4.19 -10.70
C SER A 44 -9.58 -2.69 -10.81
N LYS A 45 -9.68 -2.03 -9.65
CA LYS A 45 -9.91 -0.59 -9.61
C LYS A 45 -8.63 0.17 -9.33
N GLY A 46 -7.50 -0.43 -9.69
CA GLY A 46 -6.21 0.20 -9.47
C GLY A 46 -6.03 0.65 -8.03
N CYS A 47 -6.21 -0.26 -7.10
CA CYS A 47 -6.07 0.06 -5.68
C CYS A 47 -5.72 -1.20 -4.87
N GLY A 48 -4.83 -1.04 -3.91
CA GLY A 48 -4.42 -2.16 -3.08
C GLY A 48 -3.89 -1.73 -1.73
N VAL A 49 -3.24 -2.65 -1.03
CA VAL A 49 -2.68 -2.35 0.30
C VAL A 49 -1.37 -3.09 0.51
N VAL A 50 -0.62 -2.67 1.52
CA VAL A 50 0.66 -3.29 1.83
C VAL A 50 1.04 -3.05 3.29
N LYS A 51 1.26 -4.12 4.04
CA LYS A 51 1.63 -4.03 5.44
C LYS A 51 3.15 -4.08 5.60
N PHE A 52 3.63 -3.69 6.78
CA PHE A 52 5.05 -3.70 7.06
C PHE A 52 5.32 -4.11 8.50
N GLU A 53 6.55 -4.54 8.77
CA GLU A 53 6.93 -4.97 10.10
C GLU A 53 6.94 -3.80 11.08
N SER A 54 7.55 -2.70 10.66
CA SER A 54 7.63 -1.50 11.49
C SER A 54 6.73 -0.40 10.94
N PRO A 55 6.32 0.52 11.82
CA PRO A 55 5.45 1.65 11.45
C PRO A 55 6.17 2.67 10.58
N GLU A 56 7.48 2.81 10.80
CA GLU A 56 8.27 3.75 10.03
C GLU A 56 8.29 3.37 8.54
N VAL A 57 8.50 2.09 8.27
CA VAL A 57 8.53 1.61 6.90
C VAL A 57 7.22 1.88 6.18
N ALA A 58 6.12 1.76 6.91
CA ALA A 58 4.79 2.01 6.34
C ALA A 58 4.67 3.44 5.84
N GLU A 59 4.96 4.39 6.72
CA GLU A 59 4.88 5.81 6.38
C GLU A 59 5.97 6.19 5.39
N ARG A 60 7.07 5.45 5.41
CA ARG A 60 8.19 5.71 4.51
C ARG A 60 7.82 5.37 3.07
N ALA A 61 7.10 4.27 2.89
CA ALA A 61 6.68 3.83 1.56
C ALA A 61 5.74 4.86 0.92
N CYS A 62 4.96 5.54 1.76
CA CYS A 62 4.01 6.53 1.28
C CYS A 62 4.74 7.73 0.69
N ARG A 63 6.00 7.91 1.09
CA ARG A 63 6.80 9.03 0.60
C ARG A 63 7.62 8.62 -0.63
N MET A 64 8.16 7.40 -0.60
CA MET A 64 8.95 6.89 -1.70
C MET A 64 8.06 6.44 -2.85
N MET A 65 7.09 5.59 -2.55
CA MET A 65 6.17 5.08 -3.55
C MET A 65 5.35 6.23 -4.15
N ASN A 66 4.54 6.87 -3.32
CA ASN A 66 3.71 7.97 -3.77
C ASN A 66 4.49 8.92 -4.68
N GLY A 67 4.01 9.09 -5.90
CA GLY A 67 4.68 9.96 -6.85
C GLY A 67 5.36 9.19 -7.96
N MET A 68 5.20 7.87 -7.96
CA MET A 68 5.81 7.03 -8.99
C MET A 68 4.79 6.68 -10.07
N LYS A 69 5.05 7.16 -11.28
CA LYS A 69 4.16 6.89 -12.41
C LYS A 69 4.42 5.50 -12.99
N LEU A 70 3.55 4.55 -12.65
CA LEU A 70 3.69 3.18 -13.13
C LEU A 70 3.21 3.07 -14.57
N SER A 71 4.14 2.97 -15.50
CA SER A 71 3.82 2.86 -16.92
C SER A 71 3.00 4.07 -17.38
N GLY A 72 3.19 5.20 -16.71
CA GLY A 72 2.47 6.41 -17.06
C GLY A 72 1.24 6.63 -16.20
N ARG A 73 1.16 5.90 -15.09
CA ARG A 73 0.03 6.02 -14.18
C ARG A 73 0.47 6.51 -12.80
N GLU A 74 0.00 7.69 -12.43
CA GLU A 74 0.36 8.27 -11.14
C GLU A 74 -0.46 7.64 -10.01
N ILE A 75 0.20 7.39 -8.88
CA ILE A 75 -0.47 6.78 -7.73
C ILE A 75 -0.24 7.61 -6.47
N ASP A 76 -1.17 7.51 -5.54
CA ASP A 76 -1.09 8.26 -4.28
C ASP A 76 -1.02 7.31 -3.08
N VAL A 77 0.20 7.06 -2.60
CA VAL A 77 0.41 6.17 -1.47
C VAL A 77 0.37 6.95 -0.15
N ARG A 78 -0.51 6.52 0.75
CA ARG A 78 -0.64 7.17 2.05
C ARG A 78 -0.87 6.13 3.15
N ILE A 79 -0.64 6.55 4.39
CA ILE A 79 -0.82 5.66 5.54
C ILE A 79 -2.30 5.44 5.83
N ASP A 80 -2.73 4.18 5.79
CA ASP A 80 -4.12 3.84 6.06
C ASP A 80 -4.32 3.47 7.53
N ARG A 81 -3.86 4.35 8.41
CA ARG A 81 -3.99 4.11 9.84
C ARG A 81 -5.41 3.68 10.20
N ASN A 82 -5.51 2.73 11.14
CA ASN A 82 -6.81 2.22 11.58
C ASN A 82 -6.81 1.93 13.07
N ALA A 83 -7.83 2.43 13.76
CA ALA A 83 -7.95 2.22 15.20
C ALA A 83 -8.55 0.85 15.51
N SER A 84 -7.70 -0.12 15.79
CA SER A 84 -8.17 -1.48 16.09
C SER A 84 -9.24 -1.45 17.17
N GLY A 85 -9.04 -0.63 18.19
CA GLY A 85 -10.00 -0.53 19.27
C GLY A 85 -9.67 0.57 20.25
N PRO A 86 -10.20 0.47 21.47
CA PRO A 86 -9.95 1.45 22.53
C PRO A 86 -8.52 1.43 23.04
N SER A 87 -7.79 0.37 22.70
CA SER A 87 -6.41 0.23 23.12
C SER A 87 -5.66 1.54 22.99
N SER A 88 -5.41 2.20 24.12
CA SER A 88 -4.70 3.48 24.13
C SER A 88 -4.41 3.93 25.55
N GLY A 89 -3.68 5.03 25.69
CA GLY A 89 -3.35 5.55 26.99
C GLY A 89 -3.00 4.45 27.98
#